data_1HWL
#
_entry.id   1HWL
#
_cell.length_a   74.432
_cell.length_b   172.512
_cell.length_c   79.987
_cell.angle_alpha   90.00
_cell.angle_beta   117.36
_cell.angle_gamma   90.00
#
_symmetry.space_group_name_H-M   'P 1 21 1'
#
loop_
_entity.id
_entity.type
_entity.pdbx_description
1 polymer 'HMG-COA REDUCTASE'
2 non-polymer "ADENOSINE-5'-DIPHOSPHATE"
3 non-polymer '7-[4-(4-FLUORO-PHENYL)-6-ISOPROPYL-2-(METHANESULFONYL-METHYL-AMINO)-PYRIMIDIN-5-YL] -3,5-DIHYDROXY-HEPTANOIC ACID'
4 water water
#
_entity_poly.entity_id   1
_entity_poly.type   'polypeptide(L)'
_entity_poly.pdbx_seq_one_letter_code
;GAMASSVLVTQEPEIELPREPRPNEECLQILGNAEKGAKFLSDAEIIQLVNAKHIPAYKLETLIETHERGVSIRRQLLSK
KLSEPSSLQYLPYRDYNYSLVMGACCENVIGYMPIPVGVAGPLCLDEKEFQVPMATTEGCLVASTNRGCRAIGLGGGASS
RVLADGMTRGPVVRLPRACDSAEVKAWLETSEGFAVIKEAFDSTSRFARLQKLHTSIAGRNLYIRFQSRSGDAMGMNMIS
KGTEKALSKLHEYFPEMQILAVSGNYCTDKKPAAINWIEGRGKSVVCEAVIPAKVVREVLKTTTEAMIEVNINKNLVGSA
MAGSIGGYNAHAANIVTAIYIACGQDAAQNVGSSNCITLMEASGPTNEDLYISCTMPSIEIGTVGGGTNLLPQQACLQML
GVQGACKDNPGENARQLARIVCGTVMAGELSLMAALAAGHLVKSHMIHNRSKINLQDLQGACTKKTA
;
_entity_poly.pdbx_strand_id   A,B,C,D
#
# COMPACT_ATOMS: atom_id res chain seq x y z
N PRO A 21 0.49 -62.19 12.87
CA PRO A 21 0.75 -61.34 11.69
C PRO A 21 1.17 -62.19 10.49
N ARG A 22 0.25 -62.35 9.55
CA ARG A 22 0.50 -63.17 8.36
C ARG A 22 1.54 -62.62 7.40
N PRO A 23 2.19 -63.52 6.64
CA PRO A 23 3.22 -63.20 5.64
C PRO A 23 2.57 -62.36 4.55
N ASN A 24 3.36 -61.48 3.95
CA ASN A 24 2.85 -60.59 2.91
C ASN A 24 2.14 -61.22 1.71
N GLU A 25 2.62 -62.36 1.21
CA GLU A 25 1.97 -62.99 0.05
C GLU A 25 0.55 -63.45 0.38
N GLU A 26 0.36 -63.97 1.59
CA GLU A 26 -0.95 -64.42 2.03
C GLU A 26 -1.87 -63.20 2.10
N CYS A 27 -1.29 -62.07 2.51
CA CYS A 27 -2.03 -60.82 2.62
C CYS A 27 -2.13 -60.10 1.28
N PHE A 40 -10.93 -56.16 6.29
CA PHE A 40 -10.57 -57.35 5.54
C PHE A 40 -9.52 -58.22 6.29
N LEU A 41 -8.44 -57.58 6.75
CA LEU A 41 -7.38 -58.28 7.49
C LEU A 41 -7.09 -57.66 8.86
N SER A 42 -5.82 -57.69 9.26
CA SER A 42 -5.38 -57.14 10.53
C SER A 42 -4.69 -55.81 10.33
N ASP A 43 -4.81 -54.92 11.32
CA ASP A 43 -4.18 -53.60 11.23
C ASP A 43 -2.68 -53.75 11.05
N ALA A 44 -2.05 -54.57 11.90
CA ALA A 44 -0.61 -54.78 11.82
C ALA A 44 -0.22 -55.32 10.46
N GLU A 45 -1.10 -56.11 9.86
CA GLU A 45 -0.85 -56.69 8.55
C GLU A 45 -0.97 -55.66 7.43
N ILE A 46 -1.91 -54.73 7.56
CA ILE A 46 -2.05 -53.69 6.54
C ILE A 46 -0.80 -52.81 6.60
N ILE A 47 -0.37 -52.48 7.82
CA ILE A 47 0.80 -51.65 8.05
C ILE A 47 2.04 -52.30 7.46
N GLN A 48 2.23 -53.59 7.76
CA GLN A 48 3.38 -54.34 7.27
C GLN A 48 3.33 -54.41 5.74
N LEU A 49 2.11 -54.45 5.20
CA LEU A 49 1.89 -54.49 3.76
C LEU A 49 2.28 -53.12 3.18
N VAL A 50 1.75 -52.07 3.79
CA VAL A 50 2.01 -50.68 3.38
C VAL A 50 3.51 -50.40 3.34
N ASN A 51 4.20 -50.73 4.42
CA ASN A 51 5.63 -50.53 4.50
C ASN A 51 6.37 -51.27 3.38
N ALA A 52 6.08 -52.57 3.23
CA ALA A 52 6.74 -53.41 2.22
C ALA A 52 6.52 -53.00 0.76
N LYS A 53 5.27 -52.96 0.30
CA LYS A 53 4.99 -52.59 -1.08
C LYS A 53 5.10 -51.08 -1.26
N HIS A 54 5.54 -50.39 -0.20
CA HIS A 54 5.72 -48.94 -0.18
C HIS A 54 4.52 -48.14 -0.68
N ILE A 55 3.32 -48.54 -0.24
CA ILE A 55 2.09 -47.85 -0.62
C ILE A 55 2.00 -46.54 0.15
N PRO A 56 1.79 -45.43 -0.55
CA PRO A 56 1.68 -44.13 0.12
C PRO A 56 0.45 -44.13 1.01
N ALA A 57 0.57 -43.53 2.19
CA ALA A 57 -0.51 -43.47 3.16
C ALA A 57 -1.85 -42.92 2.62
N TYR A 58 -1.80 -41.88 1.79
CA TYR A 58 -3.03 -41.28 1.25
C TYR A 58 -3.93 -42.17 0.38
N LYS A 59 -3.42 -43.32 -0.03
CA LYS A 59 -4.19 -44.24 -0.87
C LYS A 59 -5.00 -45.25 -0.05
N LEU A 60 -4.97 -45.10 1.27
CA LEU A 60 -5.66 -45.98 2.21
C LEU A 60 -7.18 -45.99 2.10
N GLU A 61 -7.77 -44.88 1.68
CA GLU A 61 -9.22 -44.78 1.56
C GLU A 61 -9.76 -45.76 0.53
N THR A 62 -8.91 -46.08 -0.45
CA THR A 62 -9.25 -47.01 -1.53
C THR A 62 -8.55 -48.35 -1.29
N LEU A 63 -8.63 -48.83 -0.04
CA LEU A 63 -7.99 -50.08 0.33
C LEU A 63 -8.60 -50.63 1.62
N ILE A 64 -9.47 -49.84 2.27
CA ILE A 64 -10.06 -50.26 3.52
C ILE A 64 -11.58 -50.07 3.51
N GLU A 65 -12.29 -50.99 4.16
CA GLU A 65 -13.75 -50.97 4.22
C GLU A 65 -14.31 -49.63 4.66
N THR A 66 -14.17 -49.29 5.94
CA THR A 66 -14.67 -48.02 6.45
C THR A 66 -13.65 -46.89 6.23
N HIS A 67 -14.13 -45.65 6.23
CA HIS A 67 -13.23 -44.51 6.06
C HIS A 67 -12.45 -44.34 7.35
N GLU A 68 -13.15 -44.51 8.46
CA GLU A 68 -12.60 -44.35 9.80
C GLU A 68 -11.37 -45.23 10.07
N ARG A 69 -11.35 -46.43 9.50
CA ARG A 69 -10.20 -47.29 9.71
C ARG A 69 -9.07 -46.79 8.83
N GLY A 70 -9.44 -46.16 7.72
CA GLY A 70 -8.44 -45.61 6.82
C GLY A 70 -7.58 -44.61 7.58
N VAL A 71 -8.24 -43.71 8.32
CA VAL A 71 -7.53 -42.69 9.07
C VAL A 71 -6.85 -43.33 10.27
N SER A 72 -7.53 -44.30 10.89
CA SER A 72 -6.96 -45.00 12.03
C SER A 72 -5.60 -45.58 11.64
N ILE A 73 -5.53 -46.21 10.47
CA ILE A 73 -4.28 -46.78 10.00
C ILE A 73 -3.25 -45.71 9.68
N ARG A 74 -3.67 -44.63 9.02
CA ARG A 74 -2.75 -43.54 8.70
C ARG A 74 -2.17 -42.96 10.01
N ARG A 75 -3.00 -42.85 11.04
CA ARG A 75 -2.55 -42.34 12.33
C ARG A 75 -1.47 -43.24 12.93
N GLN A 76 -1.70 -44.55 12.86
CA GLN A 76 -0.77 -45.54 13.38
C GLN A 76 0.56 -45.46 12.63
N LEU A 77 0.49 -45.35 11.31
CA LEU A 77 1.69 -45.24 10.48
C LEU A 77 2.47 -43.99 10.85
N LEU A 78 1.75 -42.87 10.99
CA LEU A 78 2.33 -41.57 11.33
C LEU A 78 2.98 -41.55 12.71
N SER A 79 2.33 -42.17 13.69
CA SER A 79 2.83 -42.20 15.06
C SER A 79 4.24 -42.76 15.18
N LYS A 80 4.56 -43.74 14.34
CA LYS A 80 5.88 -44.36 14.32
C LYS A 80 6.96 -43.38 13.83
N LYS A 81 6.54 -42.34 13.14
CA LYS A 81 7.49 -41.35 12.60
C LYS A 81 7.67 -40.13 13.48
N LEU A 82 6.95 -40.08 14.60
CA LEU A 82 7.03 -38.93 15.50
C LEU A 82 8.00 -39.09 16.65
N SER A 83 8.68 -38.00 17.01
CA SER A 83 9.62 -38.03 18.12
C SER A 83 8.87 -38.44 19.40
N GLU A 84 7.55 -38.22 19.39
CA GLU A 84 6.70 -38.63 20.50
C GLU A 84 5.49 -39.34 19.90
N PRO A 85 5.58 -40.68 19.78
CA PRO A 85 4.53 -41.54 19.22
C PRO A 85 3.13 -41.38 19.80
N SER A 86 3.02 -40.85 21.01
CA SER A 86 1.71 -40.66 21.61
C SER A 86 1.10 -39.27 21.34
N SER A 87 1.71 -38.51 20.44
CA SER A 87 1.23 -37.16 20.11
C SER A 87 -0.25 -37.05 19.74
N LEU A 88 -0.72 -37.97 18.90
CA LEU A 88 -2.10 -37.97 18.42
C LEU A 88 -3.19 -38.41 19.39
N GLN A 89 -2.79 -38.87 20.57
CA GLN A 89 -3.71 -39.34 21.59
C GLN A 89 -4.96 -38.47 21.77
N TYR A 90 -4.78 -37.16 21.82
CA TYR A 90 -5.91 -36.26 21.99
C TYR A 90 -6.48 -35.62 20.74
N LEU A 91 -6.03 -36.07 19.57
CA LEU A 91 -6.58 -35.55 18.33
C LEU A 91 -7.69 -36.51 17.95
N PRO A 92 -8.95 -36.06 18.05
CA PRO A 92 -10.12 -36.89 17.72
C PRO A 92 -10.20 -37.29 16.24
N TYR A 93 -10.94 -38.36 15.97
CA TYR A 93 -11.09 -38.85 14.61
C TYR A 93 -12.29 -39.77 14.45
N ARG A 94 -12.74 -40.34 15.56
CA ARG A 94 -13.86 -41.26 15.56
C ARG A 94 -15.23 -40.61 15.45
N ASP A 95 -16.15 -41.34 14.82
CA ASP A 95 -17.55 -40.91 14.67
C ASP A 95 -17.72 -39.60 13.89
N TYR A 96 -16.90 -39.41 12.88
CA TYR A 96 -16.99 -38.23 12.05
C TYR A 96 -17.32 -38.67 10.64
N ASN A 97 -18.19 -37.92 9.96
CA ASN A 97 -18.59 -38.25 8.61
C ASN A 97 -17.54 -37.91 7.56
N TYR A 98 -16.58 -38.81 7.35
CA TYR A 98 -15.51 -38.59 6.38
C TYR A 98 -15.93 -38.73 4.93
N SER A 99 -17.11 -39.27 4.69
CA SER A 99 -17.59 -39.46 3.32
C SER A 99 -17.62 -38.16 2.52
N LEU A 100 -18.10 -37.10 3.14
CA LEU A 100 -18.21 -35.79 2.50
C LEU A 100 -16.86 -35.08 2.37
N VAL A 101 -15.95 -35.39 3.28
CA VAL A 101 -14.61 -34.81 3.29
C VAL A 101 -13.68 -35.41 2.24
N MET A 102 -13.68 -36.74 2.17
CA MET A 102 -12.81 -37.45 1.22
C MET A 102 -13.05 -37.10 -0.22
N GLY A 103 -11.96 -36.76 -0.91
CA GLY A 103 -12.03 -36.40 -2.32
C GLY A 103 -12.75 -35.08 -2.58
N ALA A 104 -12.84 -34.23 -1.56
CA ALA A 104 -13.52 -32.96 -1.75
C ALA A 104 -12.98 -31.81 -0.90
N CYS A 105 -12.73 -32.07 0.38
CA CYS A 105 -12.27 -31.01 1.29
C CYS A 105 -10.89 -31.13 1.90
N CYS A 106 -10.36 -32.34 1.97
CA CYS A 106 -9.05 -32.54 2.60
C CYS A 106 -8.43 -33.87 2.18
N GLU A 107 -7.12 -33.99 2.32
CA GLU A 107 -6.42 -35.22 1.96
C GLU A 107 -5.49 -35.62 3.11
N ASN A 108 -5.06 -36.89 3.11
CA ASN A 108 -4.16 -37.39 4.15
C ASN A 108 -4.75 -37.14 5.51
N VAL A 109 -6.04 -37.36 5.63
CA VAL A 109 -6.77 -37.11 6.87
C VAL A 109 -6.37 -37.97 8.05
N ILE A 110 -6.08 -37.31 9.17
CA ILE A 110 -5.69 -37.99 10.39
C ILE A 110 -6.65 -37.66 11.53
N GLY A 111 -7.76 -37.03 11.21
CA GLY A 111 -8.73 -36.65 12.23
C GLY A 111 -9.34 -35.29 11.97
N TYR A 112 -9.85 -34.65 13.03
CA TYR A 112 -10.46 -33.34 12.91
C TYR A 112 -10.09 -32.46 14.10
N MET A 113 -10.13 -31.14 13.88
CA MET A 113 -9.82 -30.17 14.92
C MET A 113 -11.09 -29.47 15.38
N PRO A 114 -11.50 -29.69 16.63
CA PRO A 114 -12.72 -29.05 17.15
C PRO A 114 -12.49 -27.61 17.55
N ILE A 115 -13.26 -26.70 16.98
CA ILE A 115 -13.15 -25.28 17.33
C ILE A 115 -14.43 -24.90 18.08
N PRO A 116 -14.31 -24.37 19.30
CA PRO A 116 -15.50 -23.99 20.05
C PRO A 116 -16.40 -23.03 19.29
N VAL A 117 -17.70 -23.28 19.28
CA VAL A 117 -18.64 -22.39 18.62
C VAL A 117 -19.52 -21.69 19.66
N GLY A 118 -19.49 -20.36 19.66
CA GLY A 118 -20.28 -19.58 20.58
C GLY A 118 -21.34 -18.84 19.80
N VAL A 119 -22.30 -18.20 20.48
CA VAL A 119 -23.34 -17.48 19.78
C VAL A 119 -23.48 -16.05 20.24
N ALA A 120 -23.59 -15.15 19.27
CA ALA A 120 -23.76 -13.74 19.56
C ALA A 120 -25.09 -13.33 18.94
N GLY A 121 -25.91 -12.63 19.73
CA GLY A 121 -27.21 -12.21 19.25
C GLY A 121 -28.23 -11.97 20.34
N PRO A 122 -29.46 -11.60 19.97
CA PRO A 122 -29.86 -11.44 18.58
C PRO A 122 -29.25 -10.20 17.91
N LEU A 123 -28.99 -10.33 16.61
CA LEU A 123 -28.47 -9.23 15.83
C LEU A 123 -29.68 -8.71 15.06
N CYS A 124 -30.11 -7.50 15.41
CA CYS A 124 -31.25 -6.88 14.76
C CYS A 124 -30.76 -6.19 13.50
N LEU A 125 -31.01 -6.83 12.37
CA LEU A 125 -30.55 -6.32 11.09
C LEU A 125 -31.62 -6.36 10.02
N ASP A 126 -31.87 -5.21 9.42
CA ASP A 126 -32.88 -5.08 8.37
C ASP A 126 -34.23 -5.69 8.83
N GLU A 127 -34.62 -5.37 10.06
CA GLU A 127 -35.89 -5.82 10.65
C GLU A 127 -36.01 -7.33 10.86
N LYS A 128 -34.87 -8.00 10.99
CA LYS A 128 -34.84 -9.43 11.26
C LYS A 128 -33.94 -9.61 12.46
N GLU A 129 -33.97 -10.80 13.05
CA GLU A 129 -33.12 -11.08 14.20
C GLU A 129 -32.29 -12.31 13.88
N PHE A 130 -30.98 -12.20 14.08
CA PHE A 130 -30.08 -13.30 13.79
C PHE A 130 -29.31 -13.79 15.00
N GLN A 131 -29.13 -15.09 15.08
CA GLN A 131 -28.36 -15.72 16.15
C GLN A 131 -27.09 -16.13 15.40
N VAL A 132 -26.02 -15.37 15.63
CA VAL A 132 -24.75 -15.57 14.93
C VAL A 132 -23.73 -16.50 15.54
N PRO A 133 -23.42 -17.59 14.84
CA PRO A 133 -22.45 -18.59 15.27
C PRO A 133 -21.02 -18.07 15.04
N MET A 134 -20.15 -18.24 16.03
CA MET A 134 -18.77 -17.78 15.97
C MET A 134 -17.82 -18.84 16.49
N ALA A 135 -16.99 -19.36 15.60
CA ALA A 135 -16.01 -20.39 15.95
C ALA A 135 -14.71 -19.70 16.32
N THR A 136 -14.29 -19.79 17.57
CA THR A 136 -13.08 -19.11 17.99
C THR A 136 -12.44 -19.67 19.25
N THR A 137 -11.19 -19.32 19.48
CA THR A 137 -10.50 -19.73 20.69
C THR A 137 -10.01 -18.50 21.43
N GLU A 138 -10.48 -17.34 21.02
CA GLU A 138 -10.09 -16.09 21.67
C GLU A 138 -11.13 -15.71 22.73
N GLY A 139 -10.70 -15.73 23.99
CA GLY A 139 -11.61 -15.41 25.08
C GLY A 139 -12.15 -14.00 25.04
N CYS A 140 -13.44 -13.89 25.37
CA CYS A 140 -14.15 -12.61 25.43
C CYS A 140 -14.63 -12.06 24.10
N LEU A 141 -14.19 -12.65 23.00
CA LEU A 141 -14.59 -12.18 21.68
C LEU A 141 -16.09 -12.32 21.47
N VAL A 142 -16.63 -13.51 21.76
CA VAL A 142 -18.06 -13.73 21.59
C VAL A 142 -18.84 -12.82 22.54
N ALA A 143 -18.37 -12.72 23.79
CA ALA A 143 -19.02 -11.88 24.80
C ALA A 143 -19.03 -10.43 24.36
N SER A 144 -17.90 -9.95 23.86
CA SER A 144 -17.81 -8.56 23.43
C SER A 144 -18.73 -8.28 22.24
N THR A 145 -18.77 -9.21 21.29
CA THR A 145 -19.62 -9.05 20.12
C THR A 145 -21.10 -9.06 20.51
N ASN A 146 -21.43 -9.90 21.48
CA ASN A 146 -22.80 -10.01 21.99
C ASN A 146 -23.20 -8.67 22.62
N ARG A 147 -22.29 -8.04 23.35
CA ARG A 147 -22.60 -6.74 23.93
C ARG A 147 -22.88 -5.73 22.82
N GLY A 148 -22.10 -5.82 21.74
CA GLY A 148 -22.30 -4.91 20.63
C GLY A 148 -23.68 -5.09 20.04
N CYS A 149 -24.08 -6.35 19.88
CA CYS A 149 -25.41 -6.67 19.34
C CYS A 149 -26.51 -6.07 20.21
N ARG A 150 -26.33 -6.16 21.51
CA ARG A 150 -27.28 -5.64 22.50
C ARG A 150 -27.49 -4.15 22.29
N ALA A 151 -26.39 -3.40 22.20
CA ALA A 151 -26.47 -1.96 22.01
C ALA A 151 -27.21 -1.61 20.73
N ILE A 152 -26.97 -2.40 19.68
CA ILE A 152 -27.64 -2.17 18.41
C ILE A 152 -29.14 -2.42 18.50
N GLY A 153 -29.50 -3.54 19.14
CA GLY A 153 -30.91 -3.89 19.31
C GLY A 153 -31.67 -2.82 20.08
N LEU A 154 -31.05 -2.29 21.14
CA LEU A 154 -31.65 -1.25 21.96
C LEU A 154 -31.72 0.07 21.20
N GLY A 155 -31.02 0.14 20.08
CA GLY A 155 -31.01 1.35 19.28
C GLY A 155 -31.99 1.28 18.12
N GLY A 156 -32.75 0.20 18.04
CA GLY A 156 -33.70 0.09 16.95
C GLY A 156 -33.17 -0.69 15.77
N GLY A 157 -32.07 -1.41 15.95
CA GLY A 157 -31.52 -2.21 14.86
C GLY A 157 -30.62 -1.54 13.83
N ALA A 158 -30.02 -2.36 13.01
CA ALA A 158 -29.10 -1.91 11.97
C ALA A 158 -29.68 -2.16 10.58
N SER A 159 -29.22 -1.37 9.61
CA SER A 159 -29.67 -1.50 8.22
C SER A 159 -28.41 -1.78 7.37
N SER A 160 -28.57 -2.57 6.32
CA SER A 160 -27.45 -2.88 5.46
C SER A 160 -27.90 -3.01 4.02
N ARG A 161 -26.93 -2.81 3.12
CA ARG A 161 -27.18 -2.90 1.68
C ARG A 161 -25.98 -3.55 1.01
N VAL A 162 -26.26 -4.37 0.01
CA VAL A 162 -25.20 -4.99 -0.78
C VAL A 162 -25.05 -4.01 -1.93
N LEU A 163 -23.84 -3.48 -2.11
CA LEU A 163 -23.54 -2.51 -3.16
C LEU A 163 -23.06 -3.09 -4.46
N ALA A 164 -22.42 -4.25 -4.40
CA ALA A 164 -21.88 -4.90 -5.60
C ALA A 164 -21.69 -6.38 -5.30
N ASP A 165 -21.69 -7.19 -6.34
CA ASP A 165 -21.55 -8.63 -6.19
C ASP A 165 -20.83 -9.19 -7.39
N GLY A 166 -19.67 -9.79 -7.15
CA GLY A 166 -18.94 -10.36 -8.25
C GLY A 166 -17.54 -10.84 -7.88
N MET A 167 -17.35 -12.14 -7.95
CA MET A 167 -16.06 -12.78 -7.67
C MET A 167 -15.16 -12.47 -8.89
N THR A 168 -13.84 -12.52 -8.69
CA THR A 168 -12.93 -12.22 -9.78
C THR A 168 -11.77 -13.20 -9.92
N ARG A 169 -11.15 -13.19 -11.09
CA ARG A 169 -9.96 -13.98 -11.39
C ARG A 169 -9.17 -13.05 -12.32
N GLY A 170 -7.88 -12.85 -12.02
CA GLY A 170 -7.07 -11.94 -12.82
C GLY A 170 -5.83 -12.61 -13.43
N PRO A 171 -5.98 -13.33 -14.55
CA PRO A 171 -4.87 -14.01 -15.23
C PRO A 171 -3.91 -13.04 -15.86
N VAL A 172 -2.71 -13.51 -16.14
CA VAL A 172 -1.73 -12.68 -16.82
C VAL A 172 -1.35 -13.37 -18.14
N VAL A 173 -1.44 -12.60 -19.23
CA VAL A 173 -1.06 -13.09 -20.56
C VAL A 173 0.06 -12.21 -21.09
N ARG A 174 0.79 -12.72 -22.08
CA ARG A 174 1.91 -11.97 -22.69
C ARG A 174 1.80 -11.97 -24.20
N LEU A 175 2.15 -10.84 -24.80
CA LEU A 175 2.19 -10.68 -26.24
C LEU A 175 3.67 -10.48 -26.58
N PRO A 176 4.05 -10.59 -27.87
CA PRO A 176 5.46 -10.40 -28.25
C PRO A 176 5.96 -9.00 -27.94
N ARG A 177 5.09 -8.02 -28.10
CA ARG A 177 5.44 -6.62 -27.87
C ARG A 177 4.35 -5.86 -27.13
N ALA A 178 4.75 -4.74 -26.51
CA ALA A 178 3.81 -3.89 -25.78
C ALA A 178 2.77 -3.35 -26.75
N CYS A 179 3.20 -3.08 -27.99
CA CYS A 179 2.29 -2.61 -29.03
C CYS A 179 1.18 -3.62 -29.28
N ASP A 180 1.50 -4.90 -29.15
CA ASP A 180 0.52 -5.97 -29.34
C ASP A 180 -0.41 -6.10 -28.13
N SER A 181 0.14 -6.02 -26.92
CA SER A 181 -0.70 -6.12 -25.74
C SER A 181 -1.68 -4.92 -25.71
N ALA A 182 -1.24 -3.77 -26.19
CA ALA A 182 -2.11 -2.58 -26.25
C ALA A 182 -3.26 -2.85 -27.22
N GLU A 183 -2.94 -3.54 -28.32
CA GLU A 183 -3.95 -3.88 -29.33
C GLU A 183 -5.01 -4.78 -28.71
N VAL A 184 -4.56 -5.75 -27.93
CA VAL A 184 -5.48 -6.68 -27.26
C VAL A 184 -6.36 -5.94 -26.26
N LYS A 185 -5.77 -5.01 -25.52
CA LYS A 185 -6.51 -4.22 -24.52
C LYS A 185 -7.61 -3.43 -25.23
N ALA A 186 -7.25 -2.73 -26.31
CA ALA A 186 -8.24 -1.95 -27.06
C ALA A 186 -9.35 -2.81 -27.64
N TRP A 187 -8.98 -4.00 -28.11
CA TRP A 187 -9.94 -4.93 -28.68
C TRP A 187 -10.91 -5.36 -27.58
N LEU A 188 -10.38 -5.67 -26.40
CA LEU A 188 -11.24 -6.09 -25.29
C LEU A 188 -12.20 -4.99 -24.87
N GLU A 189 -11.85 -3.74 -25.19
CA GLU A 189 -12.67 -2.58 -24.85
C GLU A 189 -13.72 -2.20 -25.90
N THR A 190 -13.66 -2.83 -27.08
CA THR A 190 -14.69 -2.60 -28.10
C THR A 190 -15.91 -3.45 -27.67
N SER A 191 -17.11 -2.98 -27.98
CA SER A 191 -18.33 -3.69 -27.61
C SER A 191 -18.41 -5.07 -28.28
N GLU A 192 -17.85 -5.20 -29.47
CA GLU A 192 -17.86 -6.48 -30.16
C GLU A 192 -16.86 -7.47 -29.56
N GLY A 193 -15.67 -6.99 -29.20
CA GLY A 193 -14.67 -7.86 -28.60
C GLY A 193 -15.16 -8.41 -27.27
N PHE A 194 -15.79 -7.55 -26.48
CA PHE A 194 -16.31 -7.96 -25.19
C PHE A 194 -17.41 -9.00 -25.31
N ALA A 195 -18.37 -8.75 -26.21
CA ALA A 195 -19.49 -9.68 -26.43
C ALA A 195 -18.98 -11.08 -26.76
N VAL A 196 -17.95 -11.14 -27.58
CA VAL A 196 -17.34 -12.40 -27.96
C VAL A 196 -16.78 -13.12 -26.73
N ILE A 197 -16.02 -12.37 -25.92
CA ILE A 197 -15.42 -12.92 -24.71
C ILE A 197 -16.49 -13.33 -23.71
N LYS A 198 -17.48 -12.46 -23.53
CA LYS A 198 -18.58 -12.74 -22.61
C LYS A 198 -19.34 -14.01 -23.03
N GLU A 199 -19.49 -14.21 -24.33
CA GLU A 199 -20.20 -15.38 -24.81
C GLU A 199 -19.45 -16.63 -24.39
N ALA A 200 -18.15 -16.65 -24.64
CA ALA A 200 -17.32 -17.80 -24.29
C ALA A 200 -17.30 -18.05 -22.79
N PHE A 201 -17.21 -16.97 -22.02
CA PHE A 201 -17.18 -17.06 -20.57
C PHE A 201 -18.50 -17.62 -20.03
N ASP A 202 -19.59 -17.00 -20.46
CA ASP A 202 -20.93 -17.38 -20.01
C ASP A 202 -21.38 -18.78 -20.41
N SER A 203 -20.76 -19.36 -21.43
CA SER A 203 -21.14 -20.70 -21.91
C SER A 203 -20.72 -21.84 -20.99
N THR A 204 -19.99 -21.51 -19.93
CA THR A 204 -19.47 -22.51 -18.99
C THR A 204 -20.40 -22.90 -17.84
N SER A 205 -21.37 -22.05 -17.50
CA SER A 205 -22.29 -22.31 -16.40
C SER A 205 -23.52 -21.40 -16.43
N ARG A 206 -24.57 -21.83 -15.73
CA ARG A 206 -25.82 -21.09 -15.64
C ARG A 206 -25.64 -19.72 -15.01
N PHE A 207 -24.89 -19.67 -13.92
CA PHE A 207 -24.67 -18.41 -13.20
C PHE A 207 -23.50 -17.54 -13.68
N ALA A 208 -22.72 -18.05 -14.63
CA ALA A 208 -21.58 -17.31 -15.17
C ALA A 208 -22.03 -16.16 -16.06
N ARG A 209 -22.07 -14.94 -15.54
CA ARG A 209 -22.47 -13.78 -16.31
C ARG A 209 -21.42 -12.66 -16.23
N LEU A 210 -20.49 -12.68 -17.19
CA LEU A 210 -19.42 -11.71 -17.24
C LEU A 210 -19.94 -10.30 -17.13
N GLN A 211 -19.57 -9.63 -16.05
CA GLN A 211 -20.02 -8.26 -15.79
C GLN A 211 -19.24 -7.23 -16.52
N LYS A 212 -17.94 -7.29 -16.32
CA LYS A 212 -17.06 -6.32 -16.91
C LYS A 212 -15.65 -6.84 -16.86
N LEU A 213 -14.80 -6.06 -17.52
CA LEU A 213 -13.40 -6.38 -17.64
C LEU A 213 -12.55 -5.18 -17.29
N HIS A 214 -11.63 -5.37 -16.36
CA HIS A 214 -10.72 -4.28 -16.06
C HIS A 214 -9.35 -4.81 -16.52
N THR A 215 -8.70 -4.10 -17.40
CA THR A 215 -7.40 -4.58 -17.89
C THR A 215 -6.31 -3.62 -17.51
N SER A 216 -5.12 -4.17 -17.36
CA SER A 216 -3.97 -3.36 -17.02
C SER A 216 -2.73 -3.90 -17.74
N ILE A 217 -1.98 -3.00 -18.33
CA ILE A 217 -0.77 -3.34 -19.07
C ILE A 217 0.52 -3.05 -18.30
N ALA A 218 1.48 -3.96 -18.40
CA ALA A 218 2.81 -3.77 -17.84
C ALA A 218 3.74 -4.22 -18.99
N GLY A 219 4.03 -3.30 -19.90
CA GLY A 219 4.86 -3.63 -21.05
C GLY A 219 4.10 -4.59 -21.95
N ARG A 220 4.70 -5.74 -22.23
CA ARG A 220 4.06 -6.73 -23.08
C ARG A 220 3.13 -7.65 -22.30
N ASN A 221 3.08 -7.51 -20.97
CA ASN A 221 2.16 -8.30 -20.15
C ASN A 221 0.79 -7.62 -20.15
N LEU A 222 -0.27 -8.41 -20.05
CA LEU A 222 -1.61 -7.87 -19.97
C LEU A 222 -2.33 -8.64 -18.87
N TYR A 223 -2.81 -7.91 -17.87
CA TYR A 223 -3.53 -8.49 -16.73
C TYR A 223 -5.01 -8.20 -17.01
N ILE A 224 -5.83 -9.23 -16.92
CA ILE A 224 -7.25 -9.09 -17.21
C ILE A 224 -8.03 -9.56 -16.02
N ARG A 225 -8.82 -8.65 -15.47
CA ARG A 225 -9.62 -8.98 -14.30
C ARG A 225 -11.04 -9.31 -14.76
N PHE A 226 -11.40 -10.58 -14.69
CA PHE A 226 -12.75 -11.06 -15.05
C PHE A 226 -13.60 -10.98 -13.79
N GLN A 227 -14.81 -10.46 -13.91
CA GLN A 227 -15.70 -10.36 -12.74
C GLN A 227 -17.09 -10.88 -13.10
N SER A 228 -17.63 -11.74 -12.24
CA SER A 228 -18.92 -12.31 -12.50
C SER A 228 -19.61 -12.79 -11.24
N ARG A 229 -20.93 -12.77 -11.25
CA ARG A 229 -21.69 -13.27 -10.12
C ARG A 229 -21.59 -14.78 -10.24
N SER A 230 -22.03 -15.48 -9.21
CA SER A 230 -21.89 -16.93 -9.19
C SER A 230 -22.96 -17.60 -8.34
N GLY A 231 -24.19 -17.09 -8.42
CA GLY A 231 -25.26 -17.66 -7.62
C GLY A 231 -24.91 -17.55 -6.15
N ASP A 232 -25.13 -18.62 -5.40
CA ASP A 232 -24.82 -18.62 -3.98
C ASP A 232 -23.43 -19.15 -3.64
N ALA A 233 -22.64 -19.50 -4.66
CA ALA A 233 -21.30 -20.04 -4.44
C ALA A 233 -20.29 -18.91 -4.35
N MET A 234 -19.22 -19.14 -3.60
CA MET A 234 -18.15 -18.14 -3.45
C MET A 234 -17.70 -17.89 -4.88
N GLY A 235 -17.66 -18.96 -5.65
CA GLY A 235 -17.36 -18.83 -7.06
C GLY A 235 -15.98 -18.89 -7.68
N MET A 236 -14.95 -19.14 -6.89
CA MET A 236 -13.61 -19.20 -7.47
C MET A 236 -13.47 -20.23 -8.60
N ASN A 237 -13.93 -21.46 -8.36
CA ASN A 237 -13.84 -22.52 -9.37
C ASN A 237 -14.62 -22.16 -10.63
N MET A 238 -15.85 -21.70 -10.45
CA MET A 238 -16.68 -21.32 -11.56
C MET A 238 -16.06 -20.19 -12.39
N ILE A 239 -15.54 -19.16 -11.73
CA ILE A 239 -14.94 -18.03 -12.43
C ILE A 239 -13.68 -18.48 -13.16
N SER A 240 -12.96 -19.41 -12.57
CA SER A 240 -11.74 -19.92 -13.18
C SER A 240 -12.07 -20.67 -14.48
N LYS A 241 -13.08 -21.54 -14.43
CA LYS A 241 -13.52 -22.28 -15.62
C LYS A 241 -13.89 -21.28 -16.71
N GLY A 242 -14.70 -20.28 -16.34
CA GLY A 242 -15.08 -19.27 -17.30
C GLY A 242 -13.89 -18.52 -17.90
N THR A 243 -12.91 -18.22 -17.05
CA THR A 243 -11.73 -17.49 -17.48
C THR A 243 -10.90 -18.30 -18.47
N GLU A 244 -10.72 -19.58 -18.18
CA GLU A 244 -9.94 -20.46 -19.08
C GLU A 244 -10.57 -20.51 -20.46
N LYS A 245 -11.88 -20.68 -20.53
CA LYS A 245 -12.55 -20.74 -21.83
C LYS A 245 -12.49 -19.39 -22.55
N ALA A 246 -12.64 -18.31 -21.80
CA ALA A 246 -12.60 -16.99 -22.41
C ALA A 246 -11.20 -16.72 -22.97
N LEU A 247 -10.18 -17.20 -22.26
CA LEU A 247 -8.82 -16.99 -22.72
C LEU A 247 -8.57 -17.81 -23.99
N SER A 248 -9.21 -18.98 -24.11
CA SER A 248 -9.09 -19.80 -25.33
C SER A 248 -9.63 -19.00 -26.49
N LYS A 249 -10.82 -18.45 -26.31
CA LYS A 249 -11.45 -17.67 -27.35
C LYS A 249 -10.59 -16.48 -27.76
N LEU A 250 -10.02 -15.81 -26.76
CA LEU A 250 -9.18 -14.66 -27.03
C LEU A 250 -7.99 -15.13 -27.85
N HIS A 251 -7.48 -16.31 -27.54
CA HIS A 251 -6.33 -16.86 -28.24
C HIS A 251 -6.58 -17.08 -29.75
N GLU A 252 -7.84 -17.35 -30.11
CA GLU A 252 -8.19 -17.54 -31.51
C GLU A 252 -8.02 -16.22 -32.25
N TYR A 253 -8.32 -15.11 -31.59
CA TYR A 253 -8.18 -13.80 -32.20
C TYR A 253 -6.74 -13.29 -32.19
N PHE A 254 -5.96 -13.75 -31.21
CA PHE A 254 -4.57 -13.35 -31.07
C PHE A 254 -3.72 -14.57 -30.79
N PRO A 255 -3.42 -15.34 -31.85
CA PRO A 255 -2.63 -16.57 -31.79
C PRO A 255 -1.25 -16.42 -31.16
N GLU A 256 -0.66 -15.24 -31.24
CA GLU A 256 0.66 -15.00 -30.65
C GLU A 256 0.63 -14.83 -29.11
N MET A 257 -0.57 -14.72 -28.54
CA MET A 257 -0.71 -14.54 -27.09
C MET A 257 -0.38 -15.79 -26.28
N GLN A 258 0.44 -15.61 -25.25
CA GLN A 258 0.82 -16.68 -24.38
C GLN A 258 0.11 -16.52 -23.04
N ILE A 259 -0.56 -17.59 -22.61
CA ILE A 259 -1.24 -17.57 -21.33
C ILE A 259 -0.22 -17.98 -20.28
N LEU A 260 0.32 -16.99 -19.59
CA LEU A 260 1.34 -17.25 -18.59
C LEU A 260 0.81 -17.91 -17.31
N ALA A 261 -0.32 -17.43 -16.81
CA ALA A 261 -0.89 -18.03 -15.62
C ALA A 261 -2.35 -17.61 -15.50
N VAL A 262 -3.22 -18.57 -15.17
CA VAL A 262 -4.65 -18.32 -15.02
C VAL A 262 -4.89 -17.30 -13.89
N SER A 263 -3.91 -17.17 -13.01
CA SER A 263 -3.97 -16.15 -11.96
C SER A 263 -2.63 -15.43 -11.96
N GLY A 264 -2.67 -14.16 -12.34
CA GLY A 264 -1.49 -13.33 -12.35
C GLY A 264 -1.49 -12.40 -11.13
N ASN A 265 -2.21 -12.80 -10.09
CA ASN A 265 -2.33 -12.02 -8.82
C ASN A 265 -3.05 -10.71 -8.97
N TYR A 266 -3.84 -10.60 -10.03
CA TYR A 266 -4.58 -9.40 -10.27
C TYR A 266 -6.02 -9.58 -9.85
N CYS A 267 -6.35 -10.71 -9.23
CA CYS A 267 -7.73 -10.95 -8.82
C CYS A 267 -8.26 -9.95 -7.76
N THR A 268 -7.64 -9.81 -6.58
CA THR A 268 -6.47 -10.56 -6.13
C THR A 268 -7.03 -11.49 -5.05
N ASP A 269 -6.61 -12.76 -5.06
CA ASP A 269 -7.11 -13.73 -4.10
C ASP A 269 -6.11 -14.05 -2.97
N LYS A 270 -6.58 -13.87 -1.72
CA LYS A 270 -5.84 -14.14 -0.51
C LYS A 270 -4.51 -13.41 -0.24
N LYS A 271 -4.33 -12.25 -0.88
CA LYS A 271 -3.15 -11.43 -0.62
C LYS A 271 -3.70 -10.01 -0.49
N PRO A 272 -3.14 -9.20 0.39
CA PRO A 272 -3.67 -7.83 0.49
C PRO A 272 -3.41 -7.08 -0.83
N ALA A 273 -4.39 -6.33 -1.31
CA ALA A 273 -4.20 -5.58 -2.54
C ALA A 273 -5.16 -4.41 -2.61
N ALA A 274 -4.65 -3.27 -3.06
CA ALA A 274 -5.47 -2.08 -3.20
C ALA A 274 -6.60 -2.27 -4.21
N ILE A 275 -6.38 -3.13 -5.21
CA ILE A 275 -7.42 -3.34 -6.22
C ILE A 275 -8.73 -3.88 -5.63
N ASN A 276 -8.66 -4.77 -4.65
CA ASN A 276 -9.88 -5.30 -4.02
C ASN A 276 -10.59 -4.20 -3.20
N TRP A 277 -9.80 -3.35 -2.56
CA TRP A 277 -10.29 -2.23 -1.76
C TRP A 277 -11.03 -1.21 -2.61
N ILE A 278 -10.43 -0.87 -3.75
CA ILE A 278 -10.97 0.12 -4.64
C ILE A 278 -12.05 -0.38 -5.61
N GLU A 279 -11.93 -1.61 -6.10
CA GLU A 279 -12.94 -2.10 -7.05
C GLU A 279 -13.92 -3.09 -6.46
N GLY A 280 -13.62 -3.61 -5.29
CA GLY A 280 -14.46 -4.59 -4.65
C GLY A 280 -14.13 -5.96 -5.21
N ARG A 281 -14.51 -6.99 -4.46
CA ARG A 281 -14.30 -8.37 -4.86
C ARG A 281 -15.32 -9.17 -4.07
N GLY A 282 -16.09 -10.03 -4.74
CA GLY A 282 -17.13 -10.76 -4.04
C GLY A 282 -18.24 -9.76 -3.75
N LYS A 283 -18.67 -9.67 -2.49
CA LYS A 283 -19.71 -8.71 -2.13
C LYS A 283 -19.25 -7.44 -1.43
N SER A 284 -19.71 -6.30 -1.91
CA SER A 284 -19.38 -5.03 -1.25
C SER A 284 -20.63 -4.71 -0.42
N VAL A 285 -20.44 -4.43 0.86
CA VAL A 285 -21.57 -4.21 1.75
C VAL A 285 -21.33 -3.01 2.67
N VAL A 286 -22.41 -2.36 3.04
CA VAL A 286 -22.36 -1.25 3.98
C VAL A 286 -23.46 -1.51 5.02
N CYS A 287 -23.15 -1.20 6.27
CA CYS A 287 -24.07 -1.40 7.37
C CYS A 287 -24.02 -0.12 8.23
N GLU A 288 -25.13 0.17 8.91
CA GLU A 288 -25.22 1.36 9.76
C GLU A 288 -26.24 1.21 10.89
N ALA A 289 -26.08 2.01 11.94
CA ALA A 289 -26.97 2.02 13.09
C ALA A 289 -26.76 3.30 13.89
N VAL A 290 -27.72 3.63 14.73
CA VAL A 290 -27.62 4.81 15.58
C VAL A 290 -27.86 4.32 17.01
N ILE A 291 -26.89 4.58 17.87
CA ILE A 291 -26.99 4.16 19.26
C ILE A 291 -27.37 5.36 20.13
N PRO A 292 -28.55 5.28 20.80
CA PRO A 292 -29.03 6.36 21.68
C PRO A 292 -27.99 6.63 22.75
N ALA A 293 -27.81 7.90 23.09
CA ALA A 293 -26.83 8.32 24.11
C ALA A 293 -26.92 7.49 25.39
N LYS A 294 -28.16 7.21 25.82
CA LYS A 294 -28.42 6.46 27.04
C LYS A 294 -27.82 5.06 26.93
N VAL A 295 -28.01 4.42 25.78
CA VAL A 295 -27.48 3.09 25.54
C VAL A 295 -25.94 3.10 25.52
N VAL A 296 -25.35 4.20 25.03
CA VAL A 296 -23.89 4.29 24.98
C VAL A 296 -23.34 4.36 26.39
N ARG A 297 -24.03 5.09 27.26
CA ARG A 297 -23.61 5.23 28.66
C ARG A 297 -23.82 3.95 29.45
N GLU A 298 -25.01 3.36 29.31
CA GLU A 298 -25.37 2.17 30.07
C GLU A 298 -24.87 0.81 29.62
N VAL A 299 -24.95 0.55 28.32
CA VAL A 299 -24.47 -0.73 27.79
C VAL A 299 -22.98 -0.69 27.46
N LEU A 300 -22.54 0.39 26.82
CA LEU A 300 -21.15 0.53 26.41
C LEU A 300 -20.20 1.22 27.39
N LYS A 301 -20.76 1.77 28.47
CA LYS A 301 -19.97 2.41 29.54
C LYS A 301 -19.07 3.56 29.10
N THR A 302 -19.54 4.38 28.17
CA THR A 302 -18.72 5.48 27.69
C THR A 302 -19.64 6.55 27.12
N THR A 303 -19.07 7.51 26.39
CA THR A 303 -19.85 8.57 25.78
C THR A 303 -19.65 8.57 24.26
N THR A 304 -20.59 9.17 23.56
CA THR A 304 -20.53 9.26 22.12
C THR A 304 -19.28 10.04 21.72
N GLU A 305 -19.01 11.12 22.45
CA GLU A 305 -17.84 11.94 22.20
C GLU A 305 -16.52 11.18 22.31
N ALA A 306 -16.39 10.32 23.32
CA ALA A 306 -15.16 9.58 23.54
C ALA A 306 -14.97 8.54 22.43
N MET A 307 -16.06 7.89 22.03
CA MET A 307 -16.06 6.88 20.96
C MET A 307 -15.58 7.53 19.65
N ILE A 308 -16.15 8.68 19.32
CA ILE A 308 -15.81 9.39 18.12
C ILE A 308 -14.34 9.74 18.07
N GLU A 309 -13.82 10.21 19.20
CA GLU A 309 -12.43 10.61 19.30
C GLU A 309 -11.49 9.40 19.13
N VAL A 310 -11.88 8.26 19.68
CA VAL A 310 -11.07 7.06 19.55
C VAL A 310 -11.12 6.54 18.10
N ASN A 311 -12.31 6.55 17.49
CA ASN A 311 -12.46 6.08 16.12
C ASN A 311 -11.61 6.89 15.13
N ILE A 312 -11.66 8.20 15.24
CA ILE A 312 -10.89 9.04 14.34
C ILE A 312 -9.40 8.83 14.50
N ASN A 313 -8.92 8.85 15.75
CA ASN A 313 -7.49 8.76 16.00
C ASN A 313 -6.85 7.38 15.98
N LYS A 314 -7.68 6.34 15.99
CA LYS A 314 -7.22 4.96 15.93
C LYS A 314 -7.49 4.40 14.53
N ASN A 315 -8.77 4.33 14.17
CA ASN A 315 -9.18 3.75 12.90
C ASN A 315 -8.86 4.56 11.66
N LEU A 316 -8.73 5.88 11.81
CA LEU A 316 -8.39 6.70 10.66
C LEU A 316 -6.93 7.14 10.71
N VAL A 317 -6.58 7.96 11.69
CA VAL A 317 -5.23 8.48 11.81
C VAL A 317 -4.20 7.42 12.11
N GLY A 318 -4.52 6.51 13.04
CA GLY A 318 -3.57 5.46 13.38
C GLY A 318 -3.28 4.54 12.21
N SER A 319 -4.32 4.08 11.54
CA SER A 319 -4.19 3.22 10.38
C SER A 319 -3.41 3.96 9.27
N ALA A 320 -3.63 5.26 9.12
CA ALA A 320 -2.91 6.05 8.13
C ALA A 320 -1.42 6.11 8.48
N MET A 321 -1.10 6.33 9.75
CA MET A 321 0.29 6.39 10.17
C MET A 321 1.00 5.05 9.99
N ALA A 322 0.27 3.95 10.13
CA ALA A 322 0.82 2.62 9.96
C ALA A 322 0.95 2.20 8.48
N GLY A 323 0.47 3.04 7.57
CA GLY A 323 0.52 2.72 6.15
C GLY A 323 -0.43 1.59 5.77
N SER A 324 -1.67 1.67 6.23
CA SER A 324 -2.66 0.64 5.92
C SER A 324 -3.44 0.93 4.66
N ILE A 325 -3.73 -0.11 3.89
CA ILE A 325 -4.59 0.03 2.73
C ILE A 325 -5.74 -0.90 3.13
N GLY A 326 -6.92 -0.33 3.38
CA GLY A 326 -8.07 -1.15 3.76
C GLY A 326 -8.26 -1.58 5.21
N GLY A 327 -7.32 -1.23 6.09
CA GLY A 327 -7.43 -1.64 7.47
C GLY A 327 -7.84 -0.51 8.41
N TYR A 328 -8.90 0.20 8.05
CA TYR A 328 -9.42 1.32 8.84
C TYR A 328 -10.54 0.89 9.80
N ASN A 329 -10.23 -0.09 10.61
CA ASN A 329 -11.19 -0.66 11.54
C ASN A 329 -10.41 -1.17 12.77
N ALA A 330 -11.11 -1.62 13.79
CA ALA A 330 -10.43 -2.08 14.99
C ALA A 330 -10.13 -3.56 14.95
N HIS A 331 -11.13 -4.38 14.66
CA HIS A 331 -10.89 -5.81 14.61
C HIS A 331 -11.88 -6.61 13.78
N ALA A 332 -12.23 -6.09 12.61
CA ALA A 332 -13.15 -6.81 11.70
C ALA A 332 -12.67 -8.24 11.43
N ALA A 333 -11.36 -8.46 11.33
CA ALA A 333 -10.82 -9.81 11.05
C ALA A 333 -11.25 -10.83 12.09
N ASN A 334 -11.39 -10.40 13.34
CA ASN A 334 -11.81 -11.31 14.40
C ASN A 334 -13.18 -11.86 14.14
N ILE A 335 -14.10 -10.99 13.75
CA ILE A 335 -15.48 -11.42 13.48
C ILE A 335 -15.60 -12.21 12.20
N VAL A 336 -14.94 -11.72 11.13
CA VAL A 336 -14.99 -12.42 9.85
C VAL A 336 -14.45 -13.83 10.01
N THR A 337 -13.32 -13.98 10.69
CA THR A 337 -12.70 -15.29 10.87
C THR A 337 -13.59 -16.27 11.65
N ALA A 338 -14.16 -15.79 12.74
CA ALA A 338 -15.00 -16.62 13.59
C ALA A 338 -16.24 -17.12 12.83
N ILE A 339 -16.86 -16.23 12.07
CA ILE A 339 -18.04 -16.63 11.31
C ILE A 339 -17.64 -17.55 10.15
N TYR A 340 -16.52 -17.25 9.50
CA TYR A 340 -16.07 -18.05 8.36
C TYR A 340 -15.81 -19.49 8.77
N ILE A 341 -15.14 -19.68 9.90
CA ILE A 341 -14.83 -21.03 10.35
C ILE A 341 -16.12 -21.77 10.74
N ALA A 342 -17.04 -21.08 11.40
CA ALA A 342 -18.29 -21.69 11.82
C ALA A 342 -19.15 -22.08 10.62
N CYS A 343 -19.13 -21.24 9.59
CA CYS A 343 -19.97 -21.47 8.42
C CYS A 343 -19.34 -22.14 7.20
N GLY A 344 -18.19 -22.77 7.39
CA GLY A 344 -17.55 -23.48 6.28
C GLY A 344 -17.02 -22.63 5.14
N GLN A 345 -16.64 -21.40 5.43
CA GLN A 345 -16.08 -20.50 4.41
C GLN A 345 -14.60 -20.80 4.33
N ASP A 346 -13.95 -20.21 3.36
CA ASP A 346 -12.51 -20.39 3.20
C ASP A 346 -11.89 -19.36 4.14
N ALA A 347 -11.38 -19.81 5.28
CA ALA A 347 -10.80 -18.90 6.25
C ALA A 347 -9.58 -18.10 5.76
N ALA A 348 -8.84 -18.65 4.81
CA ALA A 348 -7.67 -17.94 4.26
C ALA A 348 -8.14 -16.64 3.60
N GLN A 349 -9.41 -16.62 3.22
CA GLN A 349 -9.96 -15.42 2.60
C GLN A 349 -10.23 -14.27 3.56
N ASN A 350 -9.95 -14.44 4.86
CA ASN A 350 -10.13 -13.30 5.76
C ASN A 350 -9.14 -12.20 5.40
N VAL A 351 -8.08 -12.56 4.69
CA VAL A 351 -7.10 -11.57 4.27
C VAL A 351 -7.80 -10.39 3.57
N GLY A 352 -8.52 -10.63 2.49
CA GLY A 352 -9.20 -9.53 1.84
C GLY A 352 -10.64 -9.28 2.34
N SER A 353 -11.29 -10.34 2.83
CA SER A 353 -12.66 -10.20 3.30
C SER A 353 -12.83 -9.25 4.47
N SER A 354 -11.76 -9.11 5.24
CA SER A 354 -11.70 -8.25 6.41
C SER A 354 -11.51 -6.77 6.12
N ASN A 355 -11.27 -6.41 4.87
CA ASN A 355 -11.11 -4.99 4.53
C ASN A 355 -12.36 -4.25 5.08
N CYS A 356 -12.15 -3.13 5.76
CA CYS A 356 -13.27 -2.43 6.35
C CYS A 356 -12.89 -1.06 6.84
N ILE A 357 -13.78 -0.11 6.61
CA ILE A 357 -13.60 1.23 7.15
C ILE A 357 -14.79 1.49 8.10
N THR A 358 -14.46 1.70 9.37
CA THR A 358 -15.45 1.96 10.40
C THR A 358 -15.52 3.46 10.66
N LEU A 359 -16.70 4.05 10.52
CA LEU A 359 -16.88 5.48 10.76
C LEU A 359 -17.90 5.77 11.86
N MET A 360 -17.63 6.81 12.64
CA MET A 360 -18.49 7.20 13.75
C MET A 360 -18.69 8.68 13.79
N GLU A 361 -19.91 9.11 14.12
CA GLU A 361 -20.22 10.52 14.24
C GLU A 361 -21.43 10.84 15.13
N ALA A 362 -21.44 12.08 15.62
CA ALA A 362 -22.51 12.57 16.48
C ALA A 362 -23.81 12.65 15.69
N SER A 363 -24.88 12.17 16.33
CA SER A 363 -26.19 12.18 15.72
C SER A 363 -27.28 12.65 16.72
N GLY A 364 -28.49 12.86 16.22
CA GLY A 364 -29.59 13.27 17.06
C GLY A 364 -29.77 14.76 17.28
N PRO A 365 -30.85 15.16 17.97
CA PRO A 365 -31.19 16.56 18.29
C PRO A 365 -30.15 17.19 19.19
N THR A 366 -29.75 16.45 20.22
CA THR A 366 -28.74 16.93 21.15
C THR A 366 -27.33 16.63 20.64
N ASN A 367 -27.25 15.91 19.52
CA ASN A 367 -25.96 15.53 18.93
C ASN A 367 -25.20 14.67 19.95
N GLU A 368 -25.95 13.84 20.68
CA GLU A 368 -25.35 12.99 21.70
C GLU A 368 -25.49 11.50 21.37
N ASP A 369 -26.24 11.18 20.33
CA ASP A 369 -26.39 9.78 19.94
C ASP A 369 -25.24 9.41 18.98
N LEU A 370 -24.83 8.15 19.02
CA LEU A 370 -23.73 7.66 18.19
C LEU A 370 -24.13 7.02 16.88
N TYR A 371 -23.83 7.69 15.78
CA TYR A 371 -24.08 7.10 14.47
C TYR A 371 -22.82 6.29 14.10
N ILE A 372 -23.02 5.06 13.64
CA ILE A 372 -21.90 4.21 13.25
C ILE A 372 -22.20 3.50 11.93
N SER A 373 -21.14 3.33 11.13
CA SER A 373 -21.23 2.60 9.85
C SER A 373 -19.95 1.80 9.58
N CYS A 374 -20.12 0.66 8.91
CA CYS A 374 -19.01 -0.21 8.53
C CYS A 374 -19.23 -0.50 7.05
N THR A 375 -18.17 -0.29 6.26
CA THR A 375 -18.22 -0.50 4.82
C THR A 375 -17.15 -1.53 4.50
N MET A 376 -17.57 -2.65 3.91
CA MET A 376 -16.71 -3.78 3.59
C MET A 376 -16.88 -4.07 2.10
N PRO A 377 -15.94 -3.58 1.28
CA PRO A 377 -15.97 -3.76 -0.16
C PRO A 377 -15.61 -5.09 -0.75
N SER A 378 -15.09 -6.00 0.05
CA SER A 378 -14.66 -7.27 -0.53
C SER A 378 -14.86 -8.52 0.30
N ILE A 379 -16.11 -8.81 0.63
CA ILE A 379 -16.46 -10.01 1.40
C ILE A 379 -16.61 -11.20 0.41
N GLU A 380 -15.68 -12.16 0.50
CA GLU A 380 -15.68 -13.33 -0.37
C GLU A 380 -16.39 -14.40 0.42
N ILE A 381 -17.58 -14.75 -0.02
CA ILE A 381 -18.42 -15.66 0.73
C ILE A 381 -19.35 -16.50 -0.16
N GLY A 382 -19.83 -17.62 0.39
CA GLY A 382 -20.73 -18.49 -0.33
C GLY A 382 -21.49 -19.39 0.62
N THR A 383 -22.63 -19.92 0.18
CA THR A 383 -23.44 -20.81 1.02
C THR A 383 -23.61 -22.19 0.35
N VAL A 384 -22.91 -22.39 -0.75
CA VAL A 384 -22.93 -23.65 -1.48
C VAL A 384 -21.49 -23.96 -1.86
N GLY A 385 -21.11 -25.24 -1.78
CA GLY A 385 -19.75 -25.65 -2.13
C GLY A 385 -18.71 -25.56 -1.03
N GLY A 386 -17.57 -26.20 -1.28
CA GLY A 386 -16.48 -26.21 -0.32
C GLY A 386 -16.86 -26.77 1.03
N GLY A 387 -16.43 -26.08 2.09
CA GLY A 387 -16.74 -26.52 3.43
C GLY A 387 -18.21 -26.42 3.79
N THR A 388 -18.99 -25.69 2.98
CA THR A 388 -20.40 -25.55 3.26
C THR A 388 -21.14 -26.85 2.92
N ASN A 389 -20.44 -27.78 2.28
CA ASN A 389 -21.04 -29.06 1.94
C ASN A 389 -21.04 -30.01 3.15
N LEU A 390 -20.28 -29.70 4.19
CA LEU A 390 -20.21 -30.54 5.40
C LEU A 390 -21.39 -30.22 6.33
N LEU A 391 -21.89 -31.25 7.01
CA LEU A 391 -23.06 -31.11 7.89
C LEU A 391 -22.94 -30.15 9.09
N PRO A 392 -21.87 -30.25 9.88
CA PRO A 392 -21.75 -29.32 11.02
C PRO A 392 -21.78 -27.85 10.58
N GLN A 393 -21.06 -27.52 9.50
CA GLN A 393 -21.10 -26.14 9.05
C GLN A 393 -22.43 -25.77 8.41
N GLN A 394 -23.12 -26.75 7.81
CA GLN A 394 -24.44 -26.48 7.22
C GLN A 394 -25.39 -26.12 8.36
N ALA A 395 -25.13 -26.69 9.53
CA ALA A 395 -25.94 -26.43 10.71
C ALA A 395 -25.85 -24.97 11.11
N CYS A 396 -24.63 -24.41 11.03
CA CYS A 396 -24.43 -23.01 11.39
C CYS A 396 -25.09 -22.09 10.35
N LEU A 397 -25.04 -22.51 9.09
CA LEU A 397 -25.67 -21.74 8.02
C LEU A 397 -27.22 -21.79 8.18
N GLN A 398 -27.75 -22.94 8.59
CA GLN A 398 -29.20 -23.10 8.79
C GLN A 398 -29.65 -22.20 9.91
N MET A 399 -28.82 -22.09 10.94
CA MET A 399 -29.08 -21.26 12.10
C MET A 399 -29.35 -19.83 11.64
N LEU A 400 -28.70 -19.43 10.53
CA LEU A 400 -28.84 -18.09 9.96
C LEU A 400 -29.88 -18.06 8.85
N GLY A 401 -30.36 -19.23 8.48
CA GLY A 401 -31.37 -19.35 7.43
C GLY A 401 -30.82 -19.11 6.05
N VAL A 402 -29.55 -19.43 5.84
CA VAL A 402 -28.93 -19.20 4.53
C VAL A 402 -28.21 -20.41 3.94
N GLN A 403 -28.50 -21.60 4.46
CA GLN A 403 -27.82 -22.78 3.97
C GLN A 403 -28.20 -23.14 2.52
N GLY A 404 -27.19 -23.47 1.73
CA GLY A 404 -27.41 -23.87 0.35
C GLY A 404 -27.92 -22.81 -0.61
N ALA A 405 -28.33 -23.28 -1.77
CA ALA A 405 -28.83 -22.42 -2.84
C ALA A 405 -30.19 -21.82 -2.54
N CYS A 406 -30.40 -20.60 -3.03
CA CYS A 406 -31.71 -19.95 -2.88
C CYS A 406 -32.42 -20.23 -4.20
N LYS A 407 -33.34 -21.18 -4.13
CA LYS A 407 -34.13 -21.62 -5.29
C LYS A 407 -34.84 -20.47 -6.01
N ASP A 408 -35.63 -19.71 -5.26
CA ASP A 408 -36.40 -18.58 -5.78
C ASP A 408 -35.59 -17.40 -6.29
N ASN A 409 -34.44 -17.17 -5.66
CA ASN A 409 -33.60 -16.03 -6.00
C ASN A 409 -32.10 -16.35 -5.78
N PRO A 410 -31.48 -16.98 -6.78
CA PRO A 410 -30.08 -17.38 -6.79
C PRO A 410 -29.15 -16.27 -6.29
N GLY A 411 -28.30 -16.60 -5.32
CA GLY A 411 -27.37 -15.63 -4.76
C GLY A 411 -27.87 -14.92 -3.51
N GLU A 412 -29.17 -14.97 -3.28
CA GLU A 412 -29.78 -14.29 -2.14
C GLU A 412 -29.28 -14.78 -0.78
N ASN A 413 -28.99 -16.08 -0.68
CA ASN A 413 -28.49 -16.64 0.57
C ASN A 413 -27.07 -16.09 0.84
N ALA A 414 -26.25 -16.03 -0.20
CA ALA A 414 -24.88 -15.54 -0.07
C ALA A 414 -24.90 -14.04 0.24
N ARG A 415 -25.80 -13.30 -0.41
CA ARG A 415 -25.91 -11.87 -0.13
C ARG A 415 -26.37 -11.66 1.31
N GLN A 416 -27.32 -12.47 1.77
CA GLN A 416 -27.81 -12.35 3.15
C GLN A 416 -26.67 -12.63 4.14
N LEU A 417 -25.90 -13.67 3.86
CA LEU A 417 -24.76 -13.99 4.73
C LEU A 417 -23.75 -12.85 4.79
N ALA A 418 -23.47 -12.22 3.65
CA ALA A 418 -22.54 -11.08 3.62
C ALA A 418 -23.06 -9.92 4.50
N ARG A 419 -24.36 -9.65 4.42
CA ARG A 419 -24.96 -8.56 5.23
C ARG A 419 -24.80 -8.89 6.71
N ILE A 420 -25.01 -10.16 7.06
CA ILE A 420 -24.87 -10.63 8.43
C ILE A 420 -23.47 -10.42 8.95
N VAL A 421 -22.49 -10.74 8.10
CA VAL A 421 -21.08 -10.58 8.46
C VAL A 421 -20.78 -9.11 8.72
N CYS A 422 -21.22 -8.23 7.82
CA CYS A 422 -20.98 -6.79 7.97
C CYS A 422 -21.67 -6.24 9.23
N GLY A 423 -22.87 -6.75 9.51
CA GLY A 423 -23.61 -6.32 10.70
C GLY A 423 -22.95 -6.78 11.98
N THR A 424 -22.43 -8.01 11.98
CA THR A 424 -21.77 -8.54 13.17
C THR A 424 -20.44 -7.83 13.39
N VAL A 425 -19.74 -7.50 12.29
CA VAL A 425 -18.47 -6.77 12.38
C VAL A 425 -18.77 -5.42 13.04
N MET A 426 -19.86 -4.77 12.65
CA MET A 426 -20.22 -3.47 13.23
C MET A 426 -20.51 -3.63 14.75
N ALA A 427 -21.19 -4.70 15.12
CA ALA A 427 -21.44 -4.96 16.54
C ALA A 427 -20.10 -5.15 17.27
N GLY A 428 -19.19 -5.88 16.65
CA GLY A 428 -17.89 -6.09 17.26
C GLY A 428 -17.09 -4.80 17.38
N GLU A 429 -17.16 -3.94 16.35
CA GLU A 429 -16.45 -2.67 16.33
C GLU A 429 -16.98 -1.77 17.45
N LEU A 430 -18.30 -1.72 17.56
CA LEU A 430 -18.96 -0.92 18.60
C LEU A 430 -18.44 -1.27 19.97
N SER A 431 -18.49 -2.55 20.29
CA SER A 431 -18.09 -3.01 21.62
C SER A 431 -16.63 -2.82 21.96
N LEU A 432 -15.74 -3.20 21.05
CA LEU A 432 -14.32 -3.03 21.33
C LEU A 432 -13.94 -1.56 21.38
N MET A 433 -14.51 -0.73 20.52
CA MET A 433 -14.16 0.68 20.55
C MET A 433 -14.58 1.29 21.89
N ALA A 434 -15.75 0.88 22.39
CA ALA A 434 -16.25 1.39 23.68
C ALA A 434 -15.27 1.00 24.79
N ALA A 435 -14.82 -0.24 24.80
CA ALA A 435 -13.91 -0.65 25.85
C ALA A 435 -12.58 0.09 25.80
N LEU A 436 -12.13 0.46 24.59
CA LEU A 436 -10.87 1.19 24.46
C LEU A 436 -11.00 2.63 24.89
N ALA A 437 -12.14 3.22 24.57
CA ALA A 437 -12.42 4.59 24.90
C ALA A 437 -12.58 4.74 26.42
N ALA A 438 -13.35 3.81 26.99
CA ALA A 438 -13.67 3.77 28.41
C ALA A 438 -12.51 3.62 29.39
N GLY A 439 -11.69 2.58 29.23
CA GLY A 439 -10.59 2.40 30.18
C GLY A 439 -9.20 2.19 29.60
N SER B 42 -33.87 -31.02 36.46
CA SER B 42 -34.58 -31.33 35.19
C SER B 42 -34.45 -30.26 34.09
N ASP B 43 -34.02 -30.67 32.89
CA ASP B 43 -33.86 -29.76 31.76
C ASP B 43 -35.11 -28.89 31.55
N ALA B 44 -36.28 -29.50 31.42
CA ALA B 44 -37.53 -28.78 31.19
C ALA B 44 -37.80 -27.64 32.19
N GLU B 45 -37.55 -27.90 33.46
CA GLU B 45 -37.77 -26.88 34.50
C GLU B 45 -36.67 -25.83 34.54
N ILE B 46 -35.47 -26.19 34.08
CA ILE B 46 -34.38 -25.21 34.03
C ILE B 46 -34.69 -24.25 32.88
N ILE B 47 -35.31 -24.79 31.83
CA ILE B 47 -35.69 -24.00 30.66
C ILE B 47 -36.84 -23.08 31.07
N GLN B 48 -37.77 -23.62 31.86
CA GLN B 48 -38.91 -22.87 32.36
C GLN B 48 -38.47 -21.75 33.31
N LEU B 49 -37.39 -22.01 34.07
CA LEU B 49 -36.83 -21.05 35.03
C LEU B 49 -36.15 -19.89 34.30
N VAL B 50 -35.53 -20.20 33.17
CA VAL B 50 -34.86 -19.20 32.36
C VAL B 50 -35.94 -18.37 31.65
N ASN B 51 -36.92 -19.05 31.06
CA ASN B 51 -38.01 -18.36 30.37
C ASN B 51 -38.94 -17.61 31.32
N ALA B 52 -38.41 -17.29 32.50
CA ALA B 52 -39.12 -16.54 33.52
C ALA B 52 -38.31 -15.24 33.64
N LYS B 53 -37.35 -15.08 32.71
CA LYS B 53 -36.43 -13.94 32.64
C LYS B 53 -35.50 -13.86 33.83
N HIS B 54 -35.42 -14.94 34.61
CA HIS B 54 -34.57 -14.96 35.79
C HIS B 54 -33.07 -15.14 35.55
N ILE B 55 -32.70 -15.90 34.52
CA ILE B 55 -31.28 -16.10 34.21
C ILE B 55 -30.98 -15.76 32.76
N PRO B 56 -29.85 -15.06 32.52
CA PRO B 56 -29.47 -14.68 31.14
C PRO B 56 -28.87 -15.94 30.53
N ALA B 57 -29.31 -16.28 29.32
CA ALA B 57 -28.84 -17.49 28.62
C ALA B 57 -27.35 -17.83 28.76
N TYR B 58 -26.50 -16.80 28.73
CA TYR B 58 -25.06 -16.99 28.83
C TYR B 58 -24.52 -17.22 30.24
N LYS B 59 -25.41 -17.23 31.23
CA LYS B 59 -25.02 -17.46 32.62
C LYS B 59 -25.34 -18.88 33.10
N LEU B 60 -25.31 -19.84 32.17
CA LEU B 60 -25.62 -21.24 32.47
C LEU B 60 -24.59 -22.02 33.30
N GLU B 61 -23.32 -21.98 32.91
CA GLU B 61 -22.28 -22.69 33.65
C GLU B 61 -22.14 -22.14 35.07
N THR B 62 -22.56 -20.89 35.26
CA THR B 62 -22.51 -20.26 36.57
C THR B 62 -23.75 -20.67 37.35
N LEU B 63 -24.16 -21.93 37.16
CA LEU B 63 -25.34 -22.46 37.84
C LEU B 63 -25.41 -23.97 37.69
N ILE B 64 -25.42 -24.44 36.44
CA ILE B 64 -25.48 -25.87 36.16
C ILE B 64 -24.24 -26.61 36.64
N GLU B 65 -24.50 -27.69 37.37
CA GLU B 65 -23.45 -28.52 37.96
C GLU B 65 -22.52 -29.26 36.98
N THR B 66 -22.66 -28.98 35.69
CA THR B 66 -21.81 -29.59 34.65
C THR B 66 -21.78 -28.79 33.34
N HIS B 67 -20.63 -28.79 32.70
CA HIS B 67 -20.41 -28.05 31.46
C HIS B 67 -21.25 -28.49 30.27
N GLU B 68 -21.10 -29.76 29.89
CA GLU B 68 -21.83 -30.30 28.76
C GLU B 68 -23.35 -30.11 28.92
N ARG B 69 -23.85 -30.24 30.14
CA ARG B 69 -25.28 -30.07 30.35
C ARG B 69 -25.65 -28.61 30.13
N GLY B 70 -24.73 -27.72 30.49
CA GLY B 70 -24.98 -26.30 30.28
C GLY B 70 -25.15 -26.03 28.80
N VAL B 71 -24.25 -26.61 28.00
CA VAL B 71 -24.26 -26.47 26.55
C VAL B 71 -25.60 -26.99 25.96
N SER B 72 -26.04 -28.15 26.46
CA SER B 72 -27.27 -28.78 26.01
C SER B 72 -28.48 -27.88 26.24
N ILE B 73 -28.56 -27.25 27.40
CA ILE B 73 -29.68 -26.37 27.70
C ILE B 73 -29.66 -25.12 26.85
N ARG B 74 -28.49 -24.52 26.68
CA ARG B 74 -28.37 -23.33 25.83
C ARG B 74 -28.84 -23.66 24.41
N ARG B 75 -28.51 -24.85 23.93
CA ARG B 75 -28.93 -25.27 22.59
C ARG B 75 -30.45 -25.36 22.49
N GLN B 76 -31.07 -25.93 23.52
CA GLN B 76 -32.52 -26.07 23.55
C GLN B 76 -33.20 -24.70 23.57
N LEU B 77 -32.67 -23.79 24.39
CA LEU B 77 -33.20 -22.44 24.47
C LEU B 77 -33.10 -21.75 23.12
N LEU B 78 -31.93 -21.87 22.49
CA LEU B 78 -31.64 -21.26 21.19
C LEU B 78 -32.53 -21.79 20.07
N SER B 79 -32.74 -23.10 20.07
CA SER B 79 -33.56 -23.74 19.04
C SER B 79 -34.96 -23.15 18.91
N LYS B 80 -35.52 -22.74 20.04
CA LYS B 80 -36.86 -22.15 20.07
C LYS B 80 -36.88 -20.79 19.37
N LYS B 81 -35.71 -20.17 19.23
CA LYS B 81 -35.60 -18.84 18.61
C LYS B 81 -35.27 -18.88 17.12
N LEU B 82 -35.05 -20.07 16.59
CA LEU B 82 -34.69 -20.21 15.18
C LEU B 82 -35.86 -20.48 14.24
N SER B 83 -35.78 -19.90 13.04
CA SER B 83 -36.83 -20.09 12.05
C SER B 83 -36.94 -21.58 11.74
N GLU B 84 -35.86 -22.32 12.02
CA GLU B 84 -35.83 -23.77 11.82
C GLU B 84 -35.23 -24.37 13.08
N PRO B 85 -36.07 -24.73 14.06
CA PRO B 85 -35.68 -25.31 15.35
C PRO B 85 -34.75 -26.53 15.30
N SER B 86 -34.72 -27.24 14.17
CA SER B 86 -33.85 -28.40 14.07
C SER B 86 -32.46 -28.08 13.46
N SER B 87 -32.15 -26.78 13.32
CA SER B 87 -30.86 -26.35 12.75
C SER B 87 -29.62 -26.97 13.38
N LEU B 88 -29.61 -27.03 14.72
CA LEU B 88 -28.46 -27.56 15.47
C LEU B 88 -28.25 -29.06 15.47
N GLN B 89 -29.17 -29.80 14.87
CA GLN B 89 -29.11 -31.25 14.81
C GLN B 89 -27.73 -31.81 14.51
N TYR B 90 -27.09 -31.26 13.48
CA TYR B 90 -25.76 -31.74 13.11
C TYR B 90 -24.55 -30.99 13.67
N LEU B 91 -24.78 -30.08 14.59
CA LEU B 91 -23.69 -29.36 15.23
C LEU B 91 -23.36 -30.16 16.50
N PRO B 92 -22.21 -30.84 16.51
CA PRO B 92 -21.77 -31.65 17.66
C PRO B 92 -21.51 -30.84 18.91
N TYR B 93 -21.54 -31.50 20.06
CA TYR B 93 -21.31 -30.83 21.34
C TYR B 93 -20.96 -31.81 22.45
N ARG B 94 -21.34 -33.08 22.25
CA ARG B 94 -21.11 -34.11 23.25
C ARG B 94 -19.69 -34.64 23.29
N ASP B 95 -19.28 -35.05 24.49
CA ASP B 95 -17.97 -35.65 24.73
C ASP B 95 -16.79 -34.75 24.39
N TYR B 96 -16.95 -33.45 24.67
CA TYR B 96 -15.88 -32.51 24.42
C TYR B 96 -15.48 -31.90 25.75
N ASN B 97 -14.18 -31.70 25.94
CA ASN B 97 -13.67 -31.13 27.18
C ASN B 97 -13.88 -29.61 27.30
N TYR B 98 -15.06 -29.22 27.75
CA TYR B 98 -15.39 -27.80 27.90
C TYR B 98 -14.72 -27.12 29.06
N SER B 99 -14.12 -27.89 29.96
CA SER B 99 -13.47 -27.31 31.13
C SER B 99 -12.40 -26.29 30.78
N LEU B 100 -11.58 -26.62 29.79
CA LEU B 100 -10.49 -25.76 29.32
C LEU B 100 -11.01 -24.57 28.49
N VAL B 101 -12.14 -24.75 27.85
CA VAL B 101 -12.75 -23.72 27.01
C VAL B 101 -13.46 -22.64 27.83
N MET B 102 -14.26 -23.07 28.80
CA MET B 102 -15.03 -22.15 29.63
C MET B 102 -14.18 -21.16 30.40
N GLY B 103 -14.54 -19.88 30.28
CA GLY B 103 -13.82 -18.82 30.97
C GLY B 103 -12.40 -18.60 30.46
N ALA B 104 -12.11 -19.05 29.24
CA ALA B 104 -10.77 -18.87 28.68
C ALA B 104 -10.72 -18.71 27.17
N CYS B 105 -11.47 -19.52 26.43
CA CYS B 105 -11.43 -19.47 24.97
C CYS B 105 -12.69 -19.08 24.22
N CYS B 106 -13.85 -19.25 24.85
CA CYS B 106 -15.11 -18.95 24.18
C CYS B 106 -16.25 -18.75 25.18
N GLU B 107 -17.32 -18.09 24.76
CA GLU B 107 -18.47 -17.85 25.64
C GLU B 107 -19.74 -18.21 24.88
N ASN B 108 -20.85 -18.42 25.61
CA ASN B 108 -22.13 -18.76 25.01
C ASN B 108 -21.97 -19.99 24.12
N VAL B 109 -21.22 -20.97 24.61
CA VAL B 109 -20.93 -22.16 23.85
C VAL B 109 -22.10 -23.07 23.55
N ILE B 110 -22.28 -23.39 22.28
CA ILE B 110 -23.36 -24.25 21.83
C ILE B 110 -22.81 -25.50 21.16
N GLY B 111 -21.51 -25.73 21.26
CA GLY B 111 -20.91 -26.89 20.64
C GLY B 111 -19.55 -26.59 20.06
N TYR B 112 -19.14 -27.38 19.06
CA TYR B 112 -17.84 -27.20 18.43
C TYR B 112 -17.92 -27.48 16.94
N MET B 113 -17.02 -26.87 16.18
CA MET B 113 -16.97 -27.05 14.74
C MET B 113 -15.76 -27.88 14.36
N PRO B 114 -15.98 -29.10 13.83
CA PRO B 114 -14.88 -29.97 13.43
C PRO B 114 -14.28 -29.56 12.09
N ILE B 115 -12.97 -29.32 12.06
CA ILE B 115 -12.28 -28.95 10.83
C ILE B 115 -11.36 -30.13 10.45
N PRO B 116 -11.53 -30.69 9.26
CA PRO B 116 -10.68 -31.82 8.88
C PRO B 116 -9.17 -31.49 8.98
N VAL B 117 -8.38 -32.40 9.56
CA VAL B 117 -6.95 -32.19 9.68
C VAL B 117 -6.21 -33.20 8.79
N GLY B 118 -5.43 -32.66 7.85
CA GLY B 118 -4.65 -33.50 6.96
C GLY B 118 -3.17 -33.36 7.29
N VAL B 119 -2.32 -34.18 6.71
CA VAL B 119 -0.90 -34.08 7.00
C VAL B 119 -0.04 -33.94 5.76
N ALA B 120 0.90 -33.00 5.81
CA ALA B 120 1.80 -32.79 4.69
C ALA B 120 3.21 -33.04 5.21
N GLY B 121 3.96 -33.85 4.48
CA GLY B 121 5.31 -34.15 4.90
C GLY B 121 5.86 -35.43 4.31
N PRO B 122 7.10 -35.80 4.67
CA PRO B 122 7.91 -35.03 5.62
C PRO B 122 8.46 -33.73 5.02
N LEU B 123 8.58 -32.73 5.86
CA LEU B 123 9.13 -31.45 5.45
C LEU B 123 10.57 -31.47 5.97
N CYS B 124 11.52 -31.54 5.04
CA CYS B 124 12.95 -31.58 5.40
C CYS B 124 13.43 -30.16 5.58
N LEU B 125 13.55 -29.77 6.84
CA LEU B 125 13.92 -28.41 7.19
C LEU B 125 15.02 -28.35 8.26
N ASP B 126 16.10 -27.65 7.92
CA ASP B 126 17.24 -27.52 8.83
C ASP B 126 17.68 -28.90 9.37
N GLU B 127 17.78 -29.86 8.45
CA GLU B 127 18.23 -31.22 8.78
C GLU B 127 17.32 -32.01 9.72
N LYS B 128 16.04 -31.64 9.75
CA LYS B 128 15.05 -32.35 10.56
C LYS B 128 13.90 -32.67 9.63
N GLU B 129 13.00 -33.55 10.06
CA GLU B 129 11.85 -33.92 9.25
C GLU B 129 10.60 -33.64 10.06
N PHE B 130 9.66 -32.92 9.45
CA PHE B 130 8.42 -32.57 10.12
C PHE B 130 7.19 -33.10 9.40
N GLN B 131 6.22 -33.52 10.20
CA GLN B 131 4.94 -34.01 9.70
C GLN B 131 4.01 -32.87 10.07
N VAL B 132 3.64 -32.08 9.08
CA VAL B 132 2.83 -30.88 9.28
C VAL B 132 1.33 -31.02 9.19
N PRO B 133 0.64 -30.74 10.31
CA PRO B 133 -0.82 -30.81 10.42
C PRO B 133 -1.44 -29.59 9.78
N MET B 134 -2.48 -29.78 8.96
CA MET B 134 -3.16 -28.70 8.26
C MET B 134 -4.67 -28.87 8.34
N ALA B 135 -5.31 -27.94 9.04
CA ALA B 135 -6.76 -27.95 9.22
C ALA B 135 -7.38 -27.14 8.10
N THR B 136 -8.12 -27.79 7.21
CA THR B 136 -8.71 -27.07 6.09
C THR B 136 -9.92 -27.76 5.44
N THR B 137 -10.68 -27.00 4.67
CA THR B 137 -11.82 -27.57 3.96
C THR B 137 -11.63 -27.31 2.48
N GLU B 138 -10.43 -26.91 2.10
CA GLU B 138 -10.15 -26.65 0.69
C GLU B 138 -9.52 -27.88 0.07
N GLY B 139 -10.22 -28.48 -0.88
CA GLY B 139 -9.72 -29.67 -1.54
C GLY B 139 -8.44 -29.46 -2.33
N CYS B 140 -7.55 -30.44 -2.24
CA CYS B 140 -6.26 -30.46 -2.92
C CYS B 140 -5.16 -29.62 -2.29
N LEU B 141 -5.50 -28.82 -1.29
CA LEU B 141 -4.51 -27.98 -0.63
C LEU B 141 -3.44 -28.82 0.09
N VAL B 142 -3.88 -29.79 0.89
CA VAL B 142 -2.94 -30.64 1.60
C VAL B 142 -2.13 -31.45 0.58
N ALA B 143 -2.80 -31.96 -0.45
CA ALA B 143 -2.11 -32.75 -1.47
C ALA B 143 -1.07 -31.93 -2.21
N SER B 144 -1.44 -30.70 -2.56
CA SER B 144 -0.51 -29.83 -3.27
C SER B 144 0.68 -29.49 -2.40
N THR B 145 0.45 -29.22 -1.11
CA THR B 145 1.53 -28.87 -0.20
C THR B 145 2.48 -30.06 0.02
N ASN B 146 1.89 -31.26 0.06
CA ASN B 146 2.65 -32.49 0.23
C ASN B 146 3.57 -32.66 -0.99
N ARG B 147 3.07 -32.37 -2.18
CA ARG B 147 3.91 -32.48 -3.36
C ARG B 147 5.10 -31.50 -3.25
N GLY B 148 4.83 -30.31 -2.72
CA GLY B 148 5.88 -29.32 -2.56
C GLY B 148 6.95 -29.85 -1.63
N CYS B 149 6.50 -30.46 -0.53
CA CYS B 149 7.41 -31.03 0.46
C CYS B 149 8.33 -32.10 -0.17
N ARG B 150 7.74 -32.93 -1.02
CA ARG B 150 8.41 -33.99 -1.73
C ARG B 150 9.56 -33.43 -2.58
N ALA B 151 9.27 -32.41 -3.38
CA ALA B 151 10.26 -31.76 -4.22
C ALA B 151 11.41 -31.21 -3.40
N ILE B 152 11.09 -30.63 -2.25
CA ILE B 152 12.10 -30.09 -1.36
C ILE B 152 13.00 -31.18 -0.79
N GLY B 153 12.38 -32.27 -0.34
CA GLY B 153 13.11 -33.39 0.24
C GLY B 153 14.07 -34.00 -0.75
N LEU B 154 13.63 -34.15 -2.00
CA LEU B 154 14.45 -34.70 -3.07
C LEU B 154 15.56 -33.73 -3.47
N GLY B 155 15.45 -32.48 -2.99
CA GLY B 155 16.44 -31.48 -3.32
C GLY B 155 17.46 -31.31 -2.22
N GLY B 156 17.37 -32.14 -1.18
CA GLY B 156 18.33 -32.03 -0.09
C GLY B 156 17.83 -31.17 1.07
N GLY B 157 16.54 -30.87 1.09
CA GLY B 157 15.99 -30.07 2.17
C GLY B 157 16.08 -28.56 2.11
N ALA B 158 15.39 -27.92 3.04
CA ALA B 158 15.34 -26.47 3.12
C ALA B 158 16.05 -25.96 4.38
N SER B 159 16.50 -24.72 4.31
CA SER B 159 17.18 -24.08 5.45
C SER B 159 16.38 -22.83 5.80
N SER B 160 16.31 -22.49 7.09
CA SER B 160 15.59 -21.31 7.51
C SER B 160 16.30 -20.63 8.68
N ARG B 161 16.01 -19.34 8.85
CA ARG B 161 16.57 -18.54 9.90
C ARG B 161 15.52 -17.57 10.42
N VAL B 162 15.52 -17.36 11.73
CA VAL B 162 14.63 -16.41 12.34
C VAL B 162 15.50 -15.15 12.36
N LEU B 163 15.00 -14.07 11.77
CA LEU B 163 15.72 -12.80 11.67
C LEU B 163 15.42 -11.82 12.78
N ALA B 164 14.21 -11.88 13.32
CA ALA B 164 13.80 -10.99 14.39
C ALA B 164 12.66 -11.62 15.16
N ASP B 165 12.49 -11.19 16.40
CA ASP B 165 11.45 -11.73 17.25
C ASP B 165 10.96 -10.65 18.19
N GLY B 166 9.68 -10.32 18.10
CA GLY B 166 9.14 -9.31 18.99
C GLY B 166 7.73 -8.89 18.65
N MET B 167 6.80 -9.21 19.56
CA MET B 167 5.40 -8.85 19.41
C MET B 167 5.31 -7.36 19.68
N THR B 168 4.26 -6.69 19.20
CA THR B 168 4.14 -5.24 19.41
C THR B 168 2.75 -4.79 19.81
N ARG B 169 2.68 -3.58 20.36
CA ARG B 169 1.43 -2.93 20.75
C ARG B 169 1.72 -1.46 20.47
N GLY B 170 0.84 -0.81 19.73
CA GLY B 170 1.04 0.58 19.38
C GLY B 170 -0.05 1.52 19.85
N PRO B 171 -0.04 1.93 21.14
CA PRO B 171 -1.04 2.84 21.70
C PRO B 171 -0.94 4.23 21.14
N VAL B 172 -2.00 5.00 21.27
CA VAL B 172 -1.96 6.40 20.83
C VAL B 172 -2.26 7.28 22.04
N VAL B 173 -1.38 8.25 22.27
CA VAL B 173 -1.55 9.23 23.36
C VAL B 173 -1.64 10.62 22.74
N ARG B 174 -2.18 11.58 23.49
CA ARG B 174 -2.31 12.95 23.03
C ARG B 174 -1.76 13.94 24.06
N LEU B 175 -1.12 15.00 23.55
CA LEU B 175 -0.61 16.07 24.38
C LEU B 175 -1.43 17.31 24.00
N PRO B 176 -1.38 18.38 24.80
CA PRO B 176 -2.14 19.60 24.50
C PRO B 176 -1.73 20.23 23.16
N ARG B 177 -0.45 20.15 22.87
CA ARG B 177 0.09 20.73 21.64
C ARG B 177 1.10 19.82 20.96
N ALA B 178 1.34 20.06 19.67
CA ALA B 178 2.31 19.28 18.90
C ALA B 178 3.68 19.50 19.48
N CYS B 179 3.92 20.72 19.97
CA CYS B 179 5.20 21.05 20.59
C CYS B 179 5.46 20.16 21.80
N ASP B 180 4.39 19.80 22.51
CA ASP B 180 4.49 18.92 23.68
C ASP B 180 4.70 17.47 23.25
N SER B 181 3.98 17.00 22.24
CA SER B 181 4.15 15.62 21.79
C SER B 181 5.58 15.43 21.26
N ALA B 182 6.13 16.48 20.65
CA ALA B 182 7.51 16.42 20.13
C ALA B 182 8.49 16.29 21.29
N GLU B 183 8.19 16.97 22.40
CA GLU B 183 9.04 16.92 23.59
C GLU B 183 9.02 15.49 24.15
N VAL B 184 7.84 14.88 24.18
CA VAL B 184 7.72 13.50 24.67
C VAL B 184 8.51 12.54 23.78
N LYS B 185 8.41 12.74 22.47
CA LYS B 185 9.12 11.88 21.49
C LYS B 185 10.62 11.96 21.74
N ALA B 186 11.13 13.19 21.86
CA ALA B 186 12.57 13.39 22.11
C ALA B 186 13.00 12.78 23.44
N TRP B 187 12.15 12.92 24.44
CA TRP B 187 12.45 12.34 25.76
C TRP B 187 12.55 10.84 25.65
N LEU B 188 11.61 10.21 24.95
CA LEU B 188 11.64 8.74 24.79
C LEU B 188 12.86 8.28 24.04
N GLU B 189 13.48 9.20 23.28
CA GLU B 189 14.67 8.88 22.51
C GLU B 189 15.99 9.08 23.26
N THR B 190 15.94 9.68 24.44
CA THR B 190 17.15 9.84 25.26
C THR B 190 17.34 8.50 25.95
N SER B 191 18.60 8.13 26.19
CA SER B 191 18.92 6.85 26.83
C SER B 191 18.33 6.76 28.23
N GLU B 192 18.21 7.89 28.91
CA GLU B 192 17.65 7.89 30.26
C GLU B 192 16.13 7.71 30.25
N GLY B 193 15.45 8.41 29.33
CA GLY B 193 14.01 8.28 29.22
C GLY B 193 13.59 6.86 28.87
N PHE B 194 14.35 6.22 27.99
CA PHE B 194 14.06 4.87 27.57
C PHE B 194 14.25 3.89 28.71
N ALA B 195 15.38 4.00 29.41
CA ALA B 195 15.67 3.11 30.54
C ALA B 195 14.54 3.13 31.58
N VAL B 196 14.01 4.32 31.82
CA VAL B 196 12.91 4.48 32.77
C VAL B 196 11.69 3.73 32.28
N ILE B 197 11.35 3.92 31.00
CA ILE B 197 10.19 3.24 30.42
C ILE B 197 10.41 1.74 30.39
N LYS B 198 11.60 1.33 29.96
CA LYS B 198 11.93 -0.09 29.89
C LYS B 198 11.81 -0.75 31.27
N GLU B 199 12.21 -0.01 32.31
CA GLU B 199 12.14 -0.56 33.66
C GLU B 199 10.70 -0.86 34.03
N ALA B 200 9.82 0.11 33.80
CA ALA B 200 8.41 -0.04 34.12
C ALA B 200 7.76 -1.16 33.30
N PHE B 201 8.11 -1.23 32.02
CA PHE B 201 7.58 -2.25 31.11
C PHE B 201 8.01 -3.63 31.55
N ASP B 202 9.32 -3.80 31.74
CA ASP B 202 9.92 -5.07 32.11
C ASP B 202 9.51 -5.59 33.48
N SER B 203 9.02 -4.67 34.31
CA SER B 203 8.60 -5.00 35.66
C SER B 203 7.21 -5.59 35.76
N THR B 204 6.55 -5.82 34.63
CA THR B 204 5.21 -6.39 34.68
C THR B 204 5.17 -7.89 34.44
N SER B 205 6.28 -8.43 33.94
CA SER B 205 6.30 -9.86 33.65
C SER B 205 7.70 -10.36 33.48
N ARG B 206 7.80 -11.67 33.60
CA ARG B 206 9.04 -12.41 33.46
C ARG B 206 9.66 -12.30 32.08
N PHE B 207 8.82 -12.22 31.05
CA PHE B 207 9.34 -12.15 29.69
C PHE B 207 9.34 -10.79 29.02
N ALA B 208 8.84 -9.77 29.73
CA ALA B 208 8.79 -8.42 29.19
C ALA B 208 10.18 -7.80 29.06
N ARG B 209 10.83 -7.93 27.92
CA ARG B 209 12.14 -7.33 27.70
C ARG B 209 12.02 -6.31 26.56
N LEU B 210 11.58 -5.10 26.91
CA LEU B 210 11.40 -4.02 25.94
C LEU B 210 12.62 -3.68 25.11
N GLN B 211 12.49 -3.85 23.80
CA GLN B 211 13.54 -3.57 22.83
C GLN B 211 13.34 -2.13 22.37
N LYS B 212 13.90 -1.83 21.21
CA LYS B 212 13.80 -0.51 20.59
C LYS B 212 12.36 0.01 20.68
N LEU B 213 12.22 1.33 20.71
CA LEU B 213 10.90 1.95 20.80
C LEU B 213 10.73 2.77 19.51
N HIS B 214 9.61 2.63 18.83
CA HIS B 214 9.42 3.38 17.60
C HIS B 214 8.27 4.35 17.79
N THR B 215 8.51 5.63 17.54
CA THR B 215 7.47 6.64 17.72
C THR B 215 7.17 7.40 16.46
N SER B 216 5.94 7.87 16.37
CA SER B 216 5.49 8.62 15.22
C SER B 216 4.47 9.66 15.67
N ILE B 217 4.66 10.89 15.21
CA ILE B 217 3.82 12.01 15.55
C ILE B 217 2.85 12.39 14.47
N ALA B 218 1.62 12.75 14.85
CA ALA B 218 0.61 13.25 13.94
C ALA B 218 0.03 14.43 14.72
N GLY B 219 0.67 15.59 14.58
CA GLY B 219 0.25 16.78 15.30
C GLY B 219 0.46 16.59 16.79
N ARG B 220 -0.61 16.70 17.56
CA ARG B 220 -0.49 16.52 19.00
C ARG B 220 -0.65 15.06 19.43
N ASN B 221 -0.90 14.17 18.46
CA ASN B 221 -1.00 12.74 18.77
C ASN B 221 0.38 12.15 18.71
N LEU B 222 0.64 11.13 19.53
CA LEU B 222 1.91 10.45 19.52
C LEU B 222 1.60 8.96 19.56
N TYR B 223 2.09 8.23 18.56
CA TYR B 223 1.90 6.78 18.45
C TYR B 223 3.21 6.16 18.89
N ILE B 224 3.13 5.20 19.79
CA ILE B 224 4.32 4.57 20.32
C ILE B 224 4.22 3.08 20.10
N ARG B 225 5.19 2.55 19.38
CA ARG B 225 5.21 1.13 19.10
C ARG B 225 6.15 0.45 20.06
N PHE B 226 5.60 -0.29 21.01
CA PHE B 226 6.38 -1.06 21.99
C PHE B 226 6.64 -2.45 21.39
N GLN B 227 7.87 -2.93 21.46
CA GLN B 227 8.21 -4.24 20.92
C GLN B 227 9.01 -5.04 21.94
N SER B 228 8.61 -6.28 22.14
CA SER B 228 9.27 -7.13 23.13
C SER B 228 9.07 -8.60 22.85
N ARG B 229 10.05 -9.40 23.24
CA ARG B 229 9.91 -10.83 23.08
C ARG B 229 8.92 -11.26 24.16
N SER B 230 8.49 -12.52 24.11
CA SER B 230 7.50 -12.98 25.07
C SER B 230 7.59 -14.49 25.30
N GLY B 231 8.81 -15.00 25.41
CA GLY B 231 8.98 -16.43 25.60
C GLY B 231 8.32 -17.19 24.45
N ASP B 232 7.58 -18.25 24.77
CA ASP B 232 6.91 -19.02 23.74
C ASP B 232 5.46 -18.59 23.46
N ALA B 233 5.00 -17.55 24.14
CA ALA B 233 3.65 -17.05 23.93
C ALA B 233 3.60 -16.07 22.75
N MET B 234 2.44 -16.00 22.10
CA MET B 234 2.24 -15.08 20.98
C MET B 234 2.51 -13.70 21.61
N GLY B 235 2.05 -13.52 22.84
CA GLY B 235 2.36 -12.33 23.59
C GLY B 235 1.54 -11.06 23.62
N MET B 236 0.40 -11.03 22.95
CA MET B 236 -0.43 -9.85 22.94
C MET B 236 -0.83 -9.37 24.34
N ASN B 237 -1.31 -10.29 25.18
CA ASN B 237 -1.72 -9.94 26.54
C ASN B 237 -0.54 -9.41 27.35
N MET B 238 0.57 -10.14 27.30
CA MET B 238 1.76 -9.74 28.02
C MET B 238 2.24 -8.36 27.60
N ILE B 239 2.32 -8.12 26.28
CA ILE B 239 2.79 -6.84 25.78
C ILE B 239 1.84 -5.73 26.17
N SER B 240 0.55 -6.02 26.20
CA SER B 240 -0.45 -5.03 26.58
C SER B 240 -0.26 -4.60 28.04
N LYS B 241 -0.04 -5.59 28.91
CA LYS B 241 0.19 -5.32 30.35
C LYS B 241 1.40 -4.41 30.47
N GLY B 242 2.48 -4.80 29.82
CA GLY B 242 3.71 -4.00 29.87
C GLY B 242 3.49 -2.58 29.36
N THR B 243 2.70 -2.45 28.29
CA THR B 243 2.43 -1.15 27.70
C THR B 243 1.64 -0.24 28.65
N GLU B 244 0.62 -0.80 29.30
CA GLU B 244 -0.18 -0.03 30.24
C GLU B 244 0.66 0.51 31.38
N LYS B 245 1.53 -0.33 31.95
CA LYS B 245 2.37 0.15 33.03
C LYS B 245 3.39 1.16 32.56
N ALA B 246 3.95 0.96 31.36
CA ALA B 246 4.92 1.89 30.83
C ALA B 246 4.25 3.24 30.58
N LEU B 247 3.01 3.20 30.14
CA LEU B 247 2.30 4.44 29.88
C LEU B 247 2.03 5.18 31.19
N SER B 248 1.80 4.42 32.27
CA SER B 248 1.58 5.04 33.60
C SER B 248 2.82 5.80 33.98
N LYS B 249 3.97 5.14 33.86
CA LYS B 249 5.23 5.76 34.19
C LYS B 249 5.48 7.02 33.36
N LEU B 250 5.16 6.95 32.07
CA LEU B 250 5.35 8.09 31.18
C LEU B 250 4.46 9.22 31.66
N HIS B 251 3.27 8.88 32.14
CA HIS B 251 2.33 9.88 32.61
C HIS B 251 2.85 10.67 33.82
N GLU B 252 3.69 10.04 34.64
CA GLU B 252 4.27 10.71 35.80
C GLU B 252 5.20 11.82 35.32
N TYR B 253 5.89 11.58 34.21
CA TYR B 253 6.81 12.59 33.66
C TYR B 253 6.06 13.66 32.85
N PHE B 254 4.91 13.29 32.27
CA PHE B 254 4.12 14.21 31.46
C PHE B 254 2.67 14.10 31.88
N PRO B 255 2.32 14.71 33.01
CA PRO B 255 0.95 14.71 33.57
C PRO B 255 -0.14 15.20 32.63
N GLU B 256 0.21 16.04 31.66
CA GLU B 256 -0.79 16.55 30.70
C GLU B 256 -1.15 15.53 29.60
N MET B 257 -0.39 14.43 29.53
CA MET B 257 -0.63 13.41 28.51
C MET B 257 -1.90 12.59 28.74
N GLN B 258 -2.70 12.46 27.69
CA GLN B 258 -3.92 11.70 27.75
C GLN B 258 -3.73 10.40 26.98
N ILE B 259 -4.06 9.29 27.63
CA ILE B 259 -3.95 7.98 27.01
C ILE B 259 -5.26 7.75 26.30
N LEU B 260 -5.27 7.99 24.98
CA LEU B 260 -6.47 7.84 24.20
C LEU B 260 -6.91 6.38 24.00
N ALA B 261 -5.96 5.49 23.69
CA ALA B 261 -6.28 4.10 23.51
C ALA B 261 -5.01 3.28 23.59
N VAL B 262 -5.07 2.14 24.29
CA VAL B 262 -3.93 1.26 24.45
C VAL B 262 -3.49 0.73 23.09
N SER B 263 -4.39 0.73 22.13
CA SER B 263 -4.07 0.35 20.76
C SER B 263 -4.56 1.44 19.84
N GLY B 264 -3.62 2.17 19.25
CA GLY B 264 -3.98 3.21 18.30
C GLY B 264 -3.80 2.72 16.87
N ASN B 265 -3.83 1.40 16.68
CA ASN B 265 -3.69 0.75 15.35
C ASN B 265 -2.28 0.91 14.76
N TYR B 266 -1.32 1.20 15.62
CA TYR B 266 0.03 1.36 15.18
C TYR B 266 0.83 0.10 15.48
N CYS B 267 0.17 -0.94 15.96
CA CYS B 267 0.87 -2.19 16.31
C CYS B 267 1.54 -2.88 15.10
N THR B 268 0.82 -3.26 14.03
CA THR B 268 -0.64 -3.14 13.87
C THR B 268 -1.17 -4.57 13.96
N ASP B 269 -2.22 -4.76 14.73
CA ASP B 269 -2.76 -6.11 14.93
C ASP B 269 -4.01 -6.40 14.09
N LYS B 270 -3.95 -7.48 13.31
CA LYS B 270 -5.06 -7.95 12.48
C LYS B 270 -5.64 -7.02 11.41
N LYS B 271 -4.87 -6.03 10.97
CA LYS B 271 -5.29 -5.16 9.87
C LYS B 271 -4.05 -5.09 8.97
N PRO B 272 -4.23 -4.99 7.65
CA PRO B 272 -3.03 -4.92 6.80
C PRO B 272 -2.33 -3.58 7.05
N ALA B 273 -1.01 -3.59 7.15
CA ALA B 273 -0.28 -2.34 7.38
C ALA B 273 1.16 -2.46 6.92
N ALA B 274 1.65 -1.42 6.27
CA ALA B 274 3.03 -1.39 5.80
C ALA B 274 4.04 -1.47 6.93
N ILE B 275 3.66 -0.95 8.11
CA ILE B 275 4.58 -0.99 9.25
C ILE B 275 5.01 -2.40 9.64
N ASN B 276 4.10 -3.36 9.57
CA ASN B 276 4.46 -4.73 9.92
C ASN B 276 5.38 -5.33 8.87
N TRP B 277 5.14 -4.96 7.61
CA TRP B 277 5.92 -5.45 6.48
C TRP B 277 7.35 -4.94 6.55
N ILE B 278 7.48 -3.65 6.85
CA ILE B 278 8.78 -2.99 6.92
C ILE B 278 9.56 -3.20 8.23
N GLU B 279 8.87 -3.23 9.36
CA GLU B 279 9.58 -3.37 10.63
C GLU B 279 9.48 -4.75 11.24
N GLY B 280 8.57 -5.57 10.72
CA GLY B 280 8.38 -6.90 11.27
C GLY B 280 7.45 -6.81 12.46
N ARG B 281 6.85 -7.95 12.82
CA ARG B 281 5.97 -8.05 13.98
C ARG B 281 5.96 -9.53 14.32
N GLY B 282 6.23 -9.88 15.58
CA GLY B 282 6.28 -11.29 15.94
C GLY B 282 7.61 -11.79 15.40
N LYS B 283 7.58 -12.89 14.66
CA LYS B 283 8.80 -13.44 14.10
C LYS B 283 9.02 -13.16 12.62
N SER B 284 10.23 -12.70 12.26
CA SER B 284 10.58 -12.46 10.86
C SER B 284 11.41 -13.68 10.49
N VAL B 285 11.00 -14.37 9.42
CA VAL B 285 11.68 -15.60 9.02
C VAL B 285 11.99 -15.63 7.55
N VAL B 286 13.03 -16.37 7.18
CA VAL B 286 13.40 -16.55 5.79
C VAL B 286 13.70 -18.04 5.62
N CYS B 287 13.28 -18.59 4.49
CA CYS B 287 13.50 -19.99 4.20
C CYS B 287 13.99 -20.07 2.76
N GLU B 288 14.73 -21.14 2.44
CA GLU B 288 15.26 -21.33 1.09
C GLU B 288 15.54 -22.80 0.75
N ALA B 289 15.58 -23.10 -0.54
CA ALA B 289 15.87 -24.44 -1.01
C ALA B 289 16.29 -24.40 -2.48
N VAL B 290 16.94 -25.47 -2.95
CA VAL B 290 17.32 -25.55 -4.34
C VAL B 290 16.74 -26.84 -4.87
N ILE B 291 15.95 -26.75 -5.93
CA ILE B 291 15.31 -27.93 -6.50
C ILE B 291 16.06 -28.32 -7.78
N PRO B 292 16.63 -29.54 -7.80
CA PRO B 292 17.37 -30.05 -8.97
C PRO B 292 16.45 -30.05 -10.18
N ALA B 293 16.99 -29.71 -11.34
CA ALA B 293 16.23 -29.66 -12.59
C ALA B 293 15.38 -30.90 -12.83
N LYS B 294 15.98 -32.05 -12.54
CA LYS B 294 15.30 -33.34 -12.72
C LYS B 294 14.04 -33.41 -11.87
N VAL B 295 14.15 -32.96 -10.62
CA VAL B 295 13.01 -32.96 -9.71
C VAL B 295 11.92 -31.99 -10.17
N VAL B 296 12.32 -30.88 -10.79
CA VAL B 296 11.35 -29.90 -11.27
C VAL B 296 10.55 -30.51 -12.40
N ARG B 297 11.23 -31.28 -13.26
CA ARG B 297 10.57 -31.93 -14.40
C ARG B 297 9.68 -33.08 -13.97
N GLU B 298 10.20 -33.93 -13.10
CA GLU B 298 9.50 -35.12 -12.67
C GLU B 298 8.44 -35.00 -11.59
N VAL B 299 8.73 -34.24 -10.55
CA VAL B 299 7.78 -34.07 -9.47
C VAL B 299 6.84 -32.90 -9.73
N LEU B 300 7.40 -31.78 -10.20
CA LEU B 300 6.60 -30.58 -10.45
C LEU B 300 6.03 -30.43 -11.86
N LYS B 301 6.43 -31.31 -12.78
CA LYS B 301 5.92 -31.32 -14.16
C LYS B 301 6.13 -30.03 -14.95
N THR B 302 7.27 -29.38 -14.78
CA THR B 302 7.52 -28.12 -15.49
C THR B 302 9.02 -27.90 -15.57
N THR B 303 9.43 -26.70 -15.93
CA THR B 303 10.84 -26.36 -16.01
C THR B 303 11.16 -25.19 -15.08
N THR B 304 12.44 -25.08 -14.74
CA THR B 304 12.88 -23.99 -13.89
C THR B 304 12.58 -22.66 -14.57
N GLU B 305 12.84 -22.59 -15.88
CA GLU B 305 12.61 -21.39 -16.64
C GLU B 305 11.14 -20.94 -16.60
N ALA B 306 10.21 -21.88 -16.74
CA ALA B 306 8.80 -21.55 -16.72
C ALA B 306 8.36 -21.04 -15.33
N MET B 307 8.86 -21.68 -14.29
CA MET B 307 8.58 -21.31 -12.90
C MET B 307 9.03 -19.87 -12.63
N ILE B 308 10.25 -19.57 -13.03
CA ILE B 308 10.83 -18.26 -12.82
C ILE B 308 10.00 -17.18 -13.51
N GLU B 309 9.57 -17.46 -14.74
CA GLU B 309 8.79 -16.52 -15.51
C GLU B 309 7.41 -16.26 -14.85
N VAL B 310 6.82 -17.31 -14.30
CA VAL B 310 5.54 -17.17 -13.64
C VAL B 310 5.72 -16.39 -12.32
N ASN B 311 6.75 -16.71 -11.55
CA ASN B 311 7.00 -16.02 -10.29
C ASN B 311 7.21 -14.53 -10.46
N ILE B 312 8.02 -14.15 -11.45
CA ILE B 312 8.28 -12.74 -11.65
C ILE B 312 7.01 -11.98 -12.08
N ASN B 313 6.30 -12.54 -13.05
CA ASN B 313 5.13 -11.89 -13.61
C ASN B 313 3.82 -11.95 -12.83
N LYS B 314 3.75 -12.87 -11.89
CA LYS B 314 2.60 -13.04 -11.02
C LYS B 314 2.90 -12.47 -9.63
N ASN B 315 3.91 -13.04 -8.96
CA ASN B 315 4.25 -12.63 -7.60
C ASN B 315 4.91 -11.29 -7.44
N LEU B 316 5.56 -10.81 -8.50
CA LEU B 316 6.18 -9.52 -8.41
C LEU B 316 5.39 -8.50 -9.20
N VAL B 317 5.34 -8.63 -10.53
CA VAL B 317 4.65 -7.68 -11.38
C VAL B 317 3.13 -7.63 -11.16
N GLY B 318 2.49 -8.79 -11.10
CA GLY B 318 1.04 -8.82 -10.86
C GLY B 318 0.67 -8.20 -9.51
N SER B 319 1.37 -8.57 -8.46
CA SER B 319 1.10 -7.99 -7.14
C SER B 319 1.35 -6.50 -7.16
N ALA B 320 2.38 -6.06 -7.90
CA ALA B 320 2.65 -4.63 -8.01
C ALA B 320 1.50 -3.90 -8.71
N MET B 321 1.02 -4.47 -9.81
CA MET B 321 -0.10 -3.86 -10.57
C MET B 321 -1.38 -3.81 -9.73
N ALA B 322 -1.57 -4.79 -8.84
CA ALA B 322 -2.74 -4.84 -7.98
C ALA B 322 -2.65 -3.90 -6.76
N GLY B 323 -1.50 -3.23 -6.58
CA GLY B 323 -1.31 -2.34 -5.46
C GLY B 323 -1.18 -3.09 -4.14
N SER B 324 -0.40 -4.16 -4.13
CA SER B 324 -0.21 -4.91 -2.90
C SER B 324 0.95 -4.41 -2.04
N ILE B 325 0.74 -4.47 -0.73
CA ILE B 325 1.81 -4.14 0.20
C ILE B 325 1.95 -5.45 0.95
N GLY B 326 3.05 -6.18 0.71
CA GLY B 326 3.25 -7.44 1.41
C GLY B 326 2.66 -8.72 0.83
N GLY B 327 1.93 -8.61 -0.28
CA GLY B 327 1.33 -9.81 -0.86
C GLY B 327 2.02 -10.30 -2.12
N TYR B 328 3.35 -10.44 -2.07
CA TYR B 328 4.16 -10.89 -3.21
C TYR B 328 4.39 -12.41 -3.16
N ASN B 329 3.28 -13.13 -3.11
CA ASN B 329 3.33 -14.57 -3.04
C ASN B 329 2.07 -15.12 -3.71
N ALA B 330 2.00 -16.43 -3.85
CA ALA B 330 0.85 -17.03 -4.52
C ALA B 330 -0.28 -17.37 -3.57
N HIS B 331 0.04 -18.06 -2.48
CA HIS B 331 -1.00 -18.41 -1.54
C HIS B 331 -0.52 -18.74 -0.16
N ALA B 332 0.40 -17.95 0.35
CA ALA B 332 0.90 -18.17 1.71
C ALA B 332 -0.24 -18.24 2.74
N ALA B 333 -1.28 -17.43 2.56
CA ALA B 333 -2.41 -17.41 3.52
C ALA B 333 -3.07 -18.78 3.67
N ASN B 334 -3.13 -19.54 2.58
CA ASN B 334 -3.69 -20.89 2.64
C ASN B 334 -2.95 -21.77 3.63
N ILE B 335 -1.63 -21.75 3.56
CA ILE B 335 -0.82 -22.57 4.46
C ILE B 335 -0.82 -22.05 5.89
N VAL B 336 -0.66 -20.74 6.03
CA VAL B 336 -0.66 -20.13 7.37
C VAL B 336 -1.98 -20.45 8.09
N THR B 337 -3.10 -20.25 7.40
CA THR B 337 -4.41 -20.49 7.99
C THR B 337 -4.63 -21.93 8.41
N ALA B 338 -4.24 -22.86 7.55
CA ALA B 338 -4.43 -24.28 7.85
C ALA B 338 -3.64 -24.72 9.07
N ILE B 339 -2.38 -24.28 9.15
CA ILE B 339 -1.55 -24.62 10.28
C ILE B 339 -2.04 -23.91 11.54
N TYR B 340 -2.44 -22.65 11.40
CA TYR B 340 -2.90 -21.90 12.57
C TYR B 340 -4.10 -22.55 13.22
N ILE B 341 -5.06 -22.97 12.41
CA ILE B 341 -6.26 -23.62 12.95
C ILE B 341 -5.92 -24.95 13.61
N ALA B 342 -5.04 -25.72 12.98
CA ALA B 342 -4.63 -27.00 13.52
C ALA B 342 -3.89 -26.86 14.84
N CYS B 343 -3.06 -25.83 14.93
CA CYS B 343 -2.21 -25.61 16.10
C CYS B 343 -2.70 -24.64 17.17
N GLY B 344 -3.98 -24.29 17.15
CA GLY B 344 -4.51 -23.40 18.17
C GLY B 344 -4.02 -21.97 18.15
N GLN B 345 -3.62 -21.47 16.98
CA GLN B 345 -3.17 -20.08 16.86
C GLN B 345 -4.40 -19.21 16.65
N ASP B 346 -4.19 -17.90 16.67
CA ASP B 346 -5.30 -16.99 16.48
C ASP B 346 -5.40 -16.86 14.95
N ALA B 347 -6.41 -17.48 14.36
CA ALA B 347 -6.57 -17.47 12.91
C ALA B 347 -6.81 -16.08 12.30
N ALA B 348 -7.36 -15.16 13.09
CA ALA B 348 -7.59 -13.80 12.60
C ALA B 348 -6.24 -13.15 12.27
N GLN B 349 -5.18 -13.64 12.90
CA GLN B 349 -3.84 -13.12 12.63
C GLN B 349 -3.23 -13.55 11.28
N ASN B 350 -3.95 -14.32 10.46
CA ASN B 350 -3.39 -14.64 9.16
C ASN B 350 -3.32 -13.36 8.33
N VAL B 351 -4.09 -12.35 8.73
CA VAL B 351 -4.06 -11.08 8.00
C VAL B 351 -2.60 -10.59 7.84
N GLY B 352 -1.87 -10.42 8.94
CA GLY B 352 -0.49 -9.98 8.81
C GLY B 352 0.53 -11.12 8.76
N SER B 353 0.19 -12.24 9.37
CA SER B 353 1.11 -13.36 9.40
C SER B 353 1.45 -13.93 8.02
N SER B 354 0.53 -13.76 7.08
CA SER B 354 0.64 -14.20 5.71
C SER B 354 1.52 -13.32 4.82
N ASN B 355 1.97 -12.17 5.31
CA ASN B 355 2.83 -11.30 4.49
C ASN B 355 4.00 -12.18 4.04
N CYS B 356 4.32 -12.12 2.75
CA CYS B 356 5.39 -12.96 2.24
C CYS B 356 5.82 -12.57 0.84
N ILE B 357 7.13 -12.58 0.61
CA ILE B 357 7.65 -12.36 -0.72
C ILE B 357 8.36 -13.67 -1.16
N THR B 358 7.87 -14.24 -2.25
CA THR B 358 8.41 -15.48 -2.78
C THR B 358 9.30 -15.14 -3.97
N LEU B 359 10.56 -15.56 -3.92
CA LEU B 359 11.51 -15.31 -4.99
C LEU B 359 12.08 -16.59 -5.59
N MET B 360 12.21 -16.60 -6.91
CA MET B 360 12.73 -17.75 -7.63
C MET B 360 13.83 -17.33 -8.58
N GLU B 361 14.81 -18.22 -8.75
CA GLU B 361 15.96 -17.93 -9.58
C GLU B 361 16.60 -19.19 -10.21
N ALA B 362 17.14 -19.01 -11.41
CA ALA B 362 17.86 -20.08 -12.13
C ALA B 362 19.17 -20.30 -11.39
N SER B 363 19.48 -21.56 -11.10
CA SER B 363 20.67 -21.89 -10.36
C SER B 363 21.37 -23.09 -11.03
N GLY B 364 22.59 -23.36 -10.60
CA GLY B 364 23.32 -24.50 -11.11
C GLY B 364 24.23 -24.31 -12.30
N PRO B 365 25.01 -25.35 -12.60
CA PRO B 365 25.99 -25.45 -13.69
C PRO B 365 25.43 -24.97 -15.02
N THR B 366 24.24 -25.48 -15.34
CA THR B 366 23.56 -25.14 -16.57
C THR B 366 22.40 -24.16 -16.40
N ASN B 367 22.25 -23.59 -15.20
CA ASN B 367 21.18 -22.65 -14.91
C ASN B 367 19.81 -23.30 -15.08
N GLU B 368 19.69 -24.55 -14.70
CA GLU B 368 18.43 -25.25 -14.85
C GLU B 368 17.84 -25.73 -13.54
N ASP B 369 18.54 -25.48 -12.45
CA ASP B 369 18.08 -25.86 -11.13
C ASP B 369 17.30 -24.67 -10.55
N LEU B 370 16.32 -24.96 -9.70
CA LEU B 370 15.46 -23.92 -9.15
C LEU B 370 15.80 -23.46 -7.73
N TYR B 371 16.29 -22.24 -7.62
CA TYR B 371 16.54 -21.69 -6.29
C TYR B 371 15.25 -20.97 -5.89
N ILE B 372 14.75 -21.27 -4.69
CA ILE B 372 13.55 -20.61 -4.18
C ILE B 372 13.72 -20.15 -2.75
N SER B 373 13.13 -18.99 -2.43
CA SER B 373 13.14 -18.46 -1.07
C SER B 373 11.80 -17.77 -0.73
N CYS B 374 11.43 -17.83 0.53
CA CYS B 374 10.22 -17.18 1.04
C CYS B 374 10.66 -16.42 2.27
N THR B 375 10.30 -15.14 2.31
CA THR B 375 10.64 -14.26 3.42
C THR B 375 9.33 -13.75 4.03
N MET B 376 9.14 -14.03 5.32
CA MET B 376 7.93 -13.67 6.04
C MET B 376 8.32 -12.86 7.26
N PRO B 377 8.20 -11.54 7.14
CA PRO B 377 8.56 -10.63 8.22
C PRO B 377 7.65 -10.50 9.42
N SER B 378 6.46 -11.07 9.38
CA SER B 378 5.55 -10.88 10.48
C SER B 378 4.66 -12.03 10.89
N ILE B 379 5.28 -13.15 11.23
CA ILE B 379 4.56 -14.33 11.69
C ILE B 379 4.24 -14.18 13.19
N GLU B 380 2.96 -14.00 13.51
CA GLU B 380 2.48 -13.85 14.90
C GLU B 380 2.08 -15.24 15.34
N ILE B 381 2.87 -15.81 16.23
CA ILE B 381 2.68 -17.19 16.63
C ILE B 381 3.09 -17.47 18.08
N GLY B 382 2.57 -18.57 18.62
CA GLY B 382 2.88 -18.95 19.99
C GLY B 382 2.58 -20.42 20.24
N THR B 383 3.22 -21.01 21.24
CA THR B 383 3.01 -22.42 21.56
C THR B 383 2.48 -22.59 22.99
N VAL B 384 2.18 -21.48 23.65
CA VAL B 384 1.66 -21.44 25.00
C VAL B 384 0.54 -20.40 25.02
N GLY B 385 -0.55 -20.69 25.72
CA GLY B 385 -1.65 -19.74 25.81
C GLY B 385 -2.69 -19.83 24.71
N GLY B 386 -3.84 -19.18 24.95
CA GLY B 386 -4.93 -19.17 23.99
C GLY B 386 -5.41 -20.56 23.64
N GLY B 387 -5.65 -20.77 22.35
CA GLY B 387 -6.12 -22.07 21.88
C GLY B 387 -5.10 -23.16 22.01
N THR B 388 -3.84 -22.83 22.28
CA THR B 388 -2.83 -23.85 22.42
C THR B 388 -3.00 -24.55 23.76
N ASN B 389 -3.87 -24.01 24.63
CA ASN B 389 -4.14 -24.63 25.92
C ASN B 389 -5.09 -25.83 25.79
N LEU B 390 -5.77 -25.96 24.64
CA LEU B 390 -6.70 -27.05 24.41
C LEU B 390 -5.96 -28.31 23.96
N LEU B 391 -6.46 -29.48 24.40
CA LEU B 391 -5.81 -30.75 24.09
C LEU B 391 -5.67 -31.16 22.61
N PRO B 392 -6.76 -31.05 21.83
CA PRO B 392 -6.62 -31.43 20.42
C PRO B 392 -5.54 -30.61 19.71
N GLN B 393 -5.53 -29.29 19.94
CA GLN B 393 -4.49 -28.50 19.28
C GLN B 393 -3.11 -28.74 19.86
N GLN B 394 -3.03 -29.12 21.13
CA GLN B 394 -1.74 -29.44 21.75
C GLN B 394 -1.19 -30.68 21.06
N ALA B 395 -2.10 -31.54 20.61
CA ALA B 395 -1.71 -32.76 19.92
C ALA B 395 -1.01 -32.43 18.60
N CYS B 396 -1.50 -31.41 17.90
CA CYS B 396 -0.89 -31.00 16.64
C CYS B 396 0.46 -30.36 16.88
N LEU B 397 0.57 -29.62 17.97
CA LEU B 397 1.84 -28.99 18.33
C LEU B 397 2.87 -30.06 18.75
N GLN B 398 2.41 -31.12 19.43
CA GLN B 398 3.27 -32.21 19.87
C GLN B 398 3.82 -32.95 18.66
N MET B 399 2.97 -33.08 17.65
CA MET B 399 3.31 -33.73 16.41
C MET B 399 4.53 -33.04 15.79
N LEU B 400 4.64 -31.73 16.03
CA LEU B 400 5.76 -30.95 15.51
C LEU B 400 6.87 -30.82 16.54
N GLY B 401 6.61 -31.29 17.76
CA GLY B 401 7.61 -31.23 18.82
C GLY B 401 7.79 -29.84 19.40
N VAL B 402 6.75 -29.01 19.34
CA VAL B 402 6.85 -27.65 19.85
C VAL B 402 5.77 -27.25 20.86
N GLN B 403 5.07 -28.23 21.43
CA GLN B 403 4.01 -27.91 22.36
C GLN B 403 4.50 -27.28 23.67
N GLY B 404 3.82 -26.22 24.09
CA GLY B 404 4.17 -25.57 25.35
C GLY B 404 5.49 -24.82 25.40
N ALA B 405 5.87 -24.45 26.61
CA ALA B 405 7.11 -23.71 26.86
C ALA B 405 8.37 -24.53 26.68
N CYS B 406 9.42 -23.88 26.21
CA CYS B 406 10.71 -24.55 26.06
C CYS B 406 11.46 -24.20 27.34
N LYS B 407 11.52 -25.16 28.25
CA LYS B 407 12.16 -25.01 29.55
C LYS B 407 13.61 -24.55 29.45
N ASP B 408 14.41 -25.30 28.69
CA ASP B 408 15.83 -24.99 28.54
C ASP B 408 16.14 -23.70 27.78
N ASN B 409 15.26 -23.31 26.85
CA ASN B 409 15.46 -22.08 26.07
C ASN B 409 14.13 -21.44 25.64
N PRO B 410 13.58 -20.57 26.51
CA PRO B 410 12.31 -19.84 26.32
C PRO B 410 12.19 -19.14 24.97
N GLY B 411 11.14 -19.49 24.23
CA GLY B 411 10.88 -18.91 22.93
C GLY B 411 11.27 -19.85 21.80
N GLU B 412 12.12 -20.82 22.10
CA GLU B 412 12.59 -21.76 21.09
C GLU B 412 11.50 -22.57 20.41
N ASN B 413 10.45 -22.92 21.14
CA ASN B 413 9.36 -23.69 20.55
C ASN B 413 8.59 -22.80 19.56
N ALA B 414 8.35 -21.55 19.95
CA ALA B 414 7.65 -20.60 19.08
C ALA B 414 8.50 -20.29 17.85
N ARG B 415 9.80 -20.11 18.04
CA ARG B 415 10.67 -19.85 16.90
C ARG B 415 10.68 -21.05 15.96
N GLN B 416 10.72 -22.26 16.52
CA GLN B 416 10.72 -23.45 15.70
C GLN B 416 9.43 -23.52 14.90
N LEU B 417 8.29 -23.25 15.54
CA LEU B 417 7.00 -23.28 14.84
C LEU B 417 6.98 -22.24 13.69
N ALA B 418 7.54 -21.06 13.92
CA ALA B 418 7.57 -20.03 12.87
C ALA B 418 8.39 -20.53 11.66
N ARG B 419 9.52 -21.20 11.94
CA ARG B 419 10.35 -21.72 10.85
C ARG B 419 9.57 -22.77 10.04
N ILE B 420 8.83 -23.62 10.75
CA ILE B 420 8.02 -24.66 10.13
C ILE B 420 6.95 -24.05 9.21
N VAL B 421 6.33 -22.97 9.69
CA VAL B 421 5.32 -22.28 8.90
C VAL B 421 5.94 -21.75 7.60
N CYS B 422 7.07 -21.07 7.72
CA CYS B 422 7.74 -20.49 6.57
C CYS B 422 8.17 -21.57 5.58
N GLY B 423 8.63 -22.70 6.11
CA GLY B 423 9.06 -23.81 5.26
C GLY B 423 7.87 -24.45 4.55
N THR B 424 6.76 -24.60 5.26
CA THR B 424 5.57 -25.20 4.62
C THR B 424 4.99 -24.23 3.58
N VAL B 425 5.09 -22.92 3.86
CA VAL B 425 4.59 -21.92 2.91
C VAL B 425 5.41 -22.07 1.63
N MET B 426 6.71 -22.27 1.78
CA MET B 426 7.59 -22.40 0.61
C MET B 426 7.21 -23.68 -0.18
N ALA B 427 6.95 -24.76 0.53
CA ALA B 427 6.52 -26.01 -0.14
C ALA B 427 5.20 -25.75 -0.90
N GLY B 428 4.29 -25.01 -0.28
CA GLY B 428 3.03 -24.70 -0.95
C GLY B 428 3.22 -23.80 -2.16
N GLU B 429 4.13 -22.83 -2.05
CA GLU B 429 4.40 -21.90 -3.15
C GLU B 429 5.01 -22.66 -4.32
N LEU B 430 5.93 -23.57 -4.01
CA LEU B 430 6.58 -24.37 -5.04
C LEU B 430 5.55 -25.14 -5.86
N SER B 431 4.68 -25.87 -5.17
CA SER B 431 3.68 -26.69 -5.83
C SER B 431 2.64 -25.95 -6.64
N LEU B 432 2.05 -24.91 -6.07
CA LEU B 432 1.06 -24.16 -6.80
C LEU B 432 1.70 -23.42 -7.98
N MET B 433 2.87 -22.85 -7.79
CA MET B 433 3.49 -22.14 -8.91
C MET B 433 3.78 -23.11 -10.08
N ALA B 434 4.19 -24.34 -9.76
CA ALA B 434 4.46 -25.34 -10.79
C ALA B 434 3.16 -25.64 -11.54
N ALA B 435 2.08 -25.82 -10.79
CA ALA B 435 0.78 -26.10 -11.41
C ALA B 435 0.34 -24.96 -12.34
N LEU B 436 0.56 -23.71 -11.92
CA LEU B 436 0.20 -22.57 -12.76
C LEU B 436 1.13 -22.52 -13.97
N ALA B 437 2.40 -22.90 -13.77
CA ALA B 437 3.36 -22.91 -14.88
C ALA B 437 3.04 -23.97 -15.93
N ALA B 438 2.63 -25.16 -15.48
CA ALA B 438 2.27 -26.27 -16.37
C ALA B 438 0.93 -26.04 -17.08
N GLY B 439 -0.01 -25.40 -16.39
CA GLY B 439 -1.32 -25.11 -16.97
C GLY B 439 -2.31 -26.27 -16.88
N SER C 42 35.42 32.11 -35.84
CA SER C 42 34.18 32.72 -36.42
C SER C 42 32.98 31.78 -36.34
N ASP C 43 31.83 32.36 -36.00
CA ASP C 43 30.55 31.66 -35.83
C ASP C 43 30.20 30.56 -36.85
N ALA C 44 29.87 30.97 -38.08
CA ALA C 44 29.50 30.03 -39.13
C ALA C 44 30.59 29.00 -39.49
N GLU C 45 31.83 29.29 -39.09
CA GLU C 45 32.96 28.41 -39.36
C GLU C 45 33.10 27.31 -38.32
N ILE C 46 32.59 27.59 -37.13
CA ILE C 46 32.60 26.62 -36.04
C ILE C 46 31.61 25.53 -36.45
N ILE C 47 30.46 25.98 -36.95
CA ILE C 47 29.39 25.10 -37.41
C ILE C 47 29.92 24.10 -38.44
N GLN C 48 30.57 24.61 -39.50
CA GLN C 48 31.14 23.77 -40.56
C GLN C 48 32.16 22.76 -40.02
N LEU C 49 32.97 23.20 -39.08
CA LEU C 49 34.00 22.36 -38.45
C LEU C 49 33.37 21.22 -37.65
N VAL C 50 32.38 21.55 -36.84
CA VAL C 50 31.68 20.58 -36.00
C VAL C 50 30.94 19.54 -36.86
N ASN C 51 30.23 20.02 -37.87
CA ASN C 51 29.51 19.13 -38.78
C ASN C 51 30.46 18.28 -39.60
N ALA C 52 31.64 18.83 -39.89
CA ALA C 52 32.65 18.13 -40.69
C ALA C 52 33.44 17.04 -39.94
N LYS C 53 33.57 17.18 -38.63
CA LYS C 53 34.30 16.19 -37.84
C LYS C 53 33.37 15.41 -36.94
N HIS C 54 32.07 15.67 -37.07
CA HIS C 54 31.04 15.06 -36.22
C HIS C 54 31.42 15.23 -34.74
N ILE C 55 31.68 16.48 -34.37
CA ILE C 55 32.04 16.81 -33.01
C ILE C 55 30.73 17.02 -32.24
N PRO C 56 30.48 16.19 -31.22
CA PRO C 56 29.27 16.26 -30.40
C PRO C 56 29.01 17.66 -29.84
N ALA C 57 27.78 18.14 -30.02
CA ALA C 57 27.37 19.47 -29.56
C ALA C 57 27.80 19.79 -28.13
N TYR C 58 27.58 18.84 -27.22
CA TYR C 58 27.94 19.05 -25.82
C TYR C 58 29.40 19.40 -25.59
N LYS C 59 30.26 18.98 -26.52
CA LYS C 59 31.69 19.25 -26.42
C LYS C 59 32.04 20.70 -26.69
N LEU C 60 31.04 21.51 -27.08
CA LEU C 60 31.27 22.93 -27.40
C LEU C 60 31.92 23.73 -26.27
N GLU C 61 31.59 23.40 -25.03
CA GLU C 61 32.12 24.07 -23.86
C GLU C 61 33.65 24.06 -23.82
N THR C 62 34.21 22.88 -24.00
CA THR C 62 35.66 22.71 -24.00
C THR C 62 36.29 23.35 -25.24
N LEU C 63 35.53 23.38 -26.33
CA LEU C 63 35.99 23.95 -27.59
C LEU C 63 36.12 25.48 -27.51
N ILE C 64 34.99 26.19 -27.56
CA ILE C 64 34.99 27.66 -27.50
C ILE C 64 35.60 28.18 -26.18
N GLU C 65 35.60 29.50 -26.01
CA GLU C 65 36.14 30.13 -24.81
C GLU C 65 35.01 30.59 -23.89
N THR C 66 34.20 31.53 -24.35
CA THR C 66 33.07 32.05 -23.58
C THR C 66 31.93 31.06 -23.55
N HIS C 67 31.31 30.89 -22.39
CA HIS C 67 30.20 29.96 -22.22
C HIS C 67 28.98 30.28 -23.07
N GLU C 68 28.62 31.55 -23.13
CA GLU C 68 27.46 31.98 -23.89
C GLU C 68 27.54 31.75 -25.41
N ARG C 69 28.74 31.84 -25.97
CA ARG C 69 28.93 31.64 -27.40
C ARG C 69 28.72 30.16 -27.74
N GLY C 70 29.18 29.31 -26.82
CA GLY C 70 29.01 27.87 -26.98
C GLY C 70 27.54 27.51 -26.96
N VAL C 71 26.78 28.25 -26.15
CA VAL C 71 25.33 28.05 -26.05
C VAL C 71 24.66 28.60 -27.31
N SER C 72 25.14 29.76 -27.77
CA SER C 72 24.58 30.39 -28.97
C SER C 72 24.70 29.48 -30.18
N ILE C 73 25.86 28.82 -30.27
CA ILE C 73 26.14 27.92 -31.36
C ILE C 73 25.33 26.63 -31.28
N ARG C 74 25.18 26.09 -30.08
CA ARG C 74 24.38 24.88 -29.90
C ARG C 74 22.93 25.14 -30.36
N ARG C 75 22.41 26.32 -30.05
CA ARG C 75 21.05 26.66 -30.46
C ARG C 75 20.93 26.69 -31.98
N GLN C 76 21.92 27.28 -32.64
CA GLN C 76 21.91 27.38 -34.10
C GLN C 76 21.95 25.99 -34.72
N LEU C 77 22.81 25.13 -34.17
CA LEU C 77 22.94 23.75 -34.65
C LEU C 77 21.61 23.01 -34.49
N LEU C 78 21.01 23.16 -33.31
CA LEU C 78 19.74 22.52 -32.97
C LEU C 78 18.59 22.98 -33.86
N SER C 79 18.53 24.29 -34.13
CA SER C 79 17.46 24.86 -34.94
C SER C 79 17.32 24.20 -36.32
N LYS C 80 18.45 23.81 -36.89
CA LYS C 80 18.48 23.14 -38.19
C LYS C 80 17.83 21.77 -38.15
N LYS C 81 17.75 21.19 -36.95
CA LYS C 81 17.16 19.87 -36.78
C LYS C 81 15.68 19.87 -36.39
N LEU C 82 15.10 21.05 -36.24
CA LEU C 82 13.70 21.15 -35.84
C LEU C 82 12.73 21.33 -36.99
N SER C 83 11.55 20.72 -36.87
CA SER C 83 10.52 20.84 -37.89
C SER C 83 10.15 22.32 -38.05
N GLU C 84 10.41 23.11 -37.01
CA GLU C 84 10.18 24.55 -37.03
C GLU C 84 11.45 25.21 -36.49
N PRO C 85 12.39 25.58 -37.37
CA PRO C 85 13.66 26.21 -37.03
C PRO C 85 13.58 27.45 -36.15
N SER C 86 12.44 28.13 -36.13
CA SER C 86 12.30 29.32 -35.30
C SER C 86 11.74 29.04 -33.89
N SER C 87 11.67 27.76 -33.52
CA SER C 87 11.15 27.34 -32.20
C SER C 87 11.77 28.04 -30.99
N LEU C 88 13.10 28.17 -31.02
CA LEU C 88 13.87 28.75 -29.92
C LEU C 88 13.84 30.27 -29.78
N GLN C 89 13.19 30.94 -30.72
CA GLN C 89 13.08 32.40 -30.71
C GLN C 89 12.77 32.98 -29.34
N TYR C 90 11.79 32.42 -28.65
CA TYR C 90 11.42 32.95 -27.34
C TYR C 90 12.01 32.28 -26.12
N LEU C 91 12.98 31.39 -26.34
CA LEU C 91 13.66 30.74 -25.22
C LEU C 91 14.90 31.58 -24.96
N PRO C 92 14.92 32.32 -23.83
CA PRO C 92 16.04 33.18 -23.45
C PRO C 92 17.34 32.42 -23.18
N TYR C 93 18.46 33.11 -23.27
CA TYR C 93 19.76 32.50 -23.04
C TYR C 93 20.84 33.54 -22.77
N ARG C 94 20.60 34.77 -23.20
CA ARG C 94 21.56 35.85 -23.02
C ARG C 94 21.62 36.44 -21.63
N ASP C 95 22.81 36.91 -21.26
CA ASP C 95 23.05 37.57 -19.98
C ASP C 95 22.77 36.71 -18.75
N TYR C 96 23.08 35.43 -18.87
CA TYR C 96 22.90 34.51 -17.76
C TYR C 96 24.26 33.97 -17.36
N ASN C 97 24.47 33.81 -16.06
CA ASN C 97 25.74 33.33 -15.56
C ASN C 97 25.91 31.80 -15.71
N TYR C 98 26.34 31.38 -16.89
CA TYR C 98 26.55 29.96 -17.18
C TYR C 98 27.77 29.34 -16.51
N SER C 99 28.65 30.17 -15.96
CA SER C 99 29.85 29.65 -15.31
C SER C 99 29.55 28.67 -14.19
N LEU C 100 28.56 29.00 -13.37
CA LEU C 100 28.16 28.16 -12.23
C LEU C 100 27.37 26.92 -12.66
N VAL C 101 26.68 27.03 -13.79
CA VAL C 101 25.87 25.94 -14.33
C VAL C 101 26.71 24.88 -15.02
N MET C 102 27.65 25.31 -15.86
CA MET C 102 28.50 24.38 -16.61
C MET C 102 29.33 23.46 -15.74
N GLY C 103 29.24 22.17 -16.04
CA GLY C 103 29.98 21.18 -15.29
C GLY C 103 29.51 21.00 -13.86
N ALA C 104 28.27 21.40 -13.57
CA ALA C 104 27.75 21.25 -12.22
C ALA C 104 26.26 21.03 -12.11
N CYS C 105 25.47 21.79 -12.88
CA CYS C 105 24.02 21.68 -12.80
C CYS C 105 23.25 21.21 -14.03
N CYS C 106 23.84 21.36 -15.22
CA CYS C 106 23.15 20.99 -16.43
C CYS C 106 24.14 20.79 -17.60
N GLU C 107 23.72 20.05 -18.62
CA GLU C 107 24.57 19.80 -19.78
C GLU C 107 23.78 20.09 -21.04
N ASN C 108 24.49 20.28 -22.17
CA ASN C 108 23.83 20.56 -23.45
C ASN C 108 22.91 21.75 -23.32
N VAL C 109 23.37 22.78 -22.62
CA VAL C 109 22.58 23.96 -22.37
C VAL C 109 22.23 24.79 -23.58
N ILE C 110 20.93 25.09 -23.72
CA ILE C 110 20.44 25.88 -24.83
C ILE C 110 19.73 27.13 -24.35
N GLY C 111 19.84 27.41 -23.04
CA GLY C 111 19.19 28.58 -22.48
C GLY C 111 18.67 28.31 -21.07
N TYR C 112 17.68 29.09 -20.66
CA TYR C 112 17.07 28.93 -19.35
C TYR C 112 15.56 29.15 -19.40
N MET C 113 14.85 28.53 -18.47
CA MET C 113 13.40 28.68 -18.40
C MET C 113 13.01 29.55 -17.22
N PRO C 114 12.42 30.72 -17.49
CA PRO C 114 12.01 31.62 -16.41
C PRO C 114 10.70 31.17 -15.76
N ILE C 115 10.73 30.98 -14.44
CA ILE C 115 9.51 30.62 -13.71
C ILE C 115 9.14 31.83 -12.83
N PRO C 116 7.92 32.34 -12.98
CA PRO C 116 7.51 33.49 -12.17
C PRO C 116 7.66 33.22 -10.66
N VAL C 117 8.21 34.18 -9.92
CA VAL C 117 8.38 34.05 -8.49
C VAL C 117 7.46 35.04 -7.77
N GLY C 118 6.56 34.51 -6.95
CA GLY C 118 5.65 35.33 -6.18
C GLY C 118 6.03 35.26 -4.70
N VAL C 119 5.44 36.11 -3.87
CA VAL C 119 5.76 36.08 -2.44
C VAL C 119 4.55 35.93 -1.57
N ALA C 120 4.64 35.02 -0.60
CA ALA C 120 3.56 34.80 0.34
C ALA C 120 4.10 35.13 1.73
N GLY C 121 3.35 35.95 2.48
CA GLY C 121 3.79 36.32 3.81
C GLY C 121 3.19 37.63 4.31
N PRO C 122 3.57 38.05 5.52
CA PRO C 122 4.54 37.34 6.35
C PRO C 122 4.00 36.06 6.95
N LEU C 123 4.90 35.09 7.11
CA LEU C 123 4.54 33.81 7.72
C LEU C 123 5.08 33.92 9.14
N CYS C 124 4.17 33.98 10.11
CA CYS C 124 4.54 34.09 11.52
C CYS C 124 4.80 32.69 12.04
N LEU C 125 6.08 32.36 12.16
CA LEU C 125 6.48 31.02 12.59
C LEU C 125 7.56 31.05 13.65
N ASP C 126 7.28 30.40 14.77
CA ASP C 126 8.22 30.34 15.89
C ASP C 126 8.73 31.74 16.26
N GLU C 127 7.78 32.68 16.35
CA GLU C 127 8.07 34.07 16.72
C GLU C 127 8.95 34.85 15.76
N LYS C 128 8.97 34.42 14.50
CA LYS C 128 9.73 35.12 13.46
C LYS C 128 8.76 35.37 12.33
N GLU C 129 9.14 36.23 11.39
CA GLU C 129 8.28 36.52 10.25
C GLU C 129 9.07 36.21 8.99
N PHE C 130 8.47 35.43 8.09
CA PHE C 130 9.12 35.05 6.86
C PHE C 130 8.37 35.52 5.61
N GLN C 131 9.14 35.94 4.61
CA GLN C 131 8.58 36.36 3.32
C GLN C 131 8.99 35.18 2.43
N VAL C 132 8.01 34.33 2.11
CA VAL C 132 8.24 33.12 1.35
C VAL C 132 8.13 33.19 -0.17
N PRO C 133 9.24 32.93 -0.86
CA PRO C 133 9.31 32.95 -2.32
C PRO C 133 8.71 31.66 -2.89
N MET C 134 7.84 31.80 -3.90
CA MET C 134 7.17 30.66 -4.52
C MET C 134 7.23 30.78 -6.04
N ALA C 135 7.93 29.82 -6.67
CA ALA C 135 8.07 29.79 -8.11
C ALA C 135 6.96 28.92 -8.69
N THR C 136 6.05 29.51 -9.44
CA THR C 136 4.94 28.72 -9.97
C THR C 136 4.26 29.33 -11.18
N THR C 137 3.48 28.52 -11.88
CA THR C 137 2.72 29.02 -13.02
C THR C 137 1.26 28.71 -12.80
N GLU C 138 0.92 28.32 -11.57
CA GLU C 138 -0.48 28.03 -11.23
C GLU C 138 -1.14 29.27 -10.64
N GLY C 139 -2.12 29.80 -11.35
CA GLY C 139 -2.81 30.99 -10.88
C GLY C 139 -3.55 30.82 -9.58
N CYS C 140 -3.47 31.85 -8.73
CA CYS C 140 -4.13 31.89 -7.42
C CYS C 140 -3.45 31.10 -6.31
N LEU C 141 -2.43 30.32 -6.65
CA LEU C 141 -1.72 29.54 -5.64
C LEU C 141 -1.02 30.47 -4.63
N VAL C 142 -0.26 31.44 -5.13
CA VAL C 142 0.44 32.36 -4.23
C VAL C 142 -0.60 33.18 -3.41
N ALA C 143 -1.64 33.65 -4.07
CA ALA C 143 -2.69 34.43 -3.41
C ALA C 143 -3.37 33.61 -2.31
N SER C 144 -3.68 32.34 -2.63
CA SER C 144 -4.34 31.49 -1.65
C SER C 144 -3.44 31.22 -0.45
N THR C 145 -2.15 30.97 -0.70
CA THR C 145 -1.20 30.71 0.36
C THR C 145 -1.01 31.95 1.26
N ASN C 146 -1.02 33.12 0.62
CA ASN C 146 -0.88 34.38 1.33
C ASN C 146 -2.08 34.54 2.27
N ARG C 147 -3.27 34.20 1.80
CA ARG C 147 -4.44 34.30 2.67
C ARG C 147 -4.27 33.39 3.88
N GLY C 148 -3.69 32.21 3.65
CA GLY C 148 -3.47 31.28 4.74
C GLY C 148 -2.53 31.87 5.75
N CYS C 149 -1.47 32.51 5.26
CA CYS C 149 -0.48 33.15 6.12
C CYS C 149 -1.12 34.23 7.00
N ARG C 150 -2.03 34.99 6.39
CA ARG C 150 -2.76 36.07 7.07
C ARG C 150 -3.56 35.51 8.25
N ALA C 151 -4.33 34.47 8.01
CA ALA C 151 -5.13 33.84 9.06
C ALA C 151 -4.25 33.36 10.22
N ILE C 152 -3.09 32.81 9.90
CA ILE C 152 -2.18 32.34 10.91
C ILE C 152 -1.62 33.49 11.74
N GLY C 153 -1.21 34.56 11.05
CA GLY C 153 -0.66 35.73 11.71
C GLY C 153 -1.65 36.35 12.70
N LEU C 154 -2.90 36.45 12.27
CA LEU C 154 -3.98 36.97 13.10
C LEU C 154 -4.34 36.03 14.24
N GLY C 155 -3.80 34.82 14.19
CA GLY C 155 -4.08 33.83 15.23
C GLY C 155 -2.93 33.74 16.22
N GLY C 156 -1.94 34.60 16.08
CA GLY C 156 -0.83 34.55 17.01
C GLY C 156 0.33 33.71 16.53
N GLY C 157 0.34 33.37 15.24
CA GLY C 157 1.45 32.59 14.70
C GLY C 157 1.44 31.08 14.84
N ALA C 158 2.40 30.45 14.19
CA ALA C 158 2.53 29.00 14.19
C ALA C 158 3.80 28.57 14.87
N SER C 159 3.80 27.33 15.37
CA SER C 159 4.97 26.77 16.05
C SER C 159 5.35 25.50 15.28
N SER C 160 6.63 25.21 15.22
CA SER C 160 7.09 24.02 14.53
C SER C 160 8.30 23.42 15.22
N ARG C 161 8.48 22.13 15.00
CA ARG C 161 9.59 21.39 15.56
C ARG C 161 10.13 20.39 14.54
N VAL C 162 11.46 20.24 14.52
CA VAL C 162 12.07 19.26 13.66
C VAL C 162 12.16 18.02 14.57
N LEU C 163 11.57 16.91 14.13
CA LEU C 163 11.55 15.67 14.90
C LEU C 163 12.69 14.73 14.61
N ALA C 164 13.21 14.77 13.39
CA ALA C 164 14.29 13.89 13.00
C ALA C 164 15.01 14.50 11.83
N ASP C 165 16.26 14.12 11.63
CA ASP C 165 17.07 14.65 10.55
C ASP C 165 18.05 13.58 10.08
N GLY C 166 17.94 13.20 8.81
CA GLY C 166 18.84 12.20 8.29
C GLY C 166 18.49 11.72 6.90
N MET C 167 19.36 12.01 5.95
CA MET C 167 19.20 11.59 4.57
C MET C 167 19.54 10.10 4.53
N THR C 168 19.04 9.37 3.54
CA THR C 168 19.31 7.94 3.46
C THR C 168 19.71 7.44 2.07
N ARG C 169 20.30 6.25 2.03
CA ARG C 169 20.68 5.56 0.80
C ARG C 169 20.46 4.11 1.16
N GLY C 170 19.71 3.39 0.31
CA GLY C 170 19.42 2.00 0.59
C GLY C 170 19.90 1.03 -0.47
N PRO C 171 21.19 0.66 -0.47
CA PRO C 171 21.76 -0.27 -1.46
C PRO C 171 21.23 -1.68 -1.29
N VAL C 172 21.41 -2.48 -2.33
CA VAL C 172 21.02 -3.88 -2.23
C VAL C 172 22.25 -4.75 -2.52
N VAL C 173 22.54 -5.69 -1.63
CA VAL C 173 23.65 -6.61 -1.79
C VAL C 173 23.08 -8.02 -1.81
N ARG C 174 23.87 -8.96 -2.32
CA ARG C 174 23.46 -10.38 -2.37
C ARG C 174 24.52 -11.30 -1.81
N LEU C 175 24.07 -12.35 -1.11
CA LEU C 175 24.96 -13.36 -0.58
C LEU C 175 24.59 -14.65 -1.35
N PRO C 176 25.44 -15.68 -1.28
CA PRO C 176 25.14 -16.93 -2.00
C PRO C 176 23.83 -17.57 -1.54
N ARG C 177 23.55 -17.48 -0.25
CA ARG C 177 22.36 -18.08 0.33
C ARG C 177 21.68 -17.15 1.33
N ALA C 178 20.42 -17.42 1.61
CA ALA C 178 19.65 -16.64 2.57
C ALA C 178 20.28 -16.78 3.95
N CYS C 179 20.82 -17.96 4.23
CA CYS C 179 21.48 -18.22 5.51
C CYS C 179 22.66 -17.29 5.71
N ASP C 180 23.32 -16.93 4.61
CA ASP C 180 24.46 -16.01 4.64
C ASP C 180 23.98 -14.57 4.80
N SER C 181 22.95 -14.19 4.07
CA SER C 181 22.46 -12.82 4.22
C SER C 181 21.93 -12.59 5.64
N ALA C 182 21.37 -13.63 6.25
CA ALA C 182 20.88 -13.53 7.63
C ALA C 182 22.07 -13.31 8.57
N GLU C 183 23.19 -13.96 8.27
CA GLU C 183 24.41 -13.85 9.09
C GLU C 183 24.89 -12.39 9.03
N VAL C 184 24.86 -11.82 7.83
CA VAL C 184 25.30 -10.46 7.63
C VAL C 184 24.39 -9.49 8.39
N LYS C 185 23.09 -9.75 8.36
CA LYS C 185 22.13 -8.89 9.05
C LYS C 185 22.40 -8.91 10.54
N ALA C 186 22.58 -10.10 11.10
CA ALA C 186 22.86 -10.25 12.54
C ALA C 186 24.17 -9.57 12.93
N TRP C 187 25.17 -9.70 12.07
CA TRP C 187 26.47 -9.08 12.29
C TRP C 187 26.32 -7.56 12.34
N LEU C 188 25.55 -7.00 11.41
CA LEU C 188 25.35 -5.55 11.37
C LEU C 188 24.59 -5.06 12.58
N GLU C 189 23.90 -5.96 13.27
CA GLU C 189 23.13 -5.60 14.45
C GLU C 189 23.93 -5.72 15.76
N THR C 190 25.14 -6.28 15.69
CA THR C 190 25.98 -6.38 16.88
C THR C 190 26.61 -4.99 17.02
N SER C 191 26.88 -4.57 18.26
CA SER C 191 27.48 -3.27 18.51
C SER C 191 28.87 -3.14 17.89
N GLU C 192 29.59 -4.26 17.80
CA GLU C 192 30.91 -4.24 17.20
C GLU C 192 30.86 -4.14 15.69
N GLY C 193 29.95 -4.88 15.07
CA GLY C 193 29.81 -4.82 13.62
C GLY C 193 29.41 -3.42 13.16
N PHE C 194 28.50 -2.80 13.90
CA PHE C 194 28.03 -1.47 13.56
C PHE C 194 29.15 -0.44 13.68
N ALA C 195 29.90 -0.49 14.79
CA ALA C 195 30.99 0.46 15.02
C ALA C 195 31.97 0.43 13.86
N VAL C 196 32.27 -0.78 13.39
CA VAL C 196 33.19 -0.95 12.28
C VAL C 196 32.65 -0.26 11.04
N ILE C 197 31.37 -0.50 10.74
CA ILE C 197 30.73 0.11 9.56
C ILE C 197 30.65 1.62 9.72
N LYS C 198 30.23 2.06 10.90
CA LYS C 198 30.12 3.48 11.18
C LYS C 198 31.47 4.17 11.01
N GLU C 199 32.55 3.51 11.41
CA GLU C 199 33.88 4.09 11.29
C GLU C 199 34.20 4.33 9.82
N ALA C 200 34.01 3.32 8.99
CA ALA C 200 34.28 3.43 7.57
C ALA C 200 33.41 4.49 6.90
N PHE C 201 32.13 4.52 7.28
CA PHE C 201 31.19 5.47 6.72
C PHE C 201 31.58 6.90 7.09
N ASP C 202 31.80 7.12 8.39
CA ASP C 202 32.14 8.43 8.92
C ASP C 202 33.47 9.01 8.43
N SER C 203 34.32 8.18 7.83
CA SER C 203 35.62 8.65 7.36
C SER C 203 35.66 9.31 5.99
N THR C 204 34.52 9.40 5.30
CA THR C 204 34.51 10.00 3.97
C THR C 204 34.18 11.49 3.98
N SER C 205 33.71 12.02 5.10
CA SER C 205 33.32 13.41 5.20
C SER C 205 33.23 13.87 6.64
N ARG C 206 33.19 15.18 6.83
CA ARG C 206 33.08 15.78 8.15
C ARG C 206 31.68 15.70 8.72
N PHE C 207 30.68 15.82 7.84
CA PHE C 207 29.29 15.79 8.28
C PHE C 207 28.66 14.40 8.31
N ALA C 208 29.39 13.41 7.79
CA ALA C 208 28.94 12.03 7.74
C ALA C 208 28.94 11.36 9.10
N ARG C 209 27.82 11.44 9.80
CA ARG C 209 27.71 10.81 11.11
C ARG C 209 26.62 9.74 11.02
N LEU C 210 27.02 8.51 10.69
CA LEU C 210 26.08 7.40 10.55
C LEU C 210 25.24 7.17 11.80
N GLN C 211 23.95 7.47 11.68
CA GLN C 211 23.02 7.32 12.80
C GLN C 211 22.68 5.88 13.11
N LYS C 212 21.95 5.23 12.24
CA LYS C 212 21.53 3.87 12.45
C LYS C 212 21.44 3.13 11.12
N LEU C 213 21.09 1.86 11.26
CA LEU C 213 20.97 0.97 10.12
C LEU C 213 19.67 0.20 10.22
N HIS C 214 18.89 0.22 9.15
CA HIS C 214 17.66 -0.56 9.12
C HIS C 214 17.91 -1.56 8.00
N THR C 215 17.87 -2.83 8.30
CA THR C 215 18.11 -3.84 7.27
C THR C 215 16.86 -4.67 7.02
N SER C 216 16.78 -5.18 5.81
CA SER C 216 15.64 -5.99 5.43
C SER C 216 16.12 -7.07 4.46
N ILE C 217 15.71 -8.30 4.73
CA ILE C 217 16.06 -9.43 3.90
C ILE C 217 14.95 -9.88 2.95
N ALA C 218 15.34 -10.26 1.74
CA ALA C 218 14.42 -10.85 0.77
C ALA C 218 15.23 -12.04 0.22
N GLY C 219 15.14 -13.17 0.92
CA GLY C 219 15.89 -14.35 0.52
C GLY C 219 17.39 -14.07 0.68
N ARG C 220 18.15 -14.24 -0.39
CA ARG C 220 19.58 -14.00 -0.33
C ARG C 220 19.95 -12.53 -0.54
N ASN C 221 18.95 -11.69 -0.81
CA ASN C 221 19.19 -10.25 -0.96
C ASN C 221 19.15 -9.60 0.41
N LEU C 222 19.93 -8.55 0.59
CA LEU C 222 19.93 -7.81 1.84
C LEU C 222 19.89 -6.34 1.48
N TYR C 223 18.87 -5.64 1.96
CA TYR C 223 18.71 -4.22 1.71
C TYR C 223 19.16 -3.53 2.98
N ILE C 224 20.03 -2.52 2.84
CA ILE C 224 20.58 -1.83 4.00
C ILE C 224 20.33 -0.36 3.85
N ARG C 225 19.57 0.19 4.79
CA ARG C 225 19.24 1.59 4.74
C ARG C 225 20.20 2.36 5.65
N PHE C 226 21.12 3.10 5.03
CA PHE C 226 22.08 3.94 5.77
C PHE C 226 21.42 5.30 6.01
N GLN C 227 21.51 5.83 7.22
CA GLN C 227 20.93 7.13 7.52
C GLN C 227 21.95 8.00 8.26
N SER C 228 22.11 9.23 7.80
CA SER C 228 23.06 10.14 8.39
C SER C 228 22.73 11.59 8.15
N ARG C 229 23.12 12.45 9.09
CA ARG C 229 22.90 13.88 8.91
C ARG C 229 23.94 14.31 7.89
N SER C 230 23.83 15.53 7.40
CA SER C 230 24.76 15.99 6.37
C SER C 230 24.94 17.50 6.39
N GLY C 231 25.02 18.06 7.59
CA GLY C 231 25.19 19.50 7.69
C GLY C 231 24.01 20.20 7.05
N ASP C 232 24.29 21.23 6.25
CA ASP C 232 23.21 21.95 5.59
C ASP C 232 22.91 21.46 4.16
N ALA C 233 23.60 20.41 3.73
CA ALA C 233 23.39 19.86 2.38
C ALA C 233 22.27 18.84 2.39
N MET C 234 21.58 18.71 1.25
CA MET C 234 20.48 17.73 1.13
C MET C 234 21.13 16.39 1.45
N GLY C 235 22.38 16.21 1.02
CA GLY C 235 23.11 15.00 1.39
C GLY C 235 23.21 13.75 0.57
N MET C 236 22.54 13.69 -0.58
CA MET C 236 22.57 12.47 -1.40
C MET C 236 23.98 12.03 -1.81
N ASN C 237 24.77 12.96 -2.35
CA ASN C 237 26.14 12.64 -2.77
C ASN C 237 26.99 12.18 -1.60
N MET C 238 26.95 12.96 -0.52
CA MET C 238 27.70 12.64 0.68
C MET C 238 27.34 11.27 1.24
N ILE C 239 26.03 10.98 1.35
CA ILE C 239 25.58 9.70 1.87
C ILE C 239 26.00 8.56 0.95
N SER C 240 25.99 8.81 -0.35
CA SER C 240 26.39 7.78 -1.32
C SER C 240 27.86 7.42 -1.15
N LYS C 241 28.71 8.44 -0.98
CA LYS C 241 30.14 8.23 -0.77
C LYS C 241 30.35 7.38 0.46
N GLY C 242 29.71 7.79 1.57
CA GLY C 242 29.82 7.04 2.81
C GLY C 242 29.35 5.59 2.66
N THR C 243 28.25 5.39 1.93
CA THR C 243 27.69 4.07 1.71
C THR C 243 28.65 3.18 0.93
N GLU C 244 29.25 3.71 -0.13
CA GLU C 244 30.21 2.94 -0.92
C GLU C 244 31.39 2.46 -0.09
N LYS C 245 31.97 3.35 0.71
CA LYS C 245 33.09 2.96 1.55
C LYS C 245 32.66 1.97 2.65
N ALA C 246 31.47 2.17 3.21
CA ALA C 246 30.98 1.25 4.24
C ALA C 246 30.76 -0.13 3.64
N LEU C 247 30.31 -0.18 2.39
CA LEU C 247 30.07 -1.45 1.73
C LEU C 247 31.40 -2.15 1.45
N SER C 248 32.46 -1.37 1.19
CA SER C 248 33.79 -1.96 0.96
C SER C 248 34.24 -2.65 2.23
N LYS C 249 34.12 -1.94 3.34
CA LYS C 249 34.49 -2.50 4.62
C LYS C 249 33.70 -3.76 4.93
N LEU C 250 32.41 -3.74 4.64
CA LEU C 250 31.58 -4.90 4.89
C LEU C 250 32.06 -6.07 4.04
N HIS C 251 32.49 -5.76 2.82
CA HIS C 251 32.98 -6.78 1.93
C HIS C 251 34.23 -7.50 2.46
N GLU C 252 35.05 -6.80 3.24
CA GLU C 252 36.25 -7.43 3.82
C GLU C 252 35.83 -8.51 4.81
N TYR C 253 34.72 -8.29 5.51
CA TYR C 253 34.24 -9.28 6.47
C TYR C 253 33.46 -10.41 5.79
N PHE C 254 32.86 -10.10 4.64
CA PHE C 254 32.06 -11.07 3.90
C PHE C 254 32.43 -10.99 2.43
N PRO C 255 33.57 -11.61 2.08
CA PRO C 255 34.09 -11.63 0.71
C PRO C 255 33.15 -12.19 -0.34
N GLU C 256 32.23 -13.05 0.07
CA GLU C 256 31.28 -13.63 -0.88
C GLU C 256 30.12 -12.67 -1.25
N MET C 257 30.02 -11.55 -0.54
CA MET C 257 28.97 -10.58 -0.80
C MET C 257 29.14 -9.81 -2.10
N GLN C 258 28.07 -9.75 -2.88
CA GLN C 258 28.06 -9.03 -4.13
C GLN C 258 27.26 -7.74 -3.97
N ILE C 259 27.86 -6.63 -4.36
CA ILE C 259 27.19 -5.34 -4.28
C ILE C 259 26.45 -5.18 -5.60
N LEU C 260 25.15 -5.47 -5.56
CA LEU C 260 24.34 -5.40 -6.75
C LEU C 260 24.06 -3.96 -7.22
N ALA C 261 23.74 -3.06 -6.31
CA ALA C 261 23.49 -1.67 -6.70
C ALA C 261 23.58 -0.78 -5.47
N VAL C 262 24.25 0.35 -5.61
CA VAL C 262 24.42 1.30 -4.49
C VAL C 262 23.03 1.81 -4.03
N SER C 263 22.04 1.70 -4.90
CA SER C 263 20.67 2.05 -4.54
C SER C 263 19.78 0.90 -4.98
N GLY C 264 19.25 0.19 -3.99
CA GLY C 264 18.32 -0.90 -4.25
C GLY C 264 16.88 -0.44 -4.06
N ASN C 265 16.65 0.87 -4.16
CA ASN C 265 15.31 1.49 -4.01
C ASN C 265 14.74 1.37 -2.61
N TYR C 266 15.63 1.15 -1.65
CA TYR C 266 15.20 1.02 -0.28
C TYR C 266 15.48 2.34 0.48
N CYS C 267 15.92 3.37 -0.24
CA CYS C 267 16.25 4.65 0.38
C CYS C 267 15.01 5.31 1.06
N THR C 268 13.92 5.62 0.34
CA THR C 268 13.73 5.44 -1.10
C THR C 268 13.78 6.85 -1.68
N ASP C 269 14.53 7.03 -2.76
CA ASP C 269 14.65 8.35 -3.38
C ASP C 269 13.77 8.56 -4.62
N LYS C 270 12.96 9.61 -4.59
CA LYS C 270 12.08 10.01 -5.69
C LYS C 270 11.03 9.02 -6.22
N LYS C 271 10.63 8.06 -5.40
CA LYS C 271 9.56 7.13 -5.73
C LYS C 271 8.69 7.08 -4.47
N PRO C 272 7.36 6.96 -4.61
CA PRO C 272 6.56 6.89 -3.39
C PRO C 272 6.87 5.60 -2.65
N ALA C 273 6.99 5.65 -1.33
CA ALA C 273 7.30 4.44 -0.56
C ALA C 273 6.86 4.58 0.89
N ALA C 274 6.26 3.53 1.43
CA ALA C 274 5.82 3.55 2.81
C ALA C 274 6.97 3.70 3.80
N ILE C 275 8.16 3.23 3.42
CA ILE C 275 9.31 3.34 4.29
C ILE C 275 9.67 4.79 4.65
N ASN C 276 9.54 5.71 3.70
CA ASN C 276 9.83 7.11 3.99
C ASN C 276 8.78 7.69 4.93
N TRP C 277 7.54 7.27 4.74
CA TRP C 277 6.40 7.74 5.53
C TRP C 277 6.53 7.28 6.98
N ILE C 278 6.89 6.02 7.16
CA ILE C 278 7.00 5.43 8.46
C ILE C 278 8.33 5.69 9.20
N GLU C 279 9.44 5.74 8.48
CA GLU C 279 10.73 5.96 9.14
C GLU C 279 11.29 7.37 8.98
N GLY C 280 10.71 8.14 8.07
CA GLY C 280 11.20 9.47 7.80
C GLY C 280 12.38 9.41 6.86
N ARG C 281 12.67 10.53 6.22
CA ARG C 281 13.82 10.62 5.31
C ARG C 281 14.10 12.11 5.24
N GLY C 282 15.37 12.51 5.43
CA GLY C 282 15.68 13.93 5.44
C GLY C 282 15.15 14.47 6.76
N LYS C 283 14.34 15.52 6.70
CA LYS C 283 13.79 16.11 7.90
C LYS C 283 12.33 15.80 8.17
N SER C 284 12.02 15.37 9.38
CA SER C 284 10.65 15.11 9.79
C SER C 284 10.27 16.35 10.58
N VAL C 285 9.15 16.96 10.23
CA VAL C 285 8.74 18.21 10.84
C VAL C 285 7.25 18.21 11.17
N VAL C 286 6.89 18.96 12.20
CA VAL C 286 5.49 19.11 12.57
C VAL C 286 5.28 20.60 12.81
N CYS C 287 4.13 21.09 12.40
CA CYS C 287 3.78 22.49 12.55
C CYS C 287 2.35 22.55 13.08
N GLU C 288 2.01 23.63 13.79
CA GLU C 288 0.65 23.79 14.35
C GLU C 288 0.29 25.26 14.59
N ALA C 289 -1.01 25.52 14.65
CA ALA C 289 -1.52 26.87 14.90
C ALA C 289 -2.97 26.78 15.33
N VAL C 290 -3.47 27.86 15.94
CA VAL C 290 -4.87 27.91 16.35
C VAL C 290 -5.45 29.16 15.72
N ILE C 291 -6.52 29.00 14.97
CA ILE C 291 -7.14 30.13 14.31
C ILE C 291 -8.41 30.51 15.05
N PRO C 292 -8.47 31.74 15.60
CA PRO C 292 -9.64 32.23 16.33
C PRO C 292 -10.88 32.15 15.46
N ALA C 293 -12.02 31.78 16.04
CA ALA C 293 -13.27 31.66 15.32
C ALA C 293 -13.58 32.86 14.43
N LYS C 294 -13.31 34.05 14.96
CA LYS C 294 -13.56 35.29 14.24
C LYS C 294 -12.73 35.33 12.95
N VAL C 295 -11.47 34.95 13.05
CA VAL C 295 -10.58 34.94 11.89
C VAL C 295 -11.03 33.91 10.85
N VAL C 296 -11.59 32.80 11.30
CA VAL C 296 -12.08 31.76 10.39
C VAL C 296 -13.25 32.30 9.60
N ARG C 297 -14.12 33.06 10.27
CA ARG C 297 -15.29 33.64 9.60
C ARG C 297 -14.93 34.77 8.67
N GLU C 298 -14.07 35.67 9.14
CA GLU C 298 -13.71 36.85 8.37
C GLU C 298 -12.65 36.72 7.29
N VAL C 299 -11.57 36.03 7.59
CA VAL C 299 -10.50 35.85 6.62
C VAL C 299 -10.75 34.62 5.73
N LEU C 300 -11.16 33.52 6.33
CA LEU C 300 -11.39 32.27 5.60
C LEU C 300 -12.81 32.05 5.07
N LYS C 301 -13.75 32.92 5.45
CA LYS C 301 -15.13 32.85 4.98
C LYS C 301 -15.87 31.55 5.26
N THR C 302 -15.64 30.94 6.40
CA THR C 302 -16.30 29.67 6.72
C THR C 302 -16.32 29.51 8.24
N THR C 303 -16.64 28.32 8.71
CA THR C 303 -16.69 28.03 10.13
C THR C 303 -15.72 26.91 10.49
N THR C 304 -15.35 26.86 11.77
CA THR C 304 -14.45 25.84 12.24
C THR C 304 -15.08 24.48 12.01
N GLU C 305 -16.38 24.37 12.29
CA GLU C 305 -17.10 23.13 12.12
C GLU C 305 -17.07 22.60 10.67
N ALA C 306 -17.28 23.49 9.70
CA ALA C 306 -17.27 23.10 8.30
C ALA C 306 -15.87 22.63 7.86
N MET C 307 -14.84 23.32 8.33
CA MET C 307 -13.45 22.99 8.03
C MET C 307 -13.13 21.59 8.52
N ILE C 308 -13.47 21.35 9.77
CA ILE C 308 -13.21 20.05 10.37
C ILE C 308 -13.87 18.93 9.62
N GLU C 309 -15.11 19.13 9.22
CA GLU C 309 -15.87 18.13 8.49
C GLU C 309 -15.24 17.85 7.12
N VAL C 310 -14.72 18.89 6.46
CA VAL C 310 -14.09 18.73 5.17
C VAL C 310 -12.76 17.99 5.32
N ASN C 311 -11.98 18.38 6.34
CA ASN C 311 -10.69 17.76 6.59
C ASN C 311 -10.81 16.26 6.86
N ILE C 312 -11.75 15.87 7.71
CA ILE C 312 -11.91 14.47 8.01
C ILE C 312 -12.35 13.65 6.80
N ASN C 313 -13.36 14.14 6.10
CA ASN C 313 -13.90 13.42 4.96
C ASN C 313 -13.14 13.47 3.61
N LYS C 314 -12.21 14.43 3.50
CA LYS C 314 -11.38 14.59 2.33
C LYS C 314 -9.98 14.05 2.61
N ASN C 315 -9.29 14.70 3.56
CA ASN C 315 -7.92 14.35 3.88
C ASN C 315 -7.73 13.05 4.60
N LEU C 316 -8.75 12.57 5.29
CA LEU C 316 -8.61 11.30 5.97
C LEU C 316 -9.37 10.21 5.23
N VAL C 317 -10.69 10.30 5.20
CA VAL C 317 -11.50 9.27 4.60
C VAL C 317 -11.32 9.19 3.07
N GLY C 318 -11.29 10.32 2.40
CA GLY C 318 -11.11 10.32 0.95
C GLY C 318 -9.77 9.71 0.56
N SER C 319 -8.70 10.15 1.22
CA SER C 319 -7.38 9.60 0.94
C SER C 319 -7.34 8.11 1.25
N ALA C 320 -8.04 7.70 2.31
CA ALA C 320 -8.09 6.27 2.63
C ALA C 320 -8.82 5.49 1.53
N MET C 321 -9.95 6.00 1.06
CA MET C 321 -10.70 5.33 0.00
C MET C 321 -9.87 5.25 -1.30
N ALA C 322 -9.02 6.23 -1.56
CA ALA C 322 -8.19 6.26 -2.76
C ALA C 322 -6.94 5.36 -2.66
N GLY C 323 -6.73 4.77 -1.48
CA GLY C 323 -5.55 3.92 -1.27
C GLY C 323 -4.26 4.72 -1.20
N SER C 324 -4.29 5.83 -0.47
CA SER C 324 -3.08 6.64 -0.33
C SER C 324 -2.17 6.23 0.81
N ILE C 325 -0.86 6.31 0.58
CA ILE C 325 0.11 6.05 1.62
C ILE C 325 0.80 7.42 1.69
N GLY C 326 0.59 8.17 2.77
CA GLY C 326 1.25 9.47 2.90
C GLY C 326 0.60 10.70 2.27
N GLY C 327 -0.53 10.52 1.59
CA GLY C 327 -1.18 11.65 0.95
C GLY C 327 -2.43 12.13 1.65
N TYR C 328 -2.35 12.31 2.97
CA TYR C 328 -3.49 12.77 3.79
C TYR C 328 -3.53 14.30 3.95
N ASN C 329 -3.55 14.99 2.82
CA ASN C 329 -3.50 16.42 2.81
C ASN C 329 -4.20 16.89 1.55
N ALA C 330 -4.39 18.19 1.43
CA ALA C 330 -5.09 18.70 0.29
C ALA C 330 -4.17 19.04 -0.89
N HIS C 331 -3.10 19.77 -0.64
CA HIS C 331 -2.21 20.13 -1.74
C HIS C 331 -0.82 20.52 -1.30
N ALA C 332 -0.27 19.80 -0.34
CA ALA C 332 1.08 20.10 0.10
C ALA C 332 2.09 20.15 -1.06
N ALA C 333 1.93 19.27 -2.05
CA ALA C 333 2.86 19.24 -3.19
C ALA C 333 2.95 20.60 -3.91
N ASN C 334 1.84 21.32 -3.97
CA ASN C 334 1.84 22.64 -4.61
C ASN C 334 2.80 23.58 -3.95
N ILE C 335 2.79 23.60 -2.61
CA ILE C 335 3.66 24.51 -1.85
C ILE C 335 5.09 24.03 -1.87
N VAL C 336 5.28 22.73 -1.64
CA VAL C 336 6.64 22.18 -1.66
C VAL C 336 7.33 22.48 -3.00
N THR C 337 6.61 22.23 -4.09
CA THR C 337 7.17 22.42 -5.42
C THR C 337 7.54 23.86 -5.70
N ALA C 338 6.65 24.78 -5.34
CA ALA C 338 6.89 26.19 -5.60
C ALA C 338 8.08 26.70 -4.83
N ILE C 339 8.25 26.28 -3.58
CA ILE C 339 9.38 26.72 -2.79
C ILE C 339 10.66 26.04 -3.27
N TYR C 340 10.56 24.76 -3.60
CA TYR C 340 11.73 24.02 -4.07
C TYR C 340 12.34 24.65 -5.32
N ILE C 341 11.49 25.01 -6.27
CA ILE C 341 11.97 25.61 -7.52
C ILE C 341 12.62 26.98 -7.24
N ALA C 342 11.97 27.79 -6.40
CA ALA C 342 12.46 29.10 -6.04
C ALA C 342 13.79 29.02 -5.31
N CYS C 343 13.95 28.02 -4.46
CA CYS C 343 15.15 27.89 -3.65
C CYS C 343 16.24 26.94 -4.13
N GLY C 344 16.18 26.53 -5.40
CA GLY C 344 17.22 25.66 -5.90
C GLY C 344 17.27 24.25 -5.36
N GLN C 345 16.13 23.74 -4.88
CA GLN C 345 16.08 22.37 -4.38
C GLN C 345 15.89 21.44 -5.57
N ASP C 346 15.96 20.15 -5.31
CA ASP C 346 15.75 19.17 -6.37
C ASP C 346 14.24 18.98 -6.44
N ALA C 347 13.60 19.56 -7.45
CA ALA C 347 12.15 19.47 -7.59
C ALA C 347 11.60 18.06 -7.74
N ALA C 348 12.38 17.14 -8.26
CA ALA C 348 11.92 15.77 -8.43
C ALA C 348 11.66 15.16 -7.05
N GLN C 349 12.30 15.73 -6.04
CA GLN C 349 12.08 15.25 -4.68
C GLN C 349 10.72 15.63 -4.06
N ASN C 350 9.87 16.35 -4.78
CA ASN C 350 8.55 16.64 -4.21
C ASN C 350 7.77 15.33 -4.08
N VAL C 351 8.21 14.29 -4.78
CA VAL C 351 7.51 13.01 -4.69
C VAL C 351 7.41 12.57 -3.22
N GLY C 352 8.53 12.46 -2.53
CA GLY C 352 8.45 12.08 -1.12
C GLY C 352 8.38 13.27 -0.14
N SER C 353 8.93 14.41 -0.55
CA SER C 353 8.94 15.58 0.33
C SER C 353 7.56 16.11 0.69
N SER C 354 6.62 15.86 -0.21
CA SER C 354 5.23 16.25 -0.09
C SER C 354 4.39 15.38 0.86
N ASN C 355 4.93 14.25 1.33
CA ASN C 355 4.16 13.41 2.26
C ASN C 355 3.69 14.32 3.41
N CYS C 356 2.42 14.22 3.76
CA CYS C 356 1.90 15.07 4.79
C CYS C 356 0.52 14.64 5.27
N ILE C 357 0.32 14.71 6.58
CA ILE C 357 -0.99 14.46 7.15
C ILE C 357 -1.45 15.77 7.82
N THR C 358 -2.55 16.30 7.33
CA THR C 358 -3.14 17.54 7.82
C THR C 358 -4.29 17.20 8.77
N LEU C 359 -4.23 17.69 10.01
CA LEU C 359 -5.27 17.42 11.00
C LEU C 359 -5.90 18.71 11.54
N MET C 360 -7.22 18.66 11.71
CA MET C 360 -7.96 19.79 12.22
C MET C 360 -8.90 19.41 13.35
N GLU C 361 -9.04 20.29 14.34
CA GLU C 361 -9.97 20.02 15.42
C GLU C 361 -10.44 21.28 16.15
N ALA C 362 -11.60 21.13 16.81
CA ALA C 362 -12.19 22.23 17.57
C ALA C 362 -11.31 22.56 18.76
N SER C 363 -11.12 23.85 19.00
CA SER C 363 -10.30 24.30 20.12
C SER C 363 -10.96 25.49 20.83
N GLY C 364 -10.38 25.87 21.98
CA GLY C 364 -10.88 27.00 22.74
C GLY C 364 -11.98 26.72 23.77
N PRO C 365 -12.39 27.75 24.54
CA PRO C 365 -13.43 27.66 25.58
C PRO C 365 -14.79 27.34 24.96
N THR C 366 -15.11 28.02 23.88
CA THR C 366 -16.37 27.78 23.17
C THR C 366 -16.25 26.64 22.17
N ASN C 367 -15.03 26.10 22.01
CA ASN C 367 -14.77 25.02 21.07
C ASN C 367 -15.13 25.50 19.67
N GLU C 368 -14.87 26.78 19.41
CA GLU C 368 -15.18 27.36 18.11
C GLU C 368 -13.93 27.79 17.34
N ASP C 369 -12.77 27.70 17.98
CA ASP C 369 -11.53 28.07 17.32
C ASP C 369 -10.97 26.82 16.61
N LEU C 370 -10.29 27.05 15.48
CA LEU C 370 -9.73 25.97 14.68
C LEU C 370 -8.29 25.61 14.99
N TYR C 371 -8.05 24.43 15.55
CA TYR C 371 -6.68 23.98 15.78
C TYR C 371 -6.27 23.22 14.50
N ILE C 372 -5.08 23.50 13.99
CA ILE C 372 -4.59 22.82 12.80
C ILE C 372 -3.15 22.43 12.94
N SER C 373 -2.81 21.26 12.42
CA SER C 373 -1.43 20.78 12.40
C SER C 373 -1.11 20.05 11.08
N CYS C 374 0.16 20.13 10.68
CA CYS C 374 0.67 19.45 9.48
C CYS C 374 1.93 18.74 9.91
N THR C 375 2.01 17.46 9.60
CA THR C 375 3.15 16.64 9.95
C THR C 375 3.74 16.11 8.65
N MET C 376 5.02 16.41 8.43
CA MET C 376 5.74 16.03 7.22
C MET C 376 6.99 15.29 7.62
N PRO C 377 6.94 13.96 7.54
CA PRO C 377 8.06 13.09 7.91
C PRO C 377 9.24 12.96 6.98
N SER C 378 9.14 13.49 5.77
CA SER C 378 10.24 13.28 4.86
C SER C 378 10.58 14.42 3.89
N ILE C 379 10.90 15.58 4.46
CA ILE C 379 11.28 16.73 3.69
C ILE C 379 12.77 16.62 3.34
N GLU C 380 13.07 16.40 2.06
CA GLU C 380 14.46 16.28 1.56
C GLU C 380 14.82 17.68 1.10
N ILE C 381 15.75 18.31 1.83
CA ILE C 381 16.09 19.70 1.57
C ILE C 381 17.52 20.05 1.96
N GLY C 382 18.01 21.16 1.40
CA GLY C 382 19.36 21.59 1.66
C GLY C 382 19.56 23.05 1.29
N THR C 383 20.57 23.70 1.87
CA THR C 383 20.83 25.11 1.58
C THR C 383 22.24 25.31 1.02
N VAL C 384 22.93 24.20 0.77
CA VAL C 384 24.26 24.20 0.20
C VAL C 384 24.30 23.11 -0.88
N GLY C 385 24.95 23.39 -2.01
CA GLY C 385 25.07 22.41 -3.08
C GLY C 385 23.94 22.42 -4.10
N GLY C 386 24.19 21.72 -5.21
CA GLY C 386 23.20 21.64 -6.28
C GLY C 386 22.76 22.99 -6.79
N GLY C 387 21.46 23.13 -7.02
CA GLY C 387 20.93 24.38 -7.53
C GLY C 387 21.05 25.54 -6.56
N THR C 388 21.37 25.25 -5.30
CA THR C 388 21.51 26.34 -4.33
C THR C 388 22.83 27.06 -4.55
N ASN C 389 23.67 26.54 -5.44
CA ASN C 389 24.94 27.19 -5.75
C ASN C 389 24.75 28.33 -6.75
N LEU C 390 23.58 28.39 -7.39
CA LEU C 390 23.29 29.44 -8.37
C LEU C 390 22.80 30.72 -7.68
N LEU C 391 23.17 31.87 -8.22
CA LEU C 391 22.83 33.16 -7.62
C LEU C 391 21.35 33.51 -7.47
N PRO C 392 20.54 33.34 -8.53
CA PRO C 392 19.13 33.67 -8.37
C PRO C 392 18.45 32.86 -7.26
N GLN C 393 18.76 31.57 -7.18
CA GLN C 393 18.15 30.78 -6.11
C GLN C 393 18.75 31.11 -4.75
N GLN C 394 20.03 31.51 -4.71
CA GLN C 394 20.66 31.92 -3.45
C GLN C 394 19.92 33.17 -2.94
N ALA C 395 19.43 33.96 -3.87
CA ALA C 395 18.69 35.18 -3.51
C ALA C 395 17.40 34.83 -2.77
N CYS C 396 16.72 33.78 -3.21
CA CYS C 396 15.49 33.35 -2.56
C CYS C 396 15.79 32.77 -1.17
N LEU C 397 16.90 32.07 -1.04
CA LEU C 397 17.32 31.51 0.23
C LEU C 397 17.72 32.64 1.20
N GLN C 398 18.37 33.69 0.69
CA GLN C 398 18.78 34.85 1.51
C GLN C 398 17.55 35.54 2.03
N MET C 399 16.54 35.64 1.18
CA MET C 399 15.26 36.25 1.54
C MET C 399 14.70 35.59 2.80
N LEU C 400 14.99 34.30 2.97
CA LEU C 400 14.53 33.52 4.12
C LEU C 400 15.59 33.47 5.22
N GLY C 401 16.78 33.97 4.91
CA GLY C 401 17.86 33.99 5.87
C GLY C 401 18.50 32.64 6.10
N VAL C 402 18.44 31.77 5.10
CA VAL C 402 19.00 30.43 5.24
C VAL C 402 20.00 30.02 4.15
N GLN C 403 20.53 30.98 3.42
CA GLN C 403 21.46 30.67 2.35
C GLN C 403 22.78 30.11 2.84
N GLY C 404 23.24 29.04 2.19
CA GLY C 404 24.52 28.45 2.56
C GLY C 404 24.61 27.75 3.90
N ALA C 405 25.84 27.44 4.26
CA ALA C 405 26.14 26.74 5.50
C ALA C 405 26.03 27.60 6.74
N CYS C 406 25.74 26.94 7.85
CA CYS C 406 25.65 27.62 9.13
C CYS C 406 26.96 27.23 9.82
N LYS C 407 27.89 28.18 9.83
CA LYS C 407 29.21 28.02 10.43
C LYS C 407 29.20 27.45 11.85
N ASP C 408 28.46 28.11 12.73
CA ASP C 408 28.39 27.74 14.14
C ASP C 408 27.44 26.63 14.56
N ASN C 409 26.45 26.36 13.71
CA ASN C 409 25.46 25.32 13.99
C ASN C 409 25.08 24.62 12.67
N PRO C 410 26.03 23.83 12.13
CA PRO C 410 25.87 23.08 10.88
C PRO C 410 24.54 22.32 10.81
N GLY C 411 23.77 22.63 9.77
CA GLY C 411 22.47 21.99 9.58
C GLY C 411 21.33 22.89 9.96
N GLU C 412 21.62 23.91 10.74
CA GLU C 412 20.59 24.83 11.20
C GLU C 412 19.84 25.57 10.09
N ASN C 413 20.53 25.92 9.02
CA ASN C 413 19.89 26.62 7.91
C ASN C 413 18.91 25.66 7.20
N ALA C 414 19.35 24.42 6.98
CA ALA C 414 18.51 23.40 6.33
C ALA C 414 17.30 23.07 7.23
N ARG C 415 17.52 22.97 8.53
CA ARG C 415 16.41 22.69 9.45
C ARG C 415 15.43 23.85 9.45
N GLN C 416 15.96 25.08 9.42
CA GLN C 416 15.09 26.26 9.39
C GLN C 416 14.26 26.24 8.12
N LEU C 417 14.90 25.93 6.99
CA LEU C 417 14.16 25.87 5.71
C LEU C 417 13.04 24.82 5.74
N ALA C 418 13.32 23.68 6.34
CA ALA C 418 12.30 22.62 6.45
C ALA C 418 11.11 23.10 7.26
N ARG C 419 11.37 23.82 8.36
CA ARG C 419 10.27 24.33 9.20
C ARG C 419 9.45 25.32 8.40
N ILE C 420 10.13 26.16 7.62
CA ILE C 420 9.45 27.15 6.77
C ILE C 420 8.52 26.45 5.75
N VAL C 421 9.02 25.38 5.16
CA VAL C 421 8.22 24.62 4.19
C VAL C 421 6.97 24.06 4.85
N CYS C 422 7.14 23.44 6.01
CA CYS C 422 6.00 22.85 6.74
C CYS C 422 5.00 23.92 7.13
N GLY C 423 5.51 25.09 7.56
CA GLY C 423 4.63 26.19 7.96
C GLY C 423 3.86 26.75 6.79
N THR C 424 4.53 26.89 5.63
CA THR C 424 3.85 27.40 4.44
C THR C 424 2.82 26.39 3.92
N VAL C 425 3.15 25.10 4.01
CA VAL C 425 2.22 24.04 3.59
C VAL C 425 0.96 24.16 4.46
N MET C 426 1.15 24.41 5.75
CA MET C 426 -0.01 24.55 6.65
C MET C 426 -0.85 25.77 6.26
N ALA C 427 -0.19 26.87 5.89
CA ALA C 427 -0.92 28.06 5.45
C ALA C 427 -1.70 27.71 4.18
N GLY C 428 -1.07 26.97 3.27
CA GLY C 428 -1.75 26.60 2.04
C GLY C 428 -2.91 25.65 2.29
N GLU C 429 -2.74 24.72 3.23
CA GLU C 429 -3.80 23.77 3.59
C GLU C 429 -5.00 24.52 4.17
N LEU C 430 -4.71 25.44 5.08
CA LEU C 430 -5.74 26.26 5.70
C LEU C 430 -6.62 26.95 4.66
N SER C 431 -5.97 27.68 3.76
CA SER C 431 -6.70 28.43 2.74
C SER C 431 -7.50 27.61 1.76
N LEU C 432 -6.89 26.56 1.20
CA LEU C 432 -7.63 25.75 0.25
C LEU C 432 -8.77 24.99 0.92
N MET C 433 -8.55 24.50 2.13
CA MET C 433 -9.63 23.77 2.81
C MET C 433 -10.81 24.71 3.07
N ALA C 434 -10.52 25.96 3.43
CA ALA C 434 -11.59 26.94 3.68
C ALA C 434 -12.38 27.14 2.41
N ALA C 435 -11.69 27.30 1.28
CA ALA C 435 -12.40 27.52 0.04
C ALA C 435 -13.24 26.30 -0.39
N LEU C 436 -12.77 25.10 -0.04
CA LEU C 436 -13.53 23.90 -0.37
C LEU C 436 -14.73 23.81 0.57
N ALA C 437 -14.50 24.13 1.84
CA ALA C 437 -15.56 24.11 2.85
C ALA C 437 -16.64 25.16 2.52
N ALA C 438 -16.19 26.32 2.07
CA ALA C 438 -17.09 27.44 1.74
C ALA C 438 -18.01 27.20 0.56
N GLY C 439 -17.56 26.39 -0.41
CA GLY C 439 -18.37 26.12 -1.58
C GLY C 439 -17.85 26.92 -2.75
N TYR D 58 -0.15 44.07 -4.26
CA TYR D 58 -0.50 43.23 -5.45
C TYR D 58 -1.44 43.98 -6.39
N LYS D 59 -1.93 45.12 -5.91
CA LYS D 59 -2.84 45.96 -6.69
C LYS D 59 -2.08 46.94 -7.56
N LEU D 60 -0.74 46.84 -7.58
CA LEU D 60 0.08 47.74 -8.37
C LEU D 60 -0.23 47.76 -9.86
N GLU D 61 -0.34 46.60 -10.49
CA GLU D 61 -0.66 46.55 -11.91
C GLU D 61 -2.14 46.88 -12.14
N THR D 62 -2.84 47.14 -11.05
CA THR D 62 -4.25 47.52 -11.06
C THR D 62 -4.29 49.06 -11.07
N LEU D 63 -3.15 49.68 -10.78
CA LEU D 63 -3.04 51.13 -10.73
C LEU D 63 -2.03 51.63 -11.77
N ILE D 64 -0.75 51.42 -11.47
CA ILE D 64 0.38 51.84 -12.33
C ILE D 64 0.25 51.37 -13.78
N GLU D 65 1.06 52.00 -14.63
CA GLU D 65 1.07 51.71 -16.06
C GLU D 65 1.90 50.48 -16.49
N THR D 66 3.23 50.59 -16.42
CA THR D 66 4.10 49.48 -16.82
C THR D 66 4.09 48.31 -15.83
N HIS D 67 4.11 47.09 -16.36
CA HIS D 67 4.14 45.88 -15.56
C HIS D 67 5.47 45.78 -14.82
N GLU D 68 6.55 46.01 -15.57
CA GLU D 68 7.91 45.95 -15.04
C GLU D 68 8.12 46.90 -13.86
N ARG D 69 7.42 48.04 -13.88
CA ARG D 69 7.50 49.03 -12.82
C ARG D 69 6.83 48.50 -11.56
N GLY D 70 5.65 47.91 -11.75
CA GLY D 70 4.91 47.37 -10.62
C GLY D 70 5.75 46.35 -9.87
N VAL D 71 6.52 45.57 -10.63
CA VAL D 71 7.38 44.55 -10.05
C VAL D 71 8.52 45.19 -9.28
N SER D 72 9.09 46.24 -9.85
CA SER D 72 10.20 46.95 -9.21
C SER D 72 9.70 47.50 -7.88
N ILE D 73 8.53 48.12 -7.91
CA ILE D 73 7.94 48.68 -6.69
C ILE D 73 7.64 47.60 -5.65
N ARG D 74 6.99 46.51 -6.08
CA ARG D 74 6.68 45.41 -5.16
C ARG D 74 7.98 44.92 -4.52
N ARG D 75 9.06 44.92 -5.30
CA ARG D 75 10.36 44.48 -4.79
C ARG D 75 10.86 45.47 -3.74
N GLN D 76 10.68 46.76 -4.02
CA GLN D 76 11.12 47.80 -3.10
C GLN D 76 10.39 47.66 -1.75
N LEU D 77 9.06 47.56 -1.83
CA LEU D 77 8.22 47.40 -0.64
C LEU D 77 8.65 46.19 0.16
N LEU D 78 8.78 45.05 -0.53
CA LEU D 78 9.21 43.80 0.11
C LEU D 78 10.57 43.98 0.77
N SER D 79 11.47 44.66 0.06
CA SER D 79 12.84 44.91 0.52
C SER D 79 12.91 45.42 1.95
N LYS D 80 11.97 46.30 2.30
CA LYS D 80 11.92 46.90 3.63
C LYS D 80 11.68 45.88 4.73
N LYS D 81 10.99 44.79 4.39
CA LYS D 81 10.67 43.73 5.35
C LYS D 81 11.72 42.64 5.49
N LEU D 82 12.74 42.66 4.64
CA LEU D 82 13.77 41.62 4.71
C LEU D 82 14.90 41.91 5.65
N SER D 83 15.42 40.85 6.25
CA SER D 83 16.54 40.93 7.19
C SER D 83 17.85 41.07 6.40
N GLU D 84 17.73 41.11 5.08
CA GLU D 84 18.85 41.24 4.15
C GLU D 84 18.22 41.86 2.90
N PRO D 85 17.99 43.17 2.88
CA PRO D 85 17.37 43.81 1.70
C PRO D 85 18.16 43.66 0.39
N SER D 86 19.47 43.41 0.48
CA SER D 86 20.30 43.23 -0.71
C SER D 86 20.15 41.86 -1.36
N SER D 87 19.45 40.95 -0.69
CA SER D 87 19.26 39.60 -1.20
C SER D 87 18.63 39.57 -2.59
N LEU D 88 17.60 40.37 -2.81
CA LEU D 88 16.96 40.39 -4.12
C LEU D 88 17.87 40.84 -5.25
N GLN D 89 19.06 41.29 -4.90
CA GLN D 89 20.05 41.76 -5.86
C GLN D 89 20.21 40.81 -7.06
N TYR D 90 20.36 39.52 -6.80
CA TYR D 90 20.54 38.58 -7.89
C TYR D 90 19.32 37.85 -8.41
N LEU D 91 18.14 38.29 -7.97
CA LEU D 91 16.90 37.71 -8.46
C LEU D 91 16.46 38.60 -9.61
N PRO D 92 16.55 38.10 -10.84
CA PRO D 92 16.17 38.85 -12.04
C PRO D 92 14.69 39.20 -12.10
N TYR D 93 14.35 40.21 -12.89
CA TYR D 93 12.97 40.64 -13.03
C TYR D 93 12.77 41.50 -14.26
N ARG D 94 13.85 42.09 -14.75
CA ARG D 94 13.78 42.98 -15.90
C ARG D 94 13.66 42.27 -17.24
N ASP D 95 12.99 42.93 -18.18
CA ASP D 95 12.84 42.44 -19.54
C ASP D 95 12.11 41.10 -19.65
N TYR D 96 11.11 40.91 -18.80
CA TYR D 96 10.33 39.69 -18.84
C TYR D 96 8.90 40.08 -19.16
N ASN D 97 8.24 39.26 -19.96
CA ASN D 97 6.86 39.53 -20.36
C ASN D 97 5.84 39.18 -19.27
N TYR D 98 5.63 40.11 -18.34
CA TYR D 98 4.68 39.92 -17.24
C TYR D 98 3.21 39.96 -17.63
N SER D 99 2.92 40.46 -18.83
CA SER D 99 1.54 40.58 -19.29
C SER D 99 0.79 39.26 -19.25
N LEU D 100 1.45 38.20 -19.72
CA LEU D 100 0.86 36.86 -19.75
C LEU D 100 0.79 36.20 -18.36
N VAL D 101 1.70 36.60 -17.48
CA VAL D 101 1.76 36.06 -16.12
C VAL D 101 0.70 36.67 -15.22
N MET D 102 0.57 37.99 -15.26
CA MET D 102 -0.38 38.71 -14.40
C MET D 102 -1.82 38.29 -14.59
N GLY D 103 -2.46 37.97 -13.47
CA GLY D 103 -3.85 37.54 -13.50
C GLY D 103 -4.08 36.19 -14.16
N ALA D 104 -3.04 35.37 -14.23
CA ALA D 104 -3.18 34.06 -14.86
C ALA D 104 -2.28 32.97 -14.29
N CYS D 105 -1.01 33.28 -14.08
CA CYS D 105 -0.06 32.28 -13.59
C CYS D 105 0.58 32.48 -12.22
N CYS D 106 0.62 33.71 -11.74
CA CYS D 106 1.26 33.99 -10.46
C CYS D 106 0.79 35.34 -9.89
N GLU D 107 0.96 35.52 -8.58
CA GLU D 107 0.56 36.77 -7.93
C GLU D 107 1.70 37.24 -7.05
N ASN D 108 1.67 38.53 -6.67
CA ASN D 108 2.72 39.11 -5.82
C ASN D 108 4.08 38.87 -6.43
N VAL D 109 4.16 39.05 -7.74
CA VAL D 109 5.39 38.81 -8.48
C VAL D 109 6.55 39.72 -8.17
N ILE D 110 7.69 39.12 -7.84
CA ILE D 110 8.90 39.87 -7.51
C ILE D 110 10.03 39.54 -8.47
N GLY D 111 9.71 38.84 -9.55
CA GLY D 111 10.74 38.46 -10.51
C GLY D 111 10.50 37.07 -11.07
N TYR D 112 11.58 36.44 -11.55
CA TYR D 112 11.50 35.11 -12.12
C TYR D 112 12.73 34.30 -11.76
N MET D 113 12.56 32.97 -11.71
CA MET D 113 13.66 32.06 -11.38
C MET D 113 14.10 31.33 -12.65
N PRO D 114 15.34 31.56 -13.10
CA PRO D 114 15.86 30.90 -14.30
C PRO D 114 16.31 29.50 -14.01
N ILE D 115 15.77 28.53 -14.74
CA ILE D 115 16.17 27.13 -14.58
C ILE D 115 16.93 26.72 -15.86
N PRO D 116 18.17 26.25 -15.73
CA PRO D 116 18.91 25.85 -16.93
C PRO D 116 18.16 24.81 -17.77
N VAL D 117 18.12 25.01 -19.09
CA VAL D 117 17.48 24.06 -19.98
C VAL D 117 18.54 23.36 -20.85
N GLY D 118 18.59 22.03 -20.72
CA GLY D 118 19.52 21.23 -21.50
C GLY D 118 18.73 20.43 -22.53
N VAL D 119 19.41 19.78 -23.46
CA VAL D 119 18.72 19.00 -24.49
C VAL D 119 19.22 17.58 -24.58
N ALA D 120 18.28 16.65 -24.61
CA ALA D 120 18.63 15.23 -24.73
C ALA D 120 18.01 14.74 -26.03
N GLY D 121 18.83 14.06 -26.83
CA GLY D 121 18.32 13.56 -28.09
C GLY D 121 19.40 13.30 -29.14
N PRO D 122 19.01 12.87 -30.34
CA PRO D 122 17.62 12.65 -30.70
C PRO D 122 17.00 11.43 -30.04
N LEU D 123 15.72 11.52 -29.75
CA LEU D 123 14.97 10.41 -29.17
C LEU D 123 14.22 9.80 -30.35
N CYS D 124 14.59 8.58 -30.73
CA CYS D 124 13.94 7.89 -31.84
C CYS D 124 12.72 7.17 -31.30
N LEU D 125 11.56 7.77 -31.56
CA LEU D 125 10.32 7.24 -31.04
C LEU D 125 9.22 7.18 -32.10
N ASP D 126 8.66 6.00 -32.28
CA ASP D 126 7.59 5.81 -33.26
C ASP D 126 8.00 6.36 -34.64
N GLU D 127 9.23 6.05 -35.05
CA GLU D 127 9.78 6.49 -36.33
C GLU D 127 9.94 8.00 -36.51
N LYS D 128 10.07 8.71 -35.41
CA LYS D 128 10.29 10.16 -35.46
C LYS D 128 11.48 10.43 -34.58
N GLU D 129 12.04 11.63 -34.67
CA GLU D 129 13.19 11.99 -33.86
C GLU D 129 12.85 13.24 -33.08
N PHE D 130 13.07 13.19 -31.77
CA PHE D 130 12.75 14.33 -30.91
C PHE D 130 13.96 14.88 -30.18
N GLN D 131 14.00 16.20 -30.05
CA GLN D 131 15.07 16.89 -29.33
C GLN D 131 14.33 17.32 -28.05
N VAL D 132 14.61 16.62 -26.97
CA VAL D 132 13.92 16.84 -25.70
C VAL D 132 14.50 17.84 -24.73
N PRO D 133 13.77 18.93 -24.46
CA PRO D 133 14.18 19.99 -23.53
C PRO D 133 14.00 19.52 -22.08
N MET D 134 15.02 19.74 -21.24
CA MET D 134 15.00 19.35 -19.84
C MET D 134 15.50 20.45 -18.95
N ALA D 135 14.60 20.99 -18.12
CA ALA D 135 14.93 22.05 -17.19
C ALA D 135 15.35 21.42 -15.86
N THR D 136 16.60 21.59 -15.49
CA THR D 136 17.07 20.98 -14.26
C THR D 136 18.33 21.62 -13.67
N THR D 137 18.60 21.32 -12.41
CA THR D 137 19.80 21.83 -11.78
C THR D 137 20.60 20.64 -11.25
N GLU D 138 20.21 19.44 -11.67
CA GLU D 138 20.93 18.24 -11.23
C GLU D 138 21.97 17.86 -12.27
N GLY D 139 23.23 17.93 -11.86
CA GLY D 139 24.31 17.61 -12.78
C GLY D 139 24.32 16.18 -13.27
N CYS D 140 24.64 16.02 -14.55
CA CYS D 140 24.73 14.73 -15.21
C CYS D 140 23.41 14.10 -15.62
N LEU D 141 22.29 14.69 -15.20
CA LEU D 141 20.99 14.14 -15.56
C LEU D 141 20.73 14.22 -17.06
N VAL D 142 20.95 15.39 -17.65
CA VAL D 142 20.76 15.55 -19.09
C VAL D 142 21.75 14.65 -19.84
N ALA D 143 22.99 14.60 -19.39
CA ALA D 143 24.02 13.78 -20.04
C ALA D 143 23.64 12.31 -19.98
N SER D 144 23.21 11.86 -18.80
CA SER D 144 22.82 10.47 -18.65
C SER D 144 21.62 10.12 -19.54
N THR D 145 20.64 11.00 -19.61
CA THR D 145 19.45 10.76 -20.42
C THR D 145 19.82 10.71 -21.91
N ASN D 146 20.74 11.58 -22.30
CA ASN D 146 21.21 11.64 -23.68
C ASN D 146 21.88 10.31 -24.02
N ARG D 147 22.66 9.75 -23.09
CA ARG D 147 23.29 8.47 -23.36
C ARG D 147 22.22 7.41 -23.59
N GLY D 148 21.14 7.48 -22.81
CA GLY D 148 20.05 6.53 -22.94
C GLY D 148 19.42 6.63 -24.32
N CYS D 149 19.22 7.86 -24.78
CA CYS D 149 18.64 8.11 -26.09
C CYS D 149 19.50 7.49 -27.20
N ARG D 150 20.82 7.62 -27.04
CA ARG D 150 21.81 7.11 -27.98
C ARG D 150 21.65 5.60 -28.12
N ALA D 151 21.61 4.91 -26.99
CA ALA D 151 21.47 3.46 -26.99
C ALA D 151 20.19 3.02 -27.70
N ILE D 152 19.12 3.77 -27.48
CA ILE D 152 17.84 3.47 -28.11
C ILE D 152 17.91 3.68 -29.63
N GLY D 153 18.49 4.79 -30.06
CA GLY D 153 18.63 5.10 -31.48
C GLY D 153 19.43 4.04 -32.21
N LEU D 154 20.49 3.56 -31.59
CA LEU D 154 21.35 2.54 -32.16
C LEU D 154 20.63 1.19 -32.15
N GLY D 155 19.52 1.11 -31.41
CA GLY D 155 18.76 -0.13 -31.33
C GLY D 155 17.59 -0.15 -32.30
N GLY D 156 17.47 0.88 -33.13
CA GLY D 156 16.36 0.92 -34.05
C GLY D 156 15.15 1.69 -33.53
N GLY D 157 15.32 2.44 -32.44
CA GLY D 157 14.21 3.23 -31.93
C GLY D 157 13.22 2.56 -30.99
N ALA D 158 12.37 3.40 -30.39
CA ALA D 158 11.38 2.93 -29.44
C ALA D 158 9.97 3.09 -30.00
N SER D 159 9.05 2.28 -29.48
CA SER D 159 7.65 2.34 -29.89
C SER D 159 6.81 2.65 -28.64
N SER D 160 5.73 3.40 -28.80
CA SER D 160 4.88 3.72 -27.68
C SER D 160 3.44 3.77 -28.10
N ARG D 161 2.56 3.56 -27.13
CA ARG D 161 1.12 3.59 -27.32
C ARG D 161 0.42 4.27 -26.13
N VAL D 162 -0.60 5.05 -26.43
CA VAL D 162 -1.38 5.69 -25.40
C VAL D 162 -2.50 4.69 -25.18
N LEU D 163 -2.63 4.20 -23.94
CA LEU D 163 -3.64 3.19 -23.58
C LEU D 163 -4.97 3.75 -23.10
N ALA D 164 -4.93 4.94 -22.48
CA ALA D 164 -6.12 5.57 -21.95
C ALA D 164 -5.88 7.06 -21.80
N ASP D 165 -6.96 7.83 -21.85
CA ASP D 165 -6.86 9.28 -21.78
C ASP D 165 -8.06 9.84 -21.04
N GLY D 166 -7.82 10.48 -19.91
CA GLY D 166 -8.94 11.05 -19.17
C GLY D 166 -8.54 11.59 -17.82
N MET D 167 -8.65 12.91 -17.68
CA MET D 167 -8.37 13.60 -16.44
C MET D 167 -9.56 13.28 -15.49
N THR D 168 -9.35 13.38 -14.17
CA THR D 168 -10.40 13.08 -13.23
C THR D 168 -10.56 14.11 -12.11
N ARG D 169 -11.72 14.08 -11.46
CA ARG D 169 -12.04 14.92 -10.29
C ARG D 169 -12.92 14.00 -9.44
N GLY D 170 -12.58 13.85 -8.17
CA GLY D 170 -13.32 12.96 -7.30
C GLY D 170 -13.92 13.65 -6.08
N PRO D 171 -15.06 14.32 -6.25
CA PRO D 171 -15.74 15.03 -5.15
C PRO D 171 -16.33 14.05 -4.12
N VAL D 172 -16.59 14.57 -2.93
CA VAL D 172 -17.23 13.76 -1.90
C VAL D 172 -18.57 14.41 -1.52
N VAL D 173 -19.64 13.63 -1.57
CA VAL D 173 -20.98 14.08 -1.19
C VAL D 173 -21.44 13.23 0.00
N ARG D 174 -22.44 13.71 0.73
CA ARG D 174 -23.00 12.99 1.87
C ARG D 174 -24.52 12.92 1.80
N LEU D 175 -25.07 11.78 2.21
CA LEU D 175 -26.51 11.56 2.28
C LEU D 175 -26.82 11.39 3.77
N PRO D 176 -28.10 11.48 4.16
CA PRO D 176 -28.46 11.33 5.58
C PRO D 176 -28.08 9.98 6.13
N ARG D 177 -28.26 8.95 5.31
CA ARG D 177 -27.95 7.59 5.72
C ARG D 177 -27.17 6.81 4.65
N ALA D 178 -26.52 5.72 5.09
CA ALA D 178 -25.77 4.86 4.17
C ALA D 178 -26.72 4.24 3.19
N CYS D 179 -27.96 3.97 3.65
CA CYS D 179 -28.98 3.40 2.78
C CYS D 179 -29.29 4.36 1.63
N ASP D 180 -29.21 5.66 1.88
CA ASP D 180 -29.46 6.68 0.87
C ASP D 180 -28.26 6.80 -0.09
N SER D 181 -27.04 6.79 0.43
CA SER D 181 -25.89 6.91 -0.45
C SER D 181 -25.84 5.67 -1.39
N ALA D 182 -26.24 4.51 -0.88
CA ALA D 182 -26.28 3.30 -1.69
C ALA D 182 -27.29 3.46 -2.83
N GLU D 183 -28.41 4.13 -2.53
CA GLU D 183 -29.43 4.37 -3.54
C GLU D 183 -28.85 5.28 -4.64
N VAL D 184 -28.10 6.29 -4.25
CA VAL D 184 -27.53 7.21 -5.20
C VAL D 184 -26.47 6.47 -6.08
N LYS D 185 -25.71 5.56 -5.47
CA LYS D 185 -24.69 4.78 -6.18
C LYS D 185 -25.35 3.91 -7.24
N ALA D 186 -26.43 3.24 -6.84
CA ALA D 186 -27.17 2.37 -7.76
C ALA D 186 -27.79 3.17 -8.90
N TRP D 187 -28.28 4.38 -8.58
CA TRP D 187 -28.90 5.22 -9.58
C TRP D 187 -27.80 5.64 -10.58
N LEU D 188 -26.62 5.96 -10.06
CA LEU D 188 -25.51 6.39 -10.92
C LEU D 188 -24.97 5.28 -11.85
N GLU D 189 -25.13 4.02 -11.47
CA GLU D 189 -24.69 2.91 -12.30
C GLU D 189 -25.67 2.49 -13.41
N THR D 190 -26.89 3.03 -13.41
CA THR D 190 -27.87 2.71 -14.46
C THR D 190 -27.53 3.51 -15.70
N SER D 191 -27.92 2.99 -16.86
CA SER D 191 -27.62 3.71 -18.09
C SER D 191 -28.32 5.06 -18.14
N GLU D 192 -29.57 5.14 -17.70
CA GLU D 192 -30.27 6.42 -17.73
C GLU D 192 -29.63 7.45 -16.78
N GLY D 193 -29.27 7.01 -15.58
CA GLY D 193 -28.65 7.90 -14.61
C GLY D 193 -27.36 8.50 -15.14
N PHE D 194 -26.52 7.65 -15.72
CA PHE D 194 -25.25 8.09 -16.27
C PHE D 194 -25.47 9.07 -17.44
N ALA D 195 -26.44 8.74 -18.29
CA ALA D 195 -26.77 9.58 -19.44
C ALA D 195 -27.12 11.01 -19.01
N VAL D 196 -27.94 11.16 -17.97
CA VAL D 196 -28.29 12.50 -17.54
C VAL D 196 -27.09 13.23 -16.91
N ILE D 197 -26.34 12.54 -16.06
CA ILE D 197 -25.14 13.17 -15.48
C ILE D 197 -24.17 13.57 -16.60
N LYS D 198 -24.03 12.69 -17.61
CA LYS D 198 -23.16 12.96 -18.77
C LYS D 198 -23.67 14.17 -19.53
N GLU D 199 -24.98 14.21 -19.74
CA GLU D 199 -25.63 15.33 -20.44
C GLU D 199 -25.25 16.63 -19.75
N ALA D 200 -25.39 16.64 -18.42
CA ALA D 200 -25.08 17.83 -17.64
C ALA D 200 -23.58 18.19 -17.67
N PHE D 201 -22.74 17.17 -17.45
CA PHE D 201 -21.30 17.37 -17.46
C PHE D 201 -20.85 17.94 -18.80
N ASP D 202 -21.22 17.27 -19.89
CA ASP D 202 -20.79 17.71 -21.21
C ASP D 202 -21.34 19.02 -21.72
N SER D 203 -22.32 19.61 -21.04
CA SER D 203 -22.90 20.88 -21.49
C SER D 203 -22.05 22.09 -21.15
N THR D 204 -21.05 21.89 -20.31
CA THR D 204 -20.16 22.98 -19.85
C THR D 204 -19.01 23.34 -20.77
N SER D 205 -18.71 22.47 -21.72
CA SER D 205 -17.58 22.72 -22.60
C SER D 205 -17.63 21.85 -23.83
N ARG D 206 -17.04 22.35 -24.89
CA ARG D 206 -16.98 21.65 -26.16
C ARG D 206 -16.00 20.49 -26.04
N PHE D 207 -15.04 20.60 -25.12
CA PHE D 207 -14.05 19.54 -24.97
C PHE D 207 -14.36 18.53 -23.89
N ALA D 208 -15.24 18.88 -22.96
CA ALA D 208 -15.57 17.97 -21.87
C ALA D 208 -16.50 16.83 -22.24
N ARG D 209 -15.97 15.62 -22.31
CA ARG D 209 -16.78 14.46 -22.65
C ARG D 209 -16.58 13.38 -21.58
N LEU D 210 -17.60 13.20 -20.75
CA LEU D 210 -17.59 12.24 -19.64
C LEU D 210 -17.54 10.81 -20.14
N GLN D 211 -16.52 10.08 -19.69
CA GLN D 211 -16.35 8.69 -20.11
C GLN D 211 -17.05 7.69 -19.22
N LYS D 212 -16.77 7.74 -17.92
CA LYS D 212 -17.36 6.80 -16.98
C LYS D 212 -17.33 7.37 -15.58
N LEU D 213 -17.93 6.59 -14.68
CA LEU D 213 -18.03 6.98 -13.30
C LEU D 213 -17.61 5.83 -12.43
N HIS D 214 -16.73 6.09 -11.48
CA HIS D 214 -16.34 5.04 -10.55
C HIS D 214 -16.80 5.62 -9.21
N THR D 215 -17.66 4.89 -8.51
CA THR D 215 -18.13 5.39 -7.23
C THR D 215 -17.68 4.49 -6.10
N SER D 216 -17.52 5.10 -4.94
CA SER D 216 -17.13 4.37 -3.76
C SER D 216 -17.85 4.93 -2.52
N ILE D 217 -18.39 4.02 -1.71
CA ILE D 217 -19.11 4.39 -0.51
C ILE D 217 -18.30 4.18 0.76
N ALA D 218 -18.44 5.12 1.70
CA ALA D 218 -17.84 5.01 3.03
C ALA D 218 -18.99 5.46 3.94
N GLY D 219 -19.88 4.53 4.27
CA GLY D 219 -21.02 4.82 5.11
C GLY D 219 -21.97 5.73 4.35
N ARG D 220 -22.28 6.88 4.93
CA ARG D 220 -23.17 7.80 4.24
C ARG D 220 -22.45 8.73 3.25
N ASN D 221 -21.12 8.62 3.18
CA ASN D 221 -20.34 9.42 2.22
C ASN D 221 -20.33 8.67 0.89
N LEU D 222 -20.30 9.43 -0.20
CA LEU D 222 -20.21 8.82 -1.52
C LEU D 222 -19.16 9.60 -2.30
N TYR D 223 -18.12 8.90 -2.75
CA TYR D 223 -17.04 9.49 -3.53
C TYR D 223 -17.33 9.13 -4.99
N ILE D 224 -17.29 10.14 -5.85
CA ILE D 224 -17.60 9.93 -7.25
C ILE D 224 -16.44 10.43 -8.08
N ARG D 225 -15.85 9.50 -8.83
CA ARG D 225 -14.72 9.84 -9.68
C ARG D 225 -15.22 10.08 -11.11
N PHE D 226 -15.22 11.34 -11.52
CA PHE D 226 -15.63 11.73 -12.87
C PHE D 226 -14.36 11.69 -13.75
N GLN D 227 -14.48 11.10 -14.93
CA GLN D 227 -13.34 11.00 -15.84
C GLN D 227 -13.76 11.45 -17.24
N SER D 228 -12.95 12.32 -17.83
CA SER D 228 -13.26 12.86 -19.13
C SER D 228 -12.02 13.33 -19.88
N ARG D 229 -12.07 13.25 -21.20
CA ARG D 229 -10.97 13.76 -22.01
C ARG D 229 -11.13 15.27 -21.96
N SER D 230 -10.14 15.99 -22.44
CA SER D 230 -10.18 17.44 -22.38
C SER D 230 -9.36 18.08 -23.49
N GLY D 231 -9.46 17.54 -24.69
CA GLY D 231 -8.70 18.10 -25.81
C GLY D 231 -7.22 18.07 -25.49
N ASP D 232 -6.52 19.16 -25.77
CA ASP D 232 -5.09 19.21 -25.48
C ASP D 232 -4.74 19.81 -24.12
N ALA D 233 -5.76 20.16 -23.34
CA ALA D 233 -5.54 20.76 -22.02
C ALA D 233 -5.37 19.66 -20.96
N MET D 234 -4.60 19.96 -19.92
CA MET D 234 -4.38 19.02 -18.82
C MET D 234 -5.79 18.74 -18.29
N GLY D 235 -6.62 19.78 -18.29
CA GLY D 235 -8.01 19.61 -17.96
C GLY D 235 -8.63 19.72 -16.59
N MET D 236 -7.84 20.03 -15.56
CA MET D 236 -8.38 20.15 -14.22
C MET D 236 -9.52 21.15 -14.10
N ASN D 237 -9.34 22.36 -14.63
CA ASN D 237 -10.39 23.38 -14.57
C ASN D 237 -11.65 22.94 -15.29
N MET D 238 -11.48 22.46 -16.51
CA MET D 238 -12.59 21.99 -17.31
C MET D 238 -13.36 20.88 -16.61
N ILE D 239 -12.65 19.88 -16.08
CA ILE D 239 -13.30 18.77 -15.39
C ILE D 239 -14.03 19.24 -14.14
N SER D 240 -13.45 20.23 -13.45
CA SER D 240 -14.06 20.78 -12.23
C SER D 240 -15.39 21.45 -12.56
N LYS D 241 -15.42 22.23 -13.64
CA LYS D 241 -16.64 22.90 -14.09
C LYS D 241 -17.70 21.85 -14.38
N GLY D 242 -17.33 20.83 -15.16
CA GLY D 242 -18.26 19.78 -15.51
C GLY D 242 -18.78 19.05 -14.27
N THR D 243 -17.89 18.82 -13.31
CA THR D 243 -18.24 18.12 -12.08
C THR D 243 -19.27 18.93 -11.26
N GLU D 244 -19.05 20.24 -11.14
CA GLU D 244 -19.96 21.09 -10.38
C GLU D 244 -21.36 21.07 -10.98
N LYS D 245 -21.45 21.20 -12.30
CA LYS D 245 -22.76 21.17 -12.93
C LYS D 245 -23.42 19.80 -12.82
N ALA D 246 -22.62 18.74 -12.92
CA ALA D 246 -23.19 17.41 -12.82
C ALA D 246 -23.70 17.18 -11.40
N LEU D 247 -22.99 17.71 -10.42
CA LEU D 247 -23.41 17.55 -9.04
C LEU D 247 -24.72 18.33 -8.80
N SER D 248 -24.90 19.44 -9.49
CA SER D 248 -26.15 20.23 -9.37
C SER D 248 -27.29 19.37 -9.85
N LYS D 249 -27.11 18.78 -11.03
CA LYS D 249 -28.14 17.94 -11.60
C LYS D 249 -28.47 16.77 -10.68
N LEU D 250 -27.44 16.17 -10.11
CA LEU D 250 -27.63 15.05 -9.20
C LEU D 250 -28.45 15.50 -8.00
N HIS D 251 -28.19 16.73 -7.55
CA HIS D 251 -28.90 17.31 -6.41
C HIS D 251 -30.42 17.45 -6.65
N GLU D 252 -30.82 17.68 -7.91
CA GLU D 252 -32.23 17.81 -8.24
C GLU D 252 -32.91 16.46 -8.02
N TYR D 253 -32.18 15.37 -8.29
CA TYR D 253 -32.74 14.02 -8.09
C TYR D 253 -32.67 13.57 -6.63
N PHE D 254 -31.72 14.11 -5.88
CA PHE D 254 -31.54 13.75 -4.48
C PHE D 254 -31.30 15.01 -3.68
N PRO D 255 -32.39 15.77 -3.39
CA PRO D 255 -32.36 17.02 -2.64
C PRO D 255 -31.71 16.97 -1.28
N GLU D 256 -31.72 15.79 -0.65
CA GLU D 256 -31.09 15.65 0.67
C GLU D 256 -29.56 15.53 0.61
N MET D 257 -29.00 15.42 -0.59
CA MET D 257 -27.55 15.28 -0.76
C MET D 257 -26.79 16.57 -0.49
N GLN D 258 -25.74 16.46 0.31
CA GLN D 258 -24.90 17.58 0.64
C GLN D 258 -23.57 17.43 -0.10
N ILE D 259 -23.18 18.48 -0.80
CA ILE D 259 -21.92 18.50 -1.52
C ILE D 259 -20.87 18.99 -0.54
N LEU D 260 -20.13 18.04 0.03
CA LEU D 260 -19.12 18.39 1.01
C LEU D 260 -17.89 19.08 0.43
N ALA D 261 -17.37 18.57 -0.69
CA ALA D 261 -16.21 19.19 -1.32
C ALA D 261 -16.10 18.73 -2.76
N VAL D 262 -15.84 19.66 -3.68
CA VAL D 262 -15.71 19.34 -5.10
C VAL D 262 -14.55 18.34 -5.31
N SER D 263 -13.62 18.30 -4.37
CA SER D 263 -12.56 17.32 -4.38
C SER D 263 -12.51 16.64 -3.01
N GLY D 264 -12.87 15.36 -2.99
CA GLY D 264 -12.82 14.58 -1.77
C GLY D 264 -11.55 13.72 -1.76
N ASN D 265 -10.54 14.11 -2.54
CA ASN D 265 -9.25 13.39 -2.62
C ASN D 265 -9.35 12.02 -3.28
N TYR D 266 -10.44 11.82 -3.99
CA TYR D 266 -10.65 10.57 -4.68
C TYR D 266 -10.25 10.71 -6.17
N CYS D 267 -9.70 11.85 -6.57
CA CYS D 267 -9.33 12.09 -7.97
C CYS D 267 -8.25 11.12 -8.48
N THR D 268 -7.05 11.05 -7.89
CA THR D 268 -6.56 11.85 -6.77
C THR D 268 -5.51 12.78 -7.36
N ASP D 269 -5.60 14.06 -7.04
CA ASP D 269 -4.68 15.07 -7.58
C ASP D 269 -3.55 15.45 -6.63
N LYS D 270 -2.31 15.30 -7.11
CA LYS D 270 -1.10 15.66 -6.39
C LYS D 270 -0.79 14.99 -5.04
N LYS D 271 -1.38 13.83 -4.78
CA LYS D 271 -1.06 13.05 -3.58
C LYS D 271 -0.88 11.64 -4.10
N PRO D 272 0.03 10.87 -3.52
CA PRO D 272 0.19 9.48 -4.01
C PRO D 272 -1.10 8.68 -3.69
N ALA D 273 -1.57 7.88 -4.64
CA ALA D 273 -2.78 7.09 -4.39
C ALA D 273 -2.83 5.86 -5.31
N ALA D 274 -3.23 4.73 -4.75
CA ALA D 274 -3.33 3.51 -5.51
C ALA D 274 -4.37 3.61 -6.62
N ILE D 275 -5.39 4.45 -6.41
CA ILE D 275 -6.40 4.59 -7.44
C ILE D 275 -5.86 5.10 -8.77
N ASN D 276 -4.90 6.02 -8.74
CA ASN D 276 -4.34 6.52 -10.00
C ASN D 276 -3.49 5.43 -10.69
N TRP D 277 -2.82 4.63 -9.88
CA TRP D 277 -1.97 3.54 -10.36
C TRP D 277 -2.82 2.45 -11.03
N ILE D 278 -3.91 2.09 -10.37
CA ILE D 278 -4.79 1.06 -10.86
C ILE D 278 -5.79 1.46 -11.95
N GLU D 279 -6.32 2.68 -11.89
CA GLU D 279 -7.30 3.08 -12.89
C GLU D 279 -6.76 4.04 -13.92
N GLY D 280 -5.61 4.61 -13.64
CA GLY D 280 -5.03 5.59 -14.56
C GLY D 280 -5.60 6.95 -14.25
N ARG D 281 -4.93 7.99 -14.70
CA ARG D 281 -5.39 9.36 -14.55
C ARG D 281 -4.66 10.15 -15.60
N GLY D 282 -5.37 10.94 -16.39
CA GLY D 282 -4.73 11.66 -17.48
C GLY D 282 -4.41 10.61 -18.56
N LYS D 283 -3.15 10.55 -19.00
CA LYS D 283 -2.77 9.58 -20.02
C LYS D 283 -2.00 8.37 -19.51
N SER D 284 -2.44 7.18 -19.90
CA SER D 284 -1.73 5.95 -19.54
C SER D 284 -0.94 5.61 -20.82
N VAL D 285 0.35 5.38 -20.65
CA VAL D 285 1.23 5.15 -21.77
C VAL D 285 2.19 4.01 -21.52
N VAL D 286 2.58 3.33 -22.59
CA VAL D 286 3.55 2.24 -22.51
C VAL D 286 4.57 2.50 -23.63
N CYS D 287 5.83 2.25 -23.31
CA CYS D 287 6.91 2.45 -24.26
C CYS D 287 7.82 1.23 -24.21
N GLU D 288 8.49 0.92 -25.32
CA GLU D 288 9.39 -0.26 -25.38
C GLU D 288 10.49 -0.11 -26.42
N ALA D 289 11.55 -0.89 -26.25
CA ALA D 289 12.69 -0.88 -27.16
C ALA D 289 13.55 -2.12 -26.92
N VAL D 290 14.39 -2.45 -27.89
CA VAL D 290 15.29 -3.59 -27.76
C VAL D 290 16.67 -3.06 -28.03
N ILE D 291 17.57 -3.27 -27.10
CA ILE D 291 18.93 -2.78 -27.24
C ILE D 291 19.84 -3.96 -27.58
N PRO D 292 20.48 -3.93 -28.76
CA PRO D 292 21.40 -4.99 -29.21
C PRO D 292 22.51 -5.18 -28.20
N ALA D 293 22.89 -6.43 -27.97
CA ALA D 293 23.95 -6.77 -27.02
C ALA D 293 25.21 -5.90 -27.17
N LYS D 294 25.60 -5.65 -28.41
CA LYS D 294 26.77 -4.85 -28.72
C LYS D 294 26.61 -3.42 -28.17
N VAL D 295 25.44 -2.84 -28.39
CA VAL D 295 25.16 -1.50 -27.88
C VAL D 295 25.17 -1.46 -26.34
N VAL D 296 24.71 -2.53 -25.70
CA VAL D 296 24.70 -2.58 -24.24
C VAL D 296 26.13 -2.56 -23.72
N ARG D 297 27.02 -3.30 -24.40
CA ARG D 297 28.43 -3.35 -24.01
C ARG D 297 29.17 -2.06 -24.29
N GLU D 298 28.99 -1.53 -25.49
CA GLU D 298 29.70 -0.33 -25.92
C GLU D 298 29.21 1.04 -25.47
N VAL D 299 27.89 1.25 -25.51
CA VAL D 299 27.34 2.52 -25.10
C VAL D 299 27.03 2.54 -23.60
N LEU D 300 26.45 1.46 -23.10
CA LEU D 300 26.06 1.36 -21.70
C LEU D 300 27.09 0.76 -20.74
N LYS D 301 28.19 0.22 -21.29
CA LYS D 301 29.27 -0.35 -20.50
C LYS D 301 28.90 -1.47 -19.55
N THR D 302 28.01 -2.35 -19.97
CA THR D 302 27.58 -3.44 -19.09
C THR D 302 27.03 -4.56 -19.96
N THR D 303 26.35 -5.52 -19.33
CA THR D 303 25.75 -6.65 -20.05
C THR D 303 24.25 -6.68 -19.81
N THR D 304 23.55 -7.36 -20.71
CA THR D 304 22.12 -7.50 -20.61
C THR D 304 21.78 -8.25 -19.32
N GLU D 305 22.56 -9.27 -19.03
CA GLU D 305 22.34 -10.07 -17.82
C GLU D 305 22.47 -9.23 -16.54
N ALA D 306 23.47 -8.36 -16.47
CA ALA D 306 23.66 -7.53 -15.28
C ALA D 306 22.51 -6.53 -15.10
N MET D 307 22.07 -5.93 -16.20
CA MET D 307 20.96 -4.98 -16.23
C MET D 307 19.69 -5.64 -15.70
N ILE D 308 19.39 -6.82 -16.22
CA ILE D 308 18.21 -7.55 -15.81
C ILE D 308 18.21 -7.85 -14.34
N GLU D 309 19.36 -8.26 -13.83
CA GLU D 309 19.50 -8.60 -12.43
C GLU D 309 19.30 -7.37 -11.54
N VAL D 310 19.79 -6.23 -11.99
CA VAL D 310 19.63 -5.00 -11.23
C VAL D 310 18.18 -4.53 -11.26
N ASN D 311 17.54 -4.62 -12.42
CA ASN D 311 16.15 -4.20 -12.57
C ASN D 311 15.20 -5.00 -11.70
N ILE D 312 15.39 -6.32 -11.66
CA ILE D 312 14.52 -7.15 -10.85
C ILE D 312 14.69 -6.88 -9.36
N ASN D 313 15.94 -6.82 -8.92
CA ASN D 313 16.21 -6.67 -7.50
C ASN D 313 16.13 -5.26 -6.91
N LYS D 314 16.12 -4.26 -7.78
CA LYS D 314 16.01 -2.87 -7.37
C LYS D 314 14.59 -2.38 -7.63
N ASN D 315 14.20 -2.35 -8.89
CA ASN D 315 12.91 -1.84 -9.31
C ASN D 315 11.71 -2.69 -8.93
N LEU D 316 11.91 -3.99 -8.76
CA LEU D 316 10.81 -4.84 -8.36
C LEU D 316 10.90 -5.22 -6.90
N VAL D 317 11.93 -5.99 -6.53
CA VAL D 317 12.08 -6.44 -5.16
C VAL D 317 12.37 -5.32 -4.17
N GLY D 318 13.24 -4.40 -4.52
CA GLY D 318 13.55 -3.29 -3.62
C GLY D 318 12.34 -2.39 -3.35
N SER D 319 11.65 -2.02 -4.41
CA SER D 319 10.46 -1.20 -4.29
C SER D 319 9.40 -1.95 -3.49
N ALA D 320 9.29 -3.27 -3.67
CA ALA D 320 8.34 -4.07 -2.88
C ALA D 320 8.71 -4.03 -1.39
N MET D 321 9.99 -4.20 -1.07
CA MET D 321 10.44 -4.19 0.33
C MET D 321 10.23 -2.81 0.97
N ALA D 322 10.31 -1.75 0.18
CA ALA D 322 10.11 -0.41 0.66
C ALA D 322 8.63 -0.03 0.82
N GLY D 323 7.73 -0.91 0.40
CA GLY D 323 6.31 -0.64 0.48
C GLY D 323 5.86 0.40 -0.52
N SER D 324 6.33 0.29 -1.74
CA SER D 324 5.94 1.26 -2.77
C SER D 324 4.67 0.90 -3.53
N ILE D 325 3.88 1.91 -3.84
CA ILE D 325 2.70 1.70 -4.67
C ILE D 325 3.03 2.58 -5.87
N GLY D 326 3.29 1.95 -7.03
CA GLY D 326 3.60 2.75 -8.21
C GLY D 326 5.04 3.23 -8.43
N GLY D 327 5.95 2.92 -7.50
CA GLY D 327 7.32 3.39 -7.66
C GLY D 327 8.31 2.30 -8.07
N TYR D 328 7.95 1.53 -9.11
CA TYR D 328 8.79 0.40 -9.55
C TYR D 328 9.71 0.82 -10.72
N ASN D 329 10.50 1.84 -10.47
CA ASN D 329 11.37 2.41 -11.46
C ASN D 329 12.57 3.01 -10.72
N ALA D 330 13.56 3.46 -11.48
CA ALA D 330 14.75 3.99 -10.86
C ALA D 330 14.67 5.50 -10.61
N HIS D 331 14.32 6.25 -11.64
CA HIS D 331 14.22 7.69 -11.44
C HIS D 331 13.34 8.41 -12.43
N ALA D 332 12.18 7.83 -12.74
CA ALA D 332 11.24 8.48 -13.66
C ALA D 332 10.92 9.92 -13.24
N ALA D 333 10.82 10.17 -11.94
CA ALA D 333 10.50 11.55 -11.48
C ALA D 333 11.50 12.59 -11.97
N ASN D 334 12.77 12.21 -12.10
CA ASN D 334 13.80 13.13 -12.58
C ASN D 334 13.49 13.61 -13.97
N ILE D 335 13.10 12.68 -14.84
CA ILE D 335 12.80 13.04 -16.24
C ILE D 335 11.48 13.77 -16.36
N VAL D 336 10.46 13.27 -15.70
CA VAL D 336 9.15 13.92 -15.72
C VAL D 336 9.27 15.36 -15.25
N THR D 337 9.97 15.58 -14.14
CA THR D 337 10.10 16.92 -13.58
C THR D 337 10.83 17.88 -14.51
N ALA D 338 11.95 17.42 -15.08
CA ALA D 338 12.74 18.27 -15.98
C ALA D 338 11.94 18.68 -17.22
N ILE D 339 11.21 17.74 -17.80
CA ILE D 339 10.41 18.08 -18.96
C ILE D 339 9.21 18.96 -18.58
N TYR D 340 8.59 18.67 -17.43
CA TYR D 340 7.42 19.45 -16.98
C TYR D 340 7.78 20.92 -16.79
N ILE D 341 8.90 21.17 -16.15
CA ILE D 341 9.33 22.56 -15.92
C ILE D 341 9.66 23.27 -17.24
N ALA D 342 10.36 22.56 -18.13
CA ALA D 342 10.72 23.12 -19.42
C ALA D 342 9.49 23.42 -20.29
N CYS D 343 8.48 22.55 -20.22
CA CYS D 343 7.29 22.70 -21.03
C CYS D 343 6.07 23.36 -20.42
N GLY D 344 6.26 24.05 -19.28
CA GLY D 344 5.13 24.74 -18.66
C GLY D 344 4.03 23.88 -18.08
N GLN D 345 4.36 22.66 -17.66
CA GLN D 345 3.37 21.78 -17.03
C GLN D 345 3.32 22.14 -15.55
N ASP D 346 2.38 21.54 -14.86
CA ASP D 346 2.24 21.78 -13.42
C ASP D 346 3.23 20.80 -12.80
N ALA D 347 4.35 21.31 -12.31
CA ALA D 347 5.38 20.46 -11.73
C ALA D 347 4.96 19.70 -10.47
N ALA D 348 3.98 20.23 -9.74
CA ALA D 348 3.51 19.55 -8.53
C ALA D 348 2.89 18.21 -8.92
N GLN D 349 2.44 18.11 -10.17
CA GLN D 349 1.87 16.86 -10.65
C GLN D 349 2.88 15.73 -10.92
N ASN D 350 4.17 15.95 -10.66
CA ASN D 350 5.12 14.85 -10.82
C ASN D 350 4.84 13.78 -9.76
N VAL D 351 4.12 14.16 -8.71
CA VAL D 351 3.76 13.20 -7.67
C VAL D 351 3.09 11.98 -8.31
N GLY D 352 2.01 12.16 -9.04
CA GLY D 352 1.40 10.99 -9.67
C GLY D 352 1.87 10.70 -11.10
N SER D 353 2.30 11.73 -11.81
CA SER D 353 2.75 11.57 -13.17
C SER D 353 3.95 10.66 -13.33
N SER D 354 4.74 10.58 -12.27
CA SER D 354 5.94 9.78 -12.19
C SER D 354 5.71 8.29 -11.93
N ASN D 355 4.47 7.90 -11.65
CA ASN D 355 4.20 6.47 -11.42
C ASN D 355 4.74 5.71 -12.65
N CYS D 356 5.44 4.63 -12.41
CA CYS D 356 6.05 3.91 -13.50
C CYS D 356 6.61 2.58 -13.09
N ILE D 357 6.36 1.57 -13.93
CA ILE D 357 6.98 0.28 -13.72
C ILE D 357 7.92 -0.01 -14.92
N THR D 358 9.20 -0.15 -14.62
CA THR D 358 10.24 -0.42 -15.61
C THR D 358 10.54 -1.92 -15.62
N LEU D 359 10.43 -2.55 -16.79
CA LEU D 359 10.69 -3.97 -16.91
C LEU D 359 11.78 -4.26 -17.94
N MET D 360 12.62 -5.24 -17.64
CA MET D 360 13.72 -5.64 -18.53
C MET D 360 13.74 -7.14 -18.71
N GLU D 361 13.97 -7.56 -19.95
CA GLU D 361 14.01 -8.97 -20.33
C GLU D 361 15.14 -9.29 -21.33
N ALA D 362 15.58 -10.56 -21.32
CA ALA D 362 16.57 -11.05 -22.28
C ALA D 362 15.79 -11.25 -23.58
N SER D 363 16.36 -10.80 -24.69
CA SER D 363 15.71 -10.89 -25.99
C SER D 363 16.69 -11.38 -27.08
N GLY D 364 16.16 -11.65 -28.27
CA GLY D 364 16.97 -12.09 -29.39
C GLY D 364 17.25 -13.59 -29.51
N PRO D 365 17.95 -14.00 -30.59
CA PRO D 365 18.32 -15.39 -30.89
C PRO D 365 19.28 -15.95 -29.83
N THR D 366 20.29 -15.15 -29.49
CA THR D 366 21.27 -15.53 -28.48
C THR D 366 20.78 -15.17 -27.06
N ASN D 367 19.64 -14.49 -26.98
CA ASN D 367 19.07 -14.08 -25.70
C ASN D 367 20.06 -13.14 -25.00
N GLU D 368 20.78 -12.36 -25.80
CA GLU D 368 21.76 -11.43 -25.26
C GLU D 368 21.36 -9.98 -25.46
N ASP D 369 20.28 -9.74 -26.19
CA ASP D 369 19.81 -8.37 -26.40
C ASP D 369 18.84 -7.97 -25.25
N LEU D 370 18.87 -6.69 -24.90
CA LEU D 370 18.04 -6.16 -23.82
C LEU D 370 16.68 -5.62 -24.24
N TYR D 371 15.63 -6.30 -23.81
CA TYR D 371 14.30 -5.78 -24.08
C TYR D 371 13.93 -4.91 -22.87
N ILE D 372 13.47 -3.70 -23.11
CA ILE D 372 13.05 -2.84 -22.02
C ILE D 372 11.70 -2.19 -22.30
N SER D 373 10.90 -2.04 -21.25
CA SER D 373 9.60 -1.34 -21.35
C SER D 373 9.34 -0.49 -20.10
N CYS D 374 8.62 0.61 -20.30
CA CYS D 374 8.22 1.51 -19.22
C CYS D 374 6.72 1.74 -19.42
N THR D 375 5.95 1.54 -18.35
CA THR D 375 4.51 1.70 -18.37
C THR D 375 4.16 2.77 -17.32
N MET D 376 3.53 3.85 -17.79
CA MET D 376 3.17 5.00 -16.97
C MET D 376 1.67 5.23 -17.11
N PRO D 377 0.92 4.76 -16.12
CA PRO D 377 -0.54 4.88 -16.12
C PRO D 377 -1.19 6.20 -15.79
N SER D 378 -0.41 7.16 -15.34
CA SER D 378 -1.00 8.43 -14.94
C SER D 378 -0.22 9.70 -15.21
N ILE D 379 0.07 9.94 -16.49
CA ILE D 379 0.76 11.15 -16.90
C ILE D 379 -0.28 12.28 -17.06
N GLU D 380 -0.21 13.29 -16.19
CA GLU D 380 -1.13 14.43 -16.21
C GLU D 380 -0.38 15.51 -17.00
N ILE D 381 -0.89 15.81 -18.19
CA ILE D 381 -0.17 16.69 -19.09
C ILE D 381 -1.08 17.46 -20.03
N GLY D 382 -0.56 18.57 -20.54
CA GLY D 382 -1.34 19.38 -21.46
C GLY D 382 -0.45 20.30 -22.30
N THR D 383 -0.95 20.75 -23.44
CA THR D 383 -0.15 21.63 -24.30
C THR D 383 -0.85 22.97 -24.53
N VAL D 384 -1.96 23.19 -23.82
CA VAL D 384 -2.75 24.41 -23.89
C VAL D 384 -3.10 24.76 -22.44
N GLY D 385 -3.07 26.05 -22.10
CA GLY D 385 -3.42 26.49 -20.75
C GLY D 385 -2.29 26.48 -19.73
N GLY D 386 -2.54 27.15 -18.61
CA GLY D 386 -1.56 27.24 -17.54
C GLY D 386 -0.24 27.85 -17.99
N GLY D 387 0.84 27.24 -17.54
CA GLY D 387 2.18 27.72 -17.90
C GLY D 387 2.51 27.53 -19.37
N THR D 388 1.71 26.76 -20.11
CA THR D 388 1.97 26.57 -21.52
C THR D 388 1.58 27.82 -22.30
N ASN D 389 0.91 28.76 -21.63
CA ASN D 389 0.51 30.00 -22.27
C ASN D 389 1.67 31.00 -22.34
N LEU D 390 2.75 30.75 -21.60
CA LEU D 390 3.92 31.62 -21.59
C LEU D 390 4.85 31.30 -22.77
N LEU D 391 5.47 32.33 -23.33
CA LEU D 391 6.34 32.17 -24.50
C LEU D 391 7.55 31.27 -24.37
N PRO D 392 8.35 31.44 -23.31
CA PRO D 392 9.53 30.57 -23.20
C PRO D 392 9.14 29.08 -23.15
N GLN D 393 8.09 28.74 -22.41
CA GLN D 393 7.72 27.34 -22.38
C GLN D 393 7.06 26.88 -23.68
N GLN D 394 6.41 27.80 -24.39
CA GLN D 394 5.80 27.48 -25.68
C GLN D 394 6.95 27.13 -26.64
N ALA D 395 8.10 27.75 -26.44
CA ALA D 395 9.26 27.49 -27.26
C ALA D 395 9.74 26.05 -27.11
N CYS D 396 9.70 25.54 -25.88
CA CYS D 396 10.10 24.17 -25.63
C CYS D 396 9.10 23.19 -26.21
N LEU D 397 7.82 23.55 -26.15
CA LEU D 397 6.78 22.71 -26.73
C LEU D 397 6.89 22.69 -28.28
N GLN D 398 7.25 23.84 -28.87
CA GLN D 398 7.41 23.96 -30.33
C GLN D 398 8.56 23.09 -30.78
N MET D 399 9.60 23.05 -29.95
CA MET D 399 10.78 22.24 -30.20
C MET D 399 10.37 20.78 -30.41
N LEU D 400 9.31 20.37 -29.71
CA LEU D 400 8.81 19.01 -29.79
C LEU D 400 7.68 18.90 -30.81
N GLY D 401 7.25 20.03 -31.35
CA GLY D 401 6.16 20.05 -32.31
C GLY D 401 4.79 19.81 -31.72
N VAL D 402 4.61 20.15 -30.45
CA VAL D 402 3.32 19.91 -29.79
C VAL D 402 2.71 21.12 -29.11
N GLN D 403 3.14 22.33 -29.48
CA GLN D 403 2.61 23.51 -28.84
C GLN D 403 1.16 23.83 -29.19
N GLY D 404 0.38 24.15 -28.16
CA GLY D 404 -1.00 24.51 -28.37
C GLY D 404 -1.93 23.40 -28.80
N ALA D 405 -3.12 23.80 -29.21
CA ALA D 405 -4.14 22.87 -29.62
C ALA D 405 -3.85 22.24 -30.94
N CYS D 406 -4.21 20.97 -31.06
CA CYS D 406 -4.06 20.29 -32.33
C CYS D 406 -5.46 20.51 -32.90
N LYS D 407 -5.57 21.48 -33.78
CA LYS D 407 -6.87 21.83 -34.35
C LYS D 407 -7.62 20.68 -35.03
N ASP D 408 -6.92 19.88 -35.84
CA ASP D 408 -7.60 18.78 -36.54
C ASP D 408 -8.11 17.66 -35.65
N ASN D 409 -7.31 17.22 -34.68
CA ASN D 409 -7.70 16.17 -33.72
C ASN D 409 -7.26 16.61 -32.33
N PRO D 410 -8.17 17.26 -31.59
CA PRO D 410 -7.88 17.74 -30.24
C PRO D 410 -7.39 16.60 -29.36
N GLY D 411 -6.35 16.88 -28.59
CA GLY D 411 -5.79 15.86 -27.72
C GLY D 411 -4.51 15.25 -28.29
N GLU D 412 -4.34 15.33 -29.61
CA GLU D 412 -3.18 14.74 -30.27
C GLU D 412 -1.85 15.31 -29.83
N ASN D 413 -1.79 16.63 -29.61
CA ASN D 413 -0.55 17.25 -29.16
C ASN D 413 -0.22 16.78 -27.74
N ALA D 414 -1.25 16.71 -26.89
CA ALA D 414 -1.06 16.27 -25.51
C ALA D 414 -0.71 14.78 -25.48
N ARG D 415 -1.34 13.99 -26.33
CA ARG D 415 -1.01 12.56 -26.38
C ARG D 415 0.44 12.39 -26.86
N GLN D 416 0.84 13.18 -27.86
CA GLN D 416 2.19 13.08 -28.39
C GLN D 416 3.20 13.45 -27.26
N LEU D 417 2.89 14.51 -26.52
CA LEU D 417 3.78 14.90 -25.43
C LEU D 417 3.91 13.80 -24.36
N ALA D 418 2.79 13.14 -24.04
CA ALA D 418 2.83 12.05 -23.06
C ALA D 418 3.73 10.89 -23.56
N ARG D 419 3.64 10.58 -24.86
CA ARG D 419 4.50 9.52 -25.43
C ARG D 419 5.96 9.91 -25.30
N ILE D 420 6.25 11.17 -25.59
CA ILE D 420 7.61 11.69 -25.50
C ILE D 420 8.15 11.57 -24.08
N VAL D 421 7.31 11.90 -23.10
CA VAL D 421 7.72 11.78 -21.70
C VAL D 421 8.04 10.31 -21.35
N CYS D 422 7.17 9.40 -21.75
CA CYS D 422 7.38 8.00 -21.45
C CYS D 422 8.67 7.47 -22.12
N GLY D 423 8.88 7.91 -23.36
CA GLY D 423 10.07 7.49 -24.09
C GLY D 423 11.33 8.04 -23.45
N THR D 424 11.30 9.31 -23.04
CA THR D 424 12.47 9.91 -22.39
C THR D 424 12.73 9.25 -21.03
N VAL D 425 11.66 8.91 -20.29
CA VAL D 425 11.81 8.22 -19.01
C VAL D 425 12.53 6.87 -19.26
N MET D 426 12.12 6.17 -20.33
CA MET D 426 12.76 4.89 -20.65
C MET D 426 14.26 5.10 -20.99
N ALA D 427 14.58 6.17 -21.70
CA ALA D 427 15.98 6.46 -22.00
C ALA D 427 16.74 6.71 -20.68
N GLY D 428 16.11 7.47 -19.78
CA GLY D 428 16.75 7.75 -18.49
C GLY D 428 16.92 6.51 -17.64
N GLU D 429 15.91 5.62 -17.67
CA GLU D 429 15.96 4.37 -16.90
C GLU D 429 17.08 3.49 -17.43
N LEU D 430 17.19 3.40 -18.75
CA LEU D 430 18.24 2.61 -19.40
C LEU D 430 19.63 3.04 -18.93
N SER D 431 19.92 4.33 -19.05
CA SER D 431 21.22 4.84 -18.68
C SER D 431 21.58 4.72 -17.22
N LEU D 432 20.67 5.12 -16.32
CA LEU D 432 20.97 5.00 -14.90
C LEU D 432 21.09 3.55 -14.45
N MET D 433 20.23 2.67 -14.94
CA MET D 433 20.34 1.28 -14.54
C MET D 433 21.71 0.69 -15.00
N ALA D 434 22.15 1.07 -16.19
CA ALA D 434 23.45 0.60 -16.71
C ALA D 434 24.56 1.07 -15.77
N ALA D 435 24.47 2.32 -15.35
CA ALA D 435 25.46 2.87 -14.44
C ALA D 435 25.46 2.17 -13.09
N LEU D 436 24.28 1.77 -12.61
CA LEU D 436 24.18 1.06 -11.32
C LEU D 436 24.65 -0.36 -11.47
N ALA D 437 24.44 -0.93 -12.64
CA ALA D 437 24.84 -2.30 -12.91
C ALA D 437 26.37 -2.38 -13.07
N ALA D 438 26.96 -1.38 -13.73
CA ALA D 438 28.41 -1.33 -13.93
C ALA D 438 29.07 -1.06 -12.58
N GLY D 439 28.57 -0.07 -11.87
CA GLY D 439 29.09 0.25 -10.54
C GLY D 439 30.39 1.05 -10.45
#